data_6OZ7
#
_entry.id   6OZ7
#
_cell.length_a   54.819
_cell.length_b   72.210
_cell.length_c   119.945
_cell.angle_alpha   82.590
_cell.angle_beta   87.030
_cell.angle_gamma   67.820
#
_symmetry.space_group_name_H-M   'P 1'
#
loop_
_entity.id
_entity.type
_entity.pdbx_description
1 polymer 'Uncharacterized oxidoreductase YohF'
2 non-polymer 'CALCIUM ION'
3 non-polymer 'TRIETHYLENE GLYCOL'
4 non-polymer 1,2-ETHANEDIOL
5 water water
#
_entity_poly.entity_id   1
_entity_poly.type   'polypeptide(L)'
_entity_poly.pdbx_seq_one_letter_code
;SNAQVAIITASDSGIGKECALLLAQQGFDIGITWHSDEEGAKDTAREVVSHGVRAEIVQLDLGNLPEGALALEKLIQRLG
RIDVLVNNAGAMTKAPFLDMAFDEWRKIFTVDVDGAFLCSQIAARQMVKQGQGGRIINITSVHEHTPLPDASAYTAAKHA
LGGLTKAMALELVRHKILVNAVAPGAIATPMNGMDDSDVKPDAEPSIPLRRFGATHEIASLVVWLCSEGANYTTGQSLIV
DGGFMLANPQFNPE
;
_entity_poly.pdbx_strand_id   A,B,C,D,E,F,G,H
#
# COMPACT_ATOMS: atom_id res chain seq x y z
N ALA A 3 43.18 -28.21 -15.36
CA ALA A 3 42.71 -27.43 -16.55
C ALA A 3 41.18 -27.41 -16.56
N GLN A 4 40.60 -26.47 -17.28
CA GLN A 4 39.20 -26.59 -17.73
C GLN A 4 39.13 -27.80 -18.68
N VAL A 5 37.95 -28.40 -18.81
CA VAL A 5 37.72 -29.58 -19.70
C VAL A 5 36.65 -29.21 -20.73
N ALA A 6 36.96 -29.39 -21.99
CA ALA A 6 35.97 -29.27 -23.07
C ALA A 6 35.74 -30.64 -23.72
N ILE A 7 34.47 -30.96 -23.97
CA ILE A 7 34.11 -32.21 -24.68
C ILE A 7 33.39 -31.84 -25.96
N ILE A 8 33.88 -32.39 -27.07
CA ILE A 8 33.27 -32.22 -28.42
CA ILE A 8 33.27 -32.21 -28.42
C ILE A 8 32.56 -33.52 -28.77
N THR A 9 31.24 -33.44 -28.89
CA THR A 9 30.44 -34.65 -29.24
C THR A 9 30.24 -34.73 -30.73
N ALA A 10 30.19 -35.95 -31.23
CA ALA A 10 29.94 -36.28 -32.66
C ALA A 10 30.99 -35.54 -33.49
N SER A 11 32.21 -35.63 -33.02
CA SER A 11 33.33 -34.93 -33.69
C SER A 11 33.55 -35.52 -35.08
N ASP A 12 34.11 -34.71 -35.95
CA ASP A 12 34.42 -35.04 -37.35
C ASP A 12 35.77 -34.41 -37.66
N SER A 13 36.23 -34.52 -38.89
CA SER A 13 37.52 -33.99 -39.38
C SER A 13 37.45 -32.50 -39.71
N GLY A 14 36.27 -31.89 -39.57
CA GLY A 14 36.02 -30.47 -39.93
C GLY A 14 35.89 -29.56 -38.73
N ILE A 15 34.69 -29.04 -38.53
CA ILE A 15 34.39 -28.11 -37.43
C ILE A 15 34.73 -28.76 -36.09
N GLY A 16 34.33 -30.01 -35.88
CA GLY A 16 34.56 -30.61 -34.55
C GLY A 16 36.02 -30.75 -34.24
N LYS A 17 36.80 -31.26 -35.19
CA LYS A 17 38.26 -31.37 -35.01
C LYS A 17 38.85 -29.98 -34.76
N GLU A 18 38.45 -28.97 -35.54
CA GLU A 18 39.06 -27.62 -35.39
CA GLU A 18 39.06 -27.62 -35.39
C GLU A 18 38.72 -27.06 -34.01
N CYS A 19 37.51 -27.30 -33.52
CA CYS A 19 37.19 -26.86 -32.14
C CYS A 19 38.12 -27.53 -31.12
N ALA A 20 38.27 -28.86 -31.23
CA ALA A 20 39.14 -29.65 -30.33
C ALA A 20 40.54 -29.02 -30.31
N LEU A 21 41.08 -28.75 -31.49
CA LEU A 21 42.50 -28.31 -31.57
C LEU A 21 42.64 -26.89 -31.05
N LEU A 22 41.73 -25.99 -31.40
CA LEU A 22 41.87 -24.59 -30.93
C LEU A 22 41.66 -24.56 -29.42
N LEU A 23 40.76 -25.39 -28.87
CA LEU A 23 40.58 -25.41 -27.40
C LEU A 23 41.77 -26.06 -26.73
N ALA A 24 42.35 -27.10 -27.33
CA ALA A 24 43.58 -27.72 -26.75
C ALA A 24 44.70 -26.68 -26.70
N GLN A 25 44.82 -25.87 -27.75
CA GLN A 25 45.83 -24.80 -27.82
C GLN A 25 45.57 -23.73 -26.76
N GLN A 26 44.32 -23.53 -26.35
CA GLN A 26 43.96 -22.61 -25.25
C GLN A 26 44.17 -23.26 -23.89
N GLY A 27 44.59 -24.53 -23.83
CA GLY A 27 44.90 -25.21 -22.56
C GLY A 27 43.76 -26.02 -21.99
N PHE A 28 42.68 -26.21 -22.72
CA PHE A 28 41.63 -27.15 -22.25
C PHE A 28 42.11 -28.60 -22.43
N ASP A 29 41.84 -29.45 -21.44
CA ASP A 29 41.84 -30.90 -21.66
C ASP A 29 40.60 -31.23 -22.50
N ILE A 30 40.71 -32.21 -23.40
CA ILE A 30 39.67 -32.48 -24.43
C ILE A 30 39.15 -33.90 -24.29
N GLY A 31 37.84 -34.00 -24.35
CA GLY A 31 37.15 -35.24 -24.65
C GLY A 31 36.51 -35.20 -26.01
N ILE A 32 36.50 -36.36 -26.64
CA ILE A 32 35.89 -36.56 -27.97
C ILE A 32 34.97 -37.77 -27.88
N THR A 33 33.75 -37.63 -28.38
CA THR A 33 32.89 -38.78 -28.65
C THR A 33 32.86 -39.02 -30.14
N TRP A 34 32.77 -40.30 -30.52
CA TRP A 34 32.63 -40.72 -31.94
C TRP A 34 31.46 -41.70 -32.09
N HIS A 35 30.76 -41.59 -33.23
CA HIS A 35 29.69 -42.57 -33.62
CA HIS A 35 29.59 -42.34 -33.74
C HIS A 35 30.25 -43.89 -34.22
C HIS A 35 29.99 -42.81 -35.13
N SER A 36 31.02 -43.83 -35.32
N SER A 36 30.54 -41.87 -35.93
CA SER A 36 31.55 -45.00 -36.09
CA SER A 36 31.29 -42.12 -37.18
C SER A 36 33.04 -44.83 -36.47
C SER A 36 32.80 -42.01 -36.91
N ASP A 37 33.53 -43.60 -36.52
N ASP A 37 33.53 -43.14 -36.90
CA ASP A 37 34.85 -43.24 -37.11
CA ASP A 37 34.99 -43.21 -37.24
C ASP A 37 35.88 -43.16 -35.98
N GLU A 38 36.23 -44.32 -35.42
CA GLU A 38 37.18 -44.40 -34.28
C GLU A 38 38.54 -43.83 -34.72
N GLU A 39 39.05 -44.20 -35.90
CA GLU A 39 40.41 -43.74 -36.33
C GLU A 39 40.46 -42.20 -36.43
N GLY A 40 39.41 -41.57 -36.93
CA GLY A 40 39.35 -40.09 -37.02
C GLY A 40 39.41 -39.44 -35.64
N ALA A 41 38.74 -40.03 -34.64
CA ALA A 41 38.75 -39.58 -33.24
C ALA A 41 40.17 -39.79 -32.66
N LYS A 42 40.77 -40.96 -32.86
CA LYS A 42 42.15 -41.24 -32.40
C LYS A 42 43.13 -40.25 -33.05
N ASP A 43 42.95 -39.94 -34.34
CA ASP A 43 43.76 -38.98 -35.13
C ASP A 43 43.68 -37.62 -34.43
N THR A 44 42.47 -37.14 -34.15
CA THR A 44 42.31 -35.83 -33.48
C THR A 44 42.97 -35.89 -32.11
N ALA A 45 42.73 -36.97 -31.35
CA ALA A 45 43.30 -37.10 -29.99
C ALA A 45 44.83 -36.97 -30.03
N ARG A 46 45.49 -37.57 -31.01
CA ARG A 46 46.97 -37.44 -31.10
C ARG A 46 47.36 -35.97 -31.32
N GLU A 47 46.64 -35.26 -32.18
CA GLU A 47 46.92 -33.84 -32.44
C GLU A 47 46.67 -33.02 -31.18
N VAL A 48 45.63 -33.37 -30.43
CA VAL A 48 45.35 -32.66 -29.14
C VAL A 48 46.52 -32.86 -28.19
N VAL A 49 46.99 -34.09 -28.06
CA VAL A 49 48.09 -34.45 -27.12
C VAL A 49 49.34 -33.66 -27.50
N SER A 50 49.53 -33.35 -28.78
CA SER A 50 50.71 -32.55 -29.24
CA SER A 50 50.72 -32.57 -29.22
C SER A 50 50.68 -31.14 -28.64
N HIS A 51 49.52 -30.65 -28.19
CA HIS A 51 49.43 -29.31 -27.53
C HIS A 51 49.75 -29.39 -26.04
N GLY A 52 49.98 -30.58 -25.47
CA GLY A 52 50.39 -30.77 -24.07
C GLY A 52 49.21 -30.82 -23.12
N VAL A 53 48.03 -31.08 -23.64
CA VAL A 53 46.82 -31.30 -22.81
C VAL A 53 46.45 -32.78 -22.91
N ARG A 54 45.52 -33.19 -22.08
CA ARG A 54 44.96 -34.56 -22.12
C ARG A 54 43.95 -34.65 -23.25
N ALA A 55 43.89 -35.81 -23.86
CA ALA A 55 42.83 -36.20 -24.79
C ALA A 55 42.28 -37.54 -24.33
N GLU A 56 40.96 -37.61 -24.19
CA GLU A 56 40.24 -38.89 -23.92
C GLU A 56 39.11 -39.02 -24.95
N ILE A 57 38.96 -40.20 -25.51
CA ILE A 57 37.86 -40.50 -26.47
C ILE A 57 36.98 -41.62 -25.94
N VAL A 58 35.75 -41.63 -26.40
CA VAL A 58 34.81 -42.75 -26.17
C VAL A 58 33.86 -42.85 -27.37
N GLN A 59 33.40 -44.07 -27.67
CA GLN A 59 32.30 -44.27 -28.64
C GLN A 59 31.01 -43.81 -27.98
N LEU A 60 30.25 -42.96 -28.65
CA LEU A 60 28.85 -42.67 -28.25
C LEU A 60 27.96 -43.01 -29.43
N ASP A 61 27.35 -44.19 -29.35
CA ASP A 61 26.60 -44.81 -30.48
C ASP A 61 25.19 -44.23 -30.54
N LEU A 62 24.96 -43.40 -31.54
CA LEU A 62 23.66 -42.72 -31.78
C LEU A 62 22.63 -43.72 -32.31
N GLY A 63 23.08 -44.95 -32.63
CA GLY A 63 22.20 -46.07 -32.99
C GLY A 63 21.65 -46.80 -31.77
N ASN A 64 22.09 -46.44 -30.56
CA ASN A 64 21.73 -47.18 -29.32
C ASN A 64 21.31 -46.20 -28.21
N LEU A 65 20.54 -45.18 -28.56
CA LEU A 65 20.03 -44.19 -27.57
C LEU A 65 18.81 -44.77 -26.89
N PRO A 66 18.55 -44.43 -25.60
CA PRO A 66 19.40 -43.55 -24.79
C PRO A 66 20.60 -44.17 -24.06
N GLU A 67 20.67 -45.50 -23.95
CA GLU A 67 21.74 -46.17 -23.16
C GLU A 67 23.11 -45.73 -23.70
N GLY A 68 23.25 -45.59 -25.02
CA GLY A 68 24.54 -45.27 -25.67
C GLY A 68 25.13 -43.98 -25.11
N ALA A 69 24.28 -43.06 -24.67
CA ALA A 69 24.76 -41.75 -24.21
C ALA A 69 25.50 -41.83 -22.86
N LEU A 70 25.34 -42.92 -22.10
CA LEU A 70 26.01 -43.09 -20.80
C LEU A 70 27.54 -43.10 -21.01
N ALA A 71 28.03 -43.34 -22.23
CA ALA A 71 29.47 -43.20 -22.57
C ALA A 71 29.99 -41.82 -22.18
N LEU A 72 29.17 -40.78 -22.33
CA LEU A 72 29.64 -39.42 -21.96
C LEU A 72 29.90 -39.36 -20.46
N GLU A 73 29.06 -40.02 -19.64
CA GLU A 73 29.32 -40.05 -18.17
C GLU A 73 30.71 -40.63 -17.90
N LYS A 74 31.02 -41.74 -18.57
CA LYS A 74 32.32 -42.42 -18.37
C LYS A 74 33.43 -41.47 -18.81
N LEU A 75 33.23 -40.75 -19.92
CA LEU A 75 34.28 -39.84 -20.43
C LEU A 75 34.51 -38.68 -19.45
N ILE A 76 33.44 -38.12 -18.88
CA ILE A 76 33.56 -37.05 -17.86
C ILE A 76 34.30 -37.60 -16.65
N GLN A 77 33.99 -38.82 -16.21
CA GLN A 77 34.65 -39.46 -15.03
CA GLN A 77 34.65 -39.43 -15.02
C GLN A 77 36.16 -39.52 -15.29
N ARG A 78 36.54 -39.92 -16.50
CA ARG A 78 37.97 -40.07 -16.88
C ARG A 78 38.69 -38.72 -16.88
N LEU A 79 38.02 -37.65 -17.31
CA LEU A 79 38.66 -36.32 -17.41
C LEU A 79 38.56 -35.59 -16.07
N GLY A 80 37.61 -35.97 -15.22
CA GLY A 80 37.50 -35.46 -13.84
C GLY A 80 36.45 -34.38 -13.66
N ARG A 81 35.99 -33.76 -14.75
CA ARG A 81 35.10 -32.58 -14.71
C ARG A 81 34.67 -32.27 -16.13
N ILE A 82 33.72 -31.37 -16.25
CA ILE A 82 33.42 -30.73 -17.55
C ILE A 82 33.11 -29.25 -17.35
N ASP A 83 33.67 -28.40 -18.23
CA ASP A 83 33.39 -26.95 -18.21
C ASP A 83 32.67 -26.52 -19.49
N VAL A 84 32.93 -27.23 -20.61
CA VAL A 84 32.42 -26.87 -21.96
C VAL A 84 31.94 -28.14 -22.64
N LEU A 85 30.73 -28.09 -23.17
CA LEU A 85 30.26 -29.12 -24.11
C LEU A 85 30.01 -28.44 -25.45
N VAL A 86 30.59 -28.97 -26.50
CA VAL A 86 30.33 -28.55 -27.90
C VAL A 86 29.65 -29.72 -28.59
N ASN A 87 28.39 -29.54 -28.96
CA ASN A 87 27.62 -30.56 -29.70
C ASN A 87 27.82 -30.27 -31.19
N ASN A 88 28.70 -31.03 -31.79
CA ASN A 88 29.06 -30.84 -33.21
C ASN A 88 27.93 -31.39 -34.08
N ALA A 89 27.77 -30.83 -35.26
CA ALA A 89 26.75 -31.27 -36.25
C ALA A 89 27.36 -32.29 -37.22
N GLY A 90 26.63 -33.37 -37.41
CA GLY A 90 26.96 -34.40 -38.41
C GLY A 90 26.63 -33.95 -39.83
N ALA A 91 26.90 -34.83 -40.76
CA ALA A 91 26.65 -34.57 -42.19
C ALA A 91 25.16 -34.35 -42.41
N MET A 92 24.87 -33.52 -43.40
CA MET A 92 23.50 -33.24 -43.84
C MET A 92 23.00 -34.46 -44.63
N THR A 93 21.84 -34.97 -44.22
CA THR A 93 21.10 -36.03 -44.91
C THR A 93 19.91 -35.35 -45.60
N LYS A 94 19.81 -35.49 -46.91
CA LYS A 94 18.68 -35.04 -47.74
C LYS A 94 17.76 -36.23 -48.11
N ALA A 95 16.49 -35.92 -48.29
CA ALA A 95 15.48 -36.86 -48.78
C ALA A 95 14.27 -36.04 -49.19
N PRO A 96 13.68 -36.33 -50.35
CA PRO A 96 12.51 -35.58 -50.78
C PRO A 96 11.36 -35.78 -49.79
N PHE A 97 10.69 -34.68 -49.50
CA PHE A 97 9.60 -34.66 -48.50
C PHE A 97 8.52 -35.66 -48.87
N LEU A 98 8.07 -35.68 -50.12
CA LEU A 98 6.88 -36.49 -50.48
C LEU A 98 7.18 -37.99 -50.31
N ASP A 99 8.44 -38.42 -50.45
CA ASP A 99 8.82 -39.86 -50.51
C ASP A 99 9.47 -40.35 -49.20
N MET A 100 9.84 -39.45 -48.30
CA MET A 100 10.70 -39.78 -47.15
C MET A 100 10.03 -40.85 -46.27
N ALA A 101 10.73 -41.95 -46.03
CA ALA A 101 10.28 -43.01 -45.11
C ALA A 101 10.27 -42.48 -43.68
N PHE A 102 9.33 -42.95 -42.88
CA PHE A 102 9.26 -42.51 -41.48
C PHE A 102 10.57 -42.83 -40.75
N ASP A 103 11.18 -43.99 -41.00
CA ASP A 103 12.41 -44.36 -40.25
CA ASP A 103 12.42 -44.39 -40.30
C ASP A 103 13.52 -43.37 -40.61
N GLU A 104 13.52 -42.83 -41.83
CA GLU A 104 14.56 -41.85 -42.24
CA GLU A 104 14.50 -41.82 -42.34
C GLU A 104 14.30 -40.52 -41.54
N TRP A 105 13.08 -40.05 -41.49
CA TRP A 105 12.69 -38.88 -40.67
C TRP A 105 13.19 -39.07 -39.23
N ARG A 106 12.84 -40.19 -38.62
CA ARG A 106 13.20 -40.47 -37.21
C ARG A 106 14.72 -40.52 -37.05
N LYS A 107 15.44 -41.17 -37.98
CA LYS A 107 16.91 -41.28 -37.89
C LYS A 107 17.54 -39.88 -37.89
N ILE A 108 17.06 -38.96 -38.71
CA ILE A 108 17.64 -37.59 -38.74
C ILE A 108 17.42 -36.91 -37.39
N PHE A 109 16.26 -37.08 -36.77
CA PHE A 109 16.05 -36.46 -35.42
C PHE A 109 16.95 -37.16 -34.39
N THR A 110 17.10 -38.48 -34.52
CA THR A 110 17.92 -39.24 -33.54
C THR A 110 19.35 -38.69 -33.56
N VAL A 111 19.91 -38.55 -34.75
N VAL A 111 19.90 -38.57 -34.77
CA VAL A 111 21.35 -38.17 -34.87
CA VAL A 111 21.32 -38.17 -34.97
C VAL A 111 21.51 -36.67 -34.69
C VAL A 111 21.49 -36.69 -34.70
N ASP A 112 20.56 -35.85 -35.17
CA ASP A 112 20.79 -34.38 -35.21
C ASP A 112 20.19 -33.64 -34.00
N VAL A 113 19.31 -34.24 -33.20
CA VAL A 113 18.74 -33.56 -32.00
CA VAL A 113 18.86 -33.52 -31.98
C VAL A 113 18.85 -34.45 -30.76
N ASP A 114 18.47 -35.73 -30.88
CA ASP A 114 18.36 -36.59 -29.67
C ASP A 114 19.74 -36.76 -29.02
N GLY A 115 20.79 -36.95 -29.81
CA GLY A 115 22.15 -37.06 -29.23
C GLY A 115 22.51 -35.78 -28.49
N ALA A 116 22.29 -34.63 -29.11
CA ALA A 116 22.62 -33.35 -28.45
C ALA A 116 21.81 -33.17 -27.14
N PHE A 117 20.54 -33.59 -27.17
CA PHE A 117 19.69 -33.52 -25.95
C PHE A 117 20.34 -34.34 -24.84
N LEU A 118 20.62 -35.61 -25.11
CA LEU A 118 21.12 -36.50 -24.05
C LEU A 118 22.50 -36.04 -23.57
N CYS A 119 23.37 -35.60 -24.48
CA CYS A 119 24.72 -35.17 -24.08
C CYS A 119 24.59 -33.88 -23.26
N SER A 120 23.72 -32.97 -23.69
CA SER A 120 23.53 -31.71 -22.94
C SER A 120 23.01 -31.99 -21.54
N GLN A 121 22.10 -32.94 -21.40
CA GLN A 121 21.55 -33.22 -20.07
CA GLN A 121 21.55 -33.30 -20.07
C GLN A 121 22.66 -33.80 -19.16
N ILE A 122 23.43 -34.75 -19.65
CA ILE A 122 24.57 -35.31 -18.88
C ILE A 122 25.56 -34.21 -18.51
N ALA A 123 25.95 -33.37 -19.46
CA ALA A 123 26.90 -32.30 -19.15
C ALA A 123 26.33 -31.32 -18.11
N ALA A 124 25.06 -30.93 -18.29
CA ALA A 124 24.43 -29.93 -17.41
C ALA A 124 24.34 -30.53 -15.99
N ARG A 125 23.96 -31.81 -15.85
CA ARG A 125 23.86 -32.44 -14.52
C ARG A 125 25.23 -32.41 -13.84
N GLN A 126 26.31 -32.64 -14.61
CA GLN A 126 27.68 -32.58 -14.03
C GLN A 126 28.04 -31.13 -13.66
N MET A 127 27.71 -30.17 -14.52
CA MET A 127 27.99 -28.76 -14.22
C MET A 127 27.23 -28.32 -12.95
N VAL A 128 25.99 -28.77 -12.77
CA VAL A 128 25.22 -28.38 -11.56
C VAL A 128 25.91 -29.01 -10.34
N LYS A 129 26.36 -30.25 -10.47
CA LYS A 129 27.01 -30.99 -9.36
C LYS A 129 28.28 -30.25 -8.92
N GLN A 130 29.05 -29.75 -9.89
CA GLN A 130 30.32 -29.02 -9.62
C GLN A 130 30.03 -27.66 -8.95
N GLY A 131 28.94 -26.97 -9.34
CA GLY A 131 28.55 -25.64 -8.85
C GLY A 131 29.47 -24.53 -9.34
N GLN A 132 30.10 -24.69 -10.50
CA GLN A 132 31.10 -23.75 -11.04
C GLN A 132 30.64 -23.22 -12.41
N GLY A 133 29.35 -23.37 -12.73
CA GLY A 133 28.81 -22.91 -14.03
C GLY A 133 29.32 -23.78 -15.18
N GLY A 134 29.12 -23.32 -16.39
CA GLY A 134 29.53 -24.11 -17.56
C GLY A 134 29.03 -23.49 -18.83
N ARG A 135 29.37 -24.12 -19.94
CA ARG A 135 29.00 -23.62 -21.28
C ARG A 135 28.55 -24.81 -22.12
N ILE A 136 27.44 -24.63 -22.81
CA ILE A 136 27.00 -25.60 -23.83
C ILE A 136 26.88 -24.84 -25.15
N ILE A 137 27.53 -25.34 -26.18
CA ILE A 137 27.58 -24.68 -27.51
C ILE A 137 27.07 -25.71 -28.52
N ASN A 138 25.96 -25.42 -29.16
CA ASN A 138 25.35 -26.31 -30.16
C ASN A 138 25.72 -25.81 -31.56
N ILE A 139 26.34 -26.66 -32.36
CA ILE A 139 26.59 -26.32 -33.78
C ILE A 139 25.30 -26.62 -34.53
N THR A 140 24.66 -25.60 -35.05
CA THR A 140 23.40 -25.80 -35.81
C THR A 140 23.73 -25.54 -37.27
N SER A 141 23.11 -24.55 -37.86
CA SER A 141 23.17 -24.27 -39.31
C SER A 141 22.37 -23.01 -39.56
N VAL A 142 22.62 -22.34 -40.68
CA VAL A 142 21.64 -21.35 -41.17
C VAL A 142 20.25 -21.99 -41.26
N HIS A 143 20.18 -23.31 -41.43
CA HIS A 143 18.87 -24.01 -41.60
C HIS A 143 18.16 -24.24 -40.26
N GLU A 144 18.73 -23.76 -39.16
CA GLU A 144 17.96 -23.45 -37.94
C GLU A 144 16.94 -22.33 -38.23
N HIS A 145 17.14 -21.55 -39.28
CA HIS A 145 16.43 -20.25 -39.48
C HIS A 145 15.71 -20.18 -40.81
N THR A 146 16.27 -20.77 -41.86
CA THR A 146 15.76 -20.64 -43.25
C THR A 146 15.83 -22.04 -43.84
N PRO A 147 14.86 -22.44 -44.66
CA PRO A 147 14.80 -23.84 -45.07
C PRO A 147 15.73 -24.25 -46.20
N LEU A 148 16.08 -25.53 -46.20
CA LEU A 148 16.49 -26.14 -47.46
C LEU A 148 15.24 -26.51 -48.27
N PRO A 149 15.37 -26.56 -49.61
CA PRO A 149 14.23 -26.92 -50.48
C PRO A 149 14.08 -28.43 -50.70
N ASP A 150 15.03 -29.20 -50.17
CA ASP A 150 15.13 -30.65 -50.43
C ASP A 150 15.66 -31.39 -49.20
N ALA A 151 15.48 -30.86 -48.00
CA ALA A 151 15.99 -31.48 -46.76
C ALA A 151 15.11 -31.07 -45.57
N SER A 152 13.86 -31.51 -45.60
CA SER A 152 12.84 -31.06 -44.63
C SER A 152 13.15 -31.60 -43.23
N ALA A 153 13.58 -32.85 -43.13
CA ALA A 153 13.92 -33.44 -41.81
C ALA A 153 15.13 -32.69 -41.21
N TYR A 154 16.15 -32.46 -42.03
CA TYR A 154 17.37 -31.77 -41.59
C TYR A 154 16.98 -30.36 -41.10
N THR A 155 16.15 -29.66 -41.88
CA THR A 155 15.71 -28.30 -41.51
C THR A 155 14.98 -28.38 -40.15
N ALA A 156 14.00 -29.25 -40.06
CA ALA A 156 13.15 -29.37 -38.85
C ALA A 156 14.02 -29.69 -37.64
N ALA A 157 14.98 -30.57 -37.77
CA ALA A 157 15.85 -30.97 -36.66
C ALA A 157 16.79 -29.83 -36.27
N LYS A 158 17.30 -29.08 -37.25
CA LYS A 158 18.10 -27.90 -36.86
C LYS A 158 17.24 -26.87 -36.11
N HIS A 159 16.03 -26.63 -36.57
CA HIS A 159 15.09 -25.78 -35.81
C HIS A 159 14.91 -26.35 -34.39
N ALA A 160 14.67 -27.64 -34.27
CA ALA A 160 14.47 -28.28 -32.95
C ALA A 160 15.67 -27.98 -32.06
N LEU A 161 16.89 -28.12 -32.58
CA LEU A 161 18.10 -27.91 -31.75
C LEU A 161 18.19 -26.41 -31.40
N GLY A 162 17.75 -25.53 -32.30
CA GLY A 162 17.62 -24.10 -31.97
C GLY A 162 16.70 -23.86 -30.79
N GLY A 163 15.53 -24.49 -30.82
CA GLY A 163 14.57 -24.33 -29.73
C GLY A 163 15.13 -24.91 -28.44
N LEU A 164 15.76 -26.08 -28.52
CA LEU A 164 16.40 -26.67 -27.30
C LEU A 164 17.45 -25.70 -26.73
N THR A 165 18.21 -25.08 -27.62
CA THR A 165 19.25 -24.13 -27.18
C THR A 165 18.61 -23.03 -26.34
N LYS A 166 17.53 -22.44 -26.85
CA LYS A 166 16.86 -21.35 -26.09
C LYS A 166 16.32 -21.88 -24.77
N ALA A 167 15.68 -23.03 -24.80
CA ALA A 167 15.04 -23.59 -23.59
C ALA A 167 16.09 -23.91 -22.55
N MET A 168 17.19 -24.54 -22.94
CA MET A 168 18.28 -24.84 -21.99
C MET A 168 18.88 -23.53 -21.47
N ALA A 169 19.06 -22.54 -22.34
CA ALA A 169 19.61 -21.25 -21.88
C ALA A 169 18.74 -20.68 -20.76
N LEU A 170 17.42 -20.69 -20.93
CA LEU A 170 16.55 -20.06 -19.92
C LEU A 170 16.49 -20.94 -18.67
N GLU A 171 16.37 -22.26 -18.84
CA GLU A 171 16.13 -23.17 -17.70
C GLU A 171 17.39 -23.34 -16.86
N LEU A 172 18.58 -23.23 -17.48
CA LEU A 172 19.87 -23.49 -16.79
C LEU A 172 20.59 -22.19 -16.40
N VAL A 173 20.02 -21.04 -16.72
CA VAL A 173 20.71 -19.76 -16.43
C VAL A 173 21.00 -19.62 -14.93
N ARG A 174 20.13 -20.14 -14.08
CA ARG A 174 20.24 -20.09 -12.60
C ARG A 174 21.51 -20.83 -12.14
N HIS A 175 21.96 -21.81 -12.90
CA HIS A 175 23.16 -22.61 -12.61
C HIS A 175 24.40 -21.94 -13.25
N LYS A 176 24.28 -20.75 -13.85
CA LYS A 176 25.36 -20.05 -14.59
C LYS A 176 25.90 -20.97 -15.70
N ILE A 177 25.01 -21.72 -16.33
CA ILE A 177 25.35 -22.52 -17.55
C ILE A 177 24.86 -21.71 -18.74
N LEU A 178 25.81 -21.23 -19.54
CA LEU A 178 25.52 -20.39 -20.73
C LEU A 178 25.33 -21.29 -21.93
N VAL A 179 24.28 -21.09 -22.70
CA VAL A 179 23.92 -22.01 -23.79
C VAL A 179 23.64 -21.17 -25.02
N ASN A 180 24.37 -21.50 -26.09
CA ASN A 180 24.25 -20.77 -27.36
C ASN A 180 24.42 -21.75 -28.51
N ALA A 181 23.95 -21.33 -29.66
CA ALA A 181 24.21 -22.01 -30.93
C ALA A 181 25.17 -21.17 -31.77
N VAL A 182 26.01 -21.88 -32.50
CA VAL A 182 26.76 -21.29 -33.64
C VAL A 182 26.17 -21.94 -34.88
N ALA A 183 25.70 -21.09 -35.82
CA ALA A 183 24.90 -21.50 -36.98
C ALA A 183 25.70 -21.27 -38.23
N PRO A 184 26.44 -22.28 -38.73
CA PRO A 184 27.26 -22.06 -39.93
C PRO A 184 26.41 -21.99 -41.19
N GLY A 185 26.87 -21.19 -42.15
CA GLY A 185 26.45 -21.29 -43.54
C GLY A 185 27.14 -22.43 -44.26
N ALA A 186 27.48 -22.20 -45.51
CA ALA A 186 28.16 -23.21 -46.36
C ALA A 186 29.65 -23.19 -46.04
N ILE A 187 30.17 -24.26 -45.44
CA ILE A 187 31.58 -24.34 -44.96
C ILE A 187 32.28 -25.39 -45.80
N ALA A 188 33.41 -25.00 -46.41
CA ALA A 188 34.27 -25.95 -47.15
C ALA A 188 34.92 -26.90 -46.15
N THR A 189 34.89 -28.20 -46.43
CA THR A 189 35.59 -29.20 -45.60
C THR A 189 36.62 -29.86 -46.49
N PRO A 190 37.74 -29.16 -46.81
CA PRO A 190 38.81 -29.72 -47.64
C PRO A 190 39.40 -31.02 -47.08
N PRO A 201 40.14 -21.49 -55.64
CA PRO A 201 38.76 -21.97 -55.76
C PRO A 201 37.86 -20.97 -56.49
N ASP A 202 36.93 -21.49 -57.28
CA ASP A 202 35.93 -20.66 -58.02
C ASP A 202 35.15 -19.83 -57.01
N ALA A 203 34.85 -18.59 -57.37
CA ALA A 203 33.84 -17.77 -56.69
C ALA A 203 32.51 -18.55 -56.58
N GLU A 204 31.79 -18.25 -55.51
CA GLU A 204 30.44 -18.83 -55.22
C GLU A 204 29.46 -17.67 -55.24
N PRO A 205 28.99 -17.25 -56.44
CA PRO A 205 28.21 -16.02 -56.56
C PRO A 205 26.91 -16.04 -55.78
N SER A 206 26.44 -17.21 -55.37
CA SER A 206 25.16 -17.34 -54.64
C SER A 206 25.28 -16.82 -53.23
N ILE A 207 26.49 -16.71 -52.72
CA ILE A 207 26.76 -16.28 -51.32
C ILE A 207 27.28 -14.85 -51.40
N PRO A 208 26.77 -13.89 -50.61
CA PRO A 208 27.27 -12.51 -50.70
C PRO A 208 28.80 -12.38 -50.63
N LEU A 209 29.45 -13.09 -49.73
CA LEU A 209 30.95 -13.05 -49.62
C LEU A 209 31.61 -13.85 -50.74
N ARG A 210 30.85 -14.56 -51.56
CA ARG A 210 31.34 -15.20 -52.81
C ARG A 210 32.39 -16.27 -52.56
N ARG A 211 32.33 -16.92 -51.41
CA ARG A 211 33.14 -18.11 -51.10
C ARG A 211 32.44 -18.90 -50.01
N PHE A 212 32.82 -20.17 -49.88
CA PHE A 212 32.44 -20.98 -48.71
C PHE A 212 33.26 -20.53 -47.52
N GLY A 213 32.74 -20.75 -46.32
CA GLY A 213 33.49 -20.49 -45.10
C GLY A 213 34.56 -21.55 -44.87
N ALA A 214 35.43 -21.24 -43.93
CA ALA A 214 36.47 -22.17 -43.45
C ALA A 214 36.06 -22.74 -42.09
N THR A 215 36.48 -23.96 -41.79
CA THR A 215 36.16 -24.57 -40.48
C THR A 215 36.69 -23.67 -39.37
N HIS A 216 37.86 -23.04 -39.54
CA HIS A 216 38.46 -22.12 -38.53
CA HIS A 216 38.40 -22.19 -38.44
C HIS A 216 37.53 -20.95 -38.21
N GLU A 217 36.74 -20.53 -39.19
CA GLU A 217 35.84 -19.34 -39.03
C GLU A 217 34.62 -19.68 -38.17
N ILE A 218 34.34 -20.96 -37.98
CA ILE A 218 33.31 -21.44 -37.03
C ILE A 218 33.99 -21.70 -35.69
N ALA A 219 35.07 -22.49 -35.68
CA ALA A 219 35.80 -22.80 -34.44
C ALA A 219 36.24 -21.55 -33.71
N SER A 220 36.66 -20.51 -34.42
CA SER A 220 37.08 -19.24 -33.77
C SER A 220 35.96 -18.69 -32.87
N LEU A 221 34.72 -18.74 -33.34
CA LEU A 221 33.61 -18.20 -32.52
C LEU A 221 33.33 -19.12 -31.34
N VAL A 222 33.47 -20.43 -31.52
CA VAL A 222 33.36 -21.35 -30.38
C VAL A 222 34.40 -20.99 -29.30
N VAL A 223 35.63 -20.69 -29.71
CA VAL A 223 36.71 -20.30 -28.79
C VAL A 223 36.28 -19.03 -28.06
N TRP A 224 35.73 -18.06 -28.78
CA TRP A 224 35.33 -16.79 -28.12
C TRP A 224 34.26 -17.14 -27.07
N LEU A 225 33.31 -17.99 -27.40
CA LEU A 225 32.22 -18.39 -26.48
C LEU A 225 32.76 -19.06 -25.23
N CYS A 226 33.98 -19.59 -25.26
CA CYS A 226 34.62 -20.27 -24.10
C CYS A 226 35.50 -19.30 -23.31
N SER A 227 35.53 -18.04 -23.73
CA SER A 227 36.30 -16.97 -23.04
C SER A 227 35.44 -16.26 -21.99
N GLU A 228 36.08 -15.62 -21.02
CA GLU A 228 35.33 -14.91 -19.94
C GLU A 228 34.60 -13.70 -20.52
N GLY A 229 35.06 -13.18 -21.65
CA GLY A 229 34.40 -12.06 -22.33
C GLY A 229 33.00 -12.43 -22.79
N ALA A 230 32.73 -13.72 -22.99
CA ALA A 230 31.43 -14.23 -23.45
C ALA A 230 30.46 -14.48 -22.29
N ASN A 231 30.76 -14.03 -21.08
CA ASN A 231 30.00 -14.46 -19.88
C ASN A 231 28.61 -13.82 -19.80
N TYR A 232 28.30 -12.85 -20.66
CA TYR A 232 26.93 -12.24 -20.69
C TYR A 232 26.12 -12.74 -21.87
N THR A 233 26.64 -13.69 -22.65
CA THR A 233 25.96 -14.15 -23.86
C THR A 233 25.28 -15.49 -23.59
N THR A 234 23.95 -15.54 -23.72
CA THR A 234 23.20 -16.80 -23.56
C THR A 234 21.89 -16.72 -24.35
N GLY A 235 21.48 -17.88 -24.87
CA GLY A 235 20.21 -18.01 -25.57
C GLY A 235 20.26 -17.60 -27.02
N GLN A 236 21.44 -17.40 -27.59
CA GLN A 236 21.57 -16.83 -28.94
C GLN A 236 21.97 -17.89 -29.97
N SER A 237 21.66 -17.60 -31.22
CA SER A 237 22.08 -18.36 -32.41
C SER A 237 22.95 -17.41 -33.24
N LEU A 238 24.27 -17.60 -33.13
CA LEU A 238 25.25 -16.68 -33.76
CA LEU A 238 25.28 -16.70 -33.74
C LEU A 238 25.60 -17.23 -35.15
N ILE A 239 25.17 -16.51 -36.15
CA ILE A 239 25.20 -16.99 -37.55
C ILE A 239 26.47 -16.54 -38.24
N VAL A 240 27.22 -17.52 -38.75
CA VAL A 240 28.53 -17.29 -39.42
C VAL A 240 28.36 -17.85 -40.82
N ASP A 241 28.04 -16.99 -41.78
CA ASP A 241 27.47 -17.48 -43.04
C ASP A 241 27.79 -16.69 -44.30
N GLY A 242 28.76 -15.80 -44.26
CA GLY A 242 29.13 -15.07 -45.47
C GLY A 242 27.97 -14.26 -46.05
N GLY A 243 26.95 -13.94 -45.25
CA GLY A 243 25.79 -13.19 -45.73
C GLY A 243 24.66 -14.04 -46.28
N PHE A 244 24.74 -15.36 -46.14
CA PHE A 244 23.69 -16.28 -46.63
C PHE A 244 22.29 -15.75 -46.23
N MET A 245 22.12 -15.34 -44.97
CA MET A 245 20.79 -14.88 -44.45
C MET A 245 20.31 -13.57 -45.12
N LEU A 246 21.20 -12.83 -45.78
CA LEU A 246 20.84 -11.54 -46.41
C LEU A 246 20.26 -11.79 -47.80
N ALA A 247 20.55 -12.94 -48.40
CA ALA A 247 20.18 -13.25 -49.78
C ALA A 247 18.66 -13.36 -49.90
N ASN A 248 18.14 -12.88 -50.99
CA ASN A 248 16.69 -12.88 -51.28
C ASN A 248 16.60 -12.69 -52.79
N PRO A 249 15.39 -12.79 -53.38
CA PRO A 249 15.29 -12.72 -54.85
C PRO A 249 15.84 -11.44 -55.48
N GLN A 250 15.97 -10.33 -54.73
CA GLN A 250 16.57 -9.09 -55.32
C GLN A 250 18.10 -9.18 -55.39
N PHE A 251 18.71 -10.13 -54.72
CA PHE A 251 20.17 -10.40 -54.76
C PHE A 251 20.50 -11.61 -55.64
N ASN A 252 19.75 -12.69 -55.49
CA ASN A 252 20.13 -14.06 -55.93
C ASN A 252 20.44 -14.00 -57.42
N PRO A 253 21.67 -14.37 -57.87
CA PRO A 253 21.96 -14.34 -59.30
C PRO A 253 21.01 -15.29 -60.04
N GLU A 254 20.51 -14.86 -61.21
CA GLU A 254 19.57 -15.63 -62.07
C GLU A 254 20.38 -16.71 -62.79
N ALA B 3 -17.77 -29.76 -53.12
CA ALA B 3 -17.24 -28.79 -52.14
C ALA B 3 -15.74 -29.00 -51.98
N GLN B 4 -15.04 -27.96 -51.59
CA GLN B 4 -13.68 -28.12 -51.04
C GLN B 4 -13.76 -28.91 -49.72
N VAL B 5 -12.69 -29.62 -49.42
CA VAL B 5 -12.59 -30.44 -48.18
C VAL B 5 -11.46 -29.87 -47.30
N ALA B 6 -11.77 -29.63 -46.03
CA ALA B 6 -10.80 -29.27 -44.97
C ALA B 6 -10.79 -30.38 -43.94
N ILE B 7 -9.59 -30.82 -43.57
CA ILE B 7 -9.41 -31.83 -42.50
C ILE B 7 -8.61 -31.21 -41.37
N ILE B 8 -9.16 -31.33 -40.16
CA ILE B 8 -8.51 -30.90 -38.90
CA ILE B 8 -8.47 -30.90 -38.93
C ILE B 8 -7.94 -32.15 -38.21
N THR B 9 -6.63 -32.26 -38.11
CA THR B 9 -5.98 -33.41 -37.43
C THR B 9 -5.74 -33.06 -35.96
N ALA B 10 -5.80 -34.09 -35.12
CA ALA B 10 -5.57 -33.98 -33.66
C ALA B 10 -6.51 -32.89 -33.13
N SER B 11 -7.77 -32.97 -33.53
CA SER B 11 -8.77 -31.96 -33.16
C SER B 11 -9.06 -32.05 -31.67
N ASP B 12 -9.60 -30.96 -31.13
CA ASP B 12 -9.94 -30.84 -29.70
C ASP B 12 -11.25 -30.04 -29.60
N SER B 13 -11.68 -29.70 -28.39
CA SER B 13 -12.95 -28.97 -28.16
CA SER B 13 -12.95 -28.96 -28.17
C SER B 13 -12.71 -27.45 -28.18
N GLY B 14 -11.48 -27.06 -28.49
CA GLY B 14 -11.07 -25.65 -28.50
C GLY B 14 -10.78 -25.14 -29.91
N ILE B 15 -9.53 -24.87 -30.21
CA ILE B 15 -9.10 -24.38 -31.56
C ILE B 15 -9.54 -25.34 -32.65
N GLY B 16 -9.38 -26.64 -32.45
CA GLY B 16 -9.73 -27.57 -33.53
C GLY B 16 -11.22 -27.50 -33.88
N LYS B 17 -12.07 -27.58 -32.88
CA LYS B 17 -13.54 -27.46 -33.09
C LYS B 17 -13.85 -26.13 -33.78
N GLU B 18 -13.26 -25.02 -33.34
CA GLU B 18 -13.64 -23.71 -33.88
CA GLU B 18 -13.63 -23.68 -33.87
C GLU B 18 -13.17 -23.59 -35.33
N CYS B 19 -12.02 -24.17 -35.67
CA CYS B 19 -11.59 -24.23 -37.09
C CYS B 19 -12.63 -25.00 -37.93
N ALA B 20 -13.02 -26.17 -37.44
CA ALA B 20 -14.01 -27.01 -38.17
C ALA B 20 -15.31 -26.21 -38.39
N LEU B 21 -15.79 -25.56 -37.34
CA LEU B 21 -17.09 -24.84 -37.39
C LEU B 21 -16.98 -23.65 -38.36
N LEU B 22 -15.92 -22.86 -38.27
CA LEU B 22 -15.81 -21.66 -39.11
C LEU B 22 -15.54 -22.06 -40.55
N LEU B 23 -14.80 -23.16 -40.82
CA LEU B 23 -14.64 -23.61 -42.21
C LEU B 23 -15.96 -24.21 -42.74
N ALA B 24 -16.72 -24.91 -41.92
CA ALA B 24 -18.07 -25.41 -42.32
C ALA B 24 -18.98 -24.25 -42.71
N GLN B 25 -18.91 -23.14 -41.99
CA GLN B 25 -19.70 -21.94 -42.34
C GLN B 25 -19.30 -21.41 -43.73
N GLN B 26 -18.03 -21.55 -44.13
CA GLN B 26 -17.56 -21.08 -45.47
C GLN B 26 -17.89 -22.14 -46.54
N GLY B 27 -18.49 -23.27 -46.17
CA GLY B 27 -18.98 -24.30 -47.10
C GLY B 27 -18.02 -25.45 -47.35
N PHE B 28 -16.94 -25.55 -46.59
CA PHE B 28 -16.05 -26.74 -46.67
C PHE B 28 -16.70 -27.99 -46.08
N ASP B 29 -16.61 -29.12 -46.79
CA ASP B 29 -16.83 -30.44 -46.16
C ASP B 29 -15.67 -30.63 -45.17
N ILE B 30 -15.97 -31.25 -44.03
CA ILE B 30 -14.99 -31.35 -42.90
C ILE B 30 -14.62 -32.80 -42.64
N GLY B 31 -13.33 -33.05 -42.51
CA GLY B 31 -12.79 -34.25 -41.89
C GLY B 31 -12.17 -33.89 -40.54
N ILE B 32 -12.37 -34.74 -39.55
CA ILE B 32 -11.81 -34.62 -38.20
C ILE B 32 -11.02 -35.89 -37.87
N THR B 33 -9.76 -35.73 -37.45
CA THR B 33 -9.04 -36.82 -36.78
C THR B 33 -8.91 -36.46 -35.31
N TRP B 34 -8.94 -37.48 -34.46
CA TRP B 34 -8.73 -37.31 -33.02
C TRP B 34 -7.69 -38.32 -32.53
N HIS B 35 -6.82 -37.82 -31.66
CA HIS B 35 -5.91 -38.63 -30.81
C HIS B 35 -6.48 -38.68 -29.39
N SER B 36 -7.08 -37.58 -28.94
CA SER B 36 -7.78 -37.56 -27.64
C SER B 36 -9.16 -36.93 -27.82
N ASP B 37 -10.04 -37.16 -26.85
CA ASP B 37 -11.38 -36.52 -26.79
C ASP B 37 -12.20 -36.94 -28.01
N GLU B 38 -12.43 -38.23 -28.15
CA GLU B 38 -13.38 -38.76 -29.15
C GLU B 38 -14.75 -38.06 -29.04
N GLU B 39 -15.29 -37.91 -27.84
CA GLU B 39 -16.62 -37.29 -27.65
CA GLU B 39 -16.63 -37.28 -27.66
C GLU B 39 -16.59 -35.85 -28.20
N GLY B 40 -15.48 -35.11 -27.98
CA GLY B 40 -15.31 -33.78 -28.57
C GLY B 40 -15.33 -33.82 -30.08
N ALA B 41 -14.73 -34.81 -30.71
CA ALA B 41 -14.74 -34.93 -32.20
C ALA B 41 -16.18 -35.16 -32.66
N LYS B 42 -16.94 -35.98 -31.94
CA LYS B 42 -18.35 -36.23 -32.29
C LYS B 42 -19.18 -34.95 -32.10
N ASP B 43 -18.95 -34.20 -31.01
CA ASP B 43 -19.64 -32.91 -30.78
C ASP B 43 -19.34 -31.96 -31.95
N THR B 44 -18.08 -31.90 -32.38
CA THR B 44 -17.67 -31.03 -33.49
C THR B 44 -18.44 -31.45 -34.75
N ALA B 45 -18.44 -32.75 -35.09
CA ALA B 45 -19.12 -33.25 -36.30
C ALA B 45 -20.60 -32.85 -36.24
N ARG B 46 -21.23 -33.00 -35.09
CA ARG B 46 -22.68 -32.72 -34.92
C ARG B 46 -22.96 -31.27 -35.29
N GLU B 47 -22.11 -30.38 -34.82
CA GLU B 47 -22.24 -28.92 -35.03
CA GLU B 47 -22.34 -28.93 -35.05
C GLU B 47 -21.92 -28.58 -36.49
N VAL B 48 -20.88 -29.23 -37.05
CA VAL B 48 -20.48 -29.04 -38.49
C VAL B 48 -21.69 -29.31 -39.40
N VAL B 49 -22.41 -30.42 -39.22
CA VAL B 49 -23.46 -30.80 -40.20
C VAL B 49 -24.65 -29.80 -40.15
N SER B 50 -24.79 -29.03 -39.07
CA SER B 50 -25.79 -27.94 -38.97
C SER B 50 -25.56 -26.90 -40.07
N HIS B 51 -24.37 -26.84 -40.68
CA HIS B 51 -23.98 -25.82 -41.70
C HIS B 51 -24.18 -26.37 -43.12
N GLY B 52 -24.76 -27.56 -43.24
CA GLY B 52 -25.15 -28.09 -44.56
C GLY B 52 -23.97 -28.67 -45.31
N VAL B 53 -22.94 -29.10 -44.58
CA VAL B 53 -21.74 -29.78 -45.17
C VAL B 53 -21.59 -31.17 -44.54
N ARG B 54 -20.74 -32.00 -45.13
CA ARG B 54 -20.41 -33.33 -44.61
C ARG B 54 -19.42 -33.18 -43.44
N ALA B 55 -19.55 -34.07 -42.47
CA ALA B 55 -18.56 -34.30 -41.41
C ALA B 55 -18.21 -35.78 -41.36
N GLU B 56 -16.92 -36.07 -41.43
CA GLU B 56 -16.39 -37.44 -41.30
C GLU B 56 -15.31 -37.41 -40.24
N ILE B 57 -15.32 -38.39 -39.36
CA ILE B 57 -14.39 -38.52 -38.21
CA ILE B 57 -14.30 -38.47 -38.28
C ILE B 57 -13.59 -39.81 -38.37
N VAL B 58 -12.32 -39.80 -37.98
CA VAL B 58 -11.53 -41.03 -37.74
CA VAL B 58 -11.55 -41.04 -37.73
C VAL B 58 -10.69 -40.81 -36.48
N GLN B 59 -10.40 -41.89 -35.79
CA GLN B 59 -9.30 -41.90 -34.81
C GLN B 59 -7.99 -41.91 -35.59
N LEU B 60 -7.04 -41.07 -35.21
CA LEU B 60 -5.66 -41.14 -35.71
C LEU B 60 -4.80 -41.18 -34.46
N ASP B 61 -4.34 -42.39 -34.16
CA ASP B 61 -3.69 -42.73 -32.87
C ASP B 61 -2.20 -42.40 -32.95
N LEU B 62 -1.79 -41.34 -32.27
CA LEU B 62 -0.37 -40.93 -32.28
C LEU B 62 0.47 -41.84 -31.38
N GLY B 63 -0.17 -42.78 -30.68
CA GLY B 63 0.56 -43.84 -29.96
C GLY B 63 0.87 -45.03 -30.85
N ASN B 64 0.48 -44.99 -32.13
CA ASN B 64 0.67 -46.12 -33.04
C ASN B 64 1.29 -45.65 -34.35
N LEU B 65 2.25 -44.72 -34.31
CA LEU B 65 2.85 -44.26 -35.58
C LEU B 65 3.91 -45.25 -36.03
N PRO B 66 4.22 -45.34 -37.35
CA PRO B 66 3.54 -44.56 -38.38
C PRO B 66 2.18 -45.10 -38.85
N GLU B 67 1.87 -46.38 -38.60
CA GLU B 67 0.68 -47.04 -39.17
CA GLU B 67 0.68 -47.05 -39.18
C GLU B 67 -0.59 -46.26 -38.82
N GLY B 68 -0.64 -45.69 -37.63
CA GLY B 68 -1.85 -44.97 -37.19
C GLY B 68 -2.21 -43.83 -38.13
N ALA B 69 -1.23 -43.24 -38.79
CA ALA B 69 -1.49 -42.10 -39.69
C ALA B 69 -2.25 -42.51 -40.94
N LEU B 70 -2.29 -43.80 -41.26
CA LEU B 70 -3.04 -44.26 -42.46
C LEU B 70 -4.53 -43.99 -42.27
N ALA B 71 -5.01 -43.73 -41.05
CA ALA B 71 -6.42 -43.28 -40.85
C ALA B 71 -6.72 -42.04 -41.71
N LEU B 72 -5.74 -41.17 -41.92
CA LEU B 72 -5.96 -39.96 -42.73
C LEU B 72 -6.14 -40.35 -44.21
N GLU B 73 -5.45 -41.38 -44.70
CA GLU B 73 -5.71 -41.85 -46.08
C GLU B 73 -7.18 -42.30 -46.18
N LYS B 74 -7.68 -43.00 -45.16
CA LYS B 74 -9.06 -43.53 -45.19
C LYS B 74 -10.02 -42.34 -45.18
N LEU B 75 -9.72 -41.32 -44.38
CA LEU B 75 -10.63 -40.15 -44.26
C LEU B 75 -10.68 -39.39 -45.59
N ILE B 76 -9.54 -39.22 -46.23
CA ILE B 76 -9.47 -38.58 -47.58
C ILE B 76 -10.28 -39.39 -48.59
N GLN B 77 -10.12 -40.71 -48.60
CA GLN B 77 -10.89 -41.61 -49.49
C GLN B 77 -12.40 -41.36 -49.26
N ARG B 78 -12.82 -41.27 -48.00
CA ARG B 78 -14.27 -41.12 -47.70
CA ARG B 78 -14.26 -41.10 -47.67
C ARG B 78 -14.78 -39.76 -48.16
N LEU B 79 -13.99 -38.69 -48.00
CA LEU B 79 -14.41 -37.31 -48.38
C LEU B 79 -14.20 -37.06 -49.87
N GLY B 80 -13.32 -37.81 -50.51
CA GLY B 80 -13.12 -37.74 -51.98
C GLY B 80 -11.92 -36.95 -52.43
N ARG B 81 -11.42 -36.05 -51.59
CA ARG B 81 -10.35 -35.11 -51.97
C ARG B 81 -9.86 -34.44 -50.70
N ILE B 82 -8.82 -33.64 -50.80
CA ILE B 82 -8.45 -32.71 -49.72
C ILE B 82 -7.97 -31.41 -50.34
N ASP B 83 -8.41 -30.28 -49.79
CA ASP B 83 -7.97 -28.93 -50.21
C ASP B 83 -7.19 -28.25 -49.08
N VAL B 84 -7.53 -28.55 -47.85
CA VAL B 84 -6.97 -27.88 -46.64
C VAL B 84 -6.65 -28.93 -45.59
N LEU B 85 -5.44 -28.89 -45.05
CA LEU B 85 -5.08 -29.68 -43.87
C LEU B 85 -4.76 -28.69 -42.76
N VAL B 86 -5.41 -28.82 -41.61
CA VAL B 86 -5.06 -28.02 -40.41
C VAL B 86 -4.53 -29.00 -39.39
N ASN B 87 -3.27 -28.92 -39.07
CA ASN B 87 -2.65 -29.79 -38.02
C ASN B 87 -2.79 -29.05 -36.70
N ASN B 88 -3.82 -29.44 -35.95
CA ASN B 88 -4.09 -28.79 -34.65
C ASN B 88 -3.05 -29.25 -33.63
N ALA B 89 -2.79 -28.41 -32.64
CA ALA B 89 -1.85 -28.73 -31.53
C ALA B 89 -2.54 -29.37 -30.32
N GLY B 90 -1.88 -30.39 -29.78
CA GLY B 90 -2.27 -31.04 -28.54
C GLY B 90 -1.86 -30.20 -27.33
N ALA B 91 -2.20 -30.65 -26.13
CA ALA B 91 -1.86 -29.95 -24.90
C ALA B 91 -0.36 -29.90 -24.72
N MET B 92 0.08 -28.87 -24.03
CA MET B 92 1.46 -28.69 -23.58
C MET B 92 1.73 -29.64 -22.41
N THR B 93 2.87 -30.31 -22.48
CA THR B 93 3.43 -31.22 -21.47
C THR B 93 4.74 -30.63 -20.96
N LYS B 94 4.88 -30.52 -19.65
CA LYS B 94 6.09 -29.99 -18.99
C LYS B 94 6.88 -31.15 -18.37
N ALA B 95 8.19 -30.97 -18.28
CA ALA B 95 9.08 -31.82 -17.49
C ALA B 95 10.36 -31.04 -17.31
N PRO B 96 10.96 -31.03 -16.10
CA PRO B 96 12.21 -30.33 -15.91
C PRO B 96 13.36 -30.96 -16.71
N PHE B 97 14.18 -30.08 -17.29
CA PHE B 97 15.23 -30.52 -18.23
C PHE B 97 16.18 -31.54 -17.57
N LEU B 98 16.67 -31.23 -16.37
CA LEU B 98 17.70 -32.10 -15.74
C LEU B 98 17.11 -33.47 -15.41
N ASP B 99 15.80 -33.59 -15.16
CA ASP B 99 15.20 -34.86 -14.70
C ASP B 99 14.48 -35.57 -15.84
N MET B 100 14.39 -34.99 -17.02
CA MET B 100 13.48 -35.51 -18.07
C MET B 100 13.97 -36.89 -18.52
N ALA B 101 13.07 -37.85 -18.57
CA ALA B 101 13.37 -39.16 -19.13
C ALA B 101 13.39 -39.08 -20.65
N PHE B 102 14.15 -39.94 -21.29
CA PHE B 102 14.21 -39.96 -22.77
C PHE B 102 12.81 -40.29 -23.32
N ASP B 103 12.07 -41.16 -22.63
CA ASP B 103 10.70 -41.51 -23.07
C ASP B 103 9.80 -40.26 -23.10
N GLU B 104 10.00 -39.32 -22.18
CA GLU B 104 9.16 -38.09 -22.13
C GLU B 104 9.51 -37.24 -23.35
N TRP B 105 10.81 -37.05 -23.60
CA TRP B 105 11.31 -36.29 -24.76
C TRP B 105 10.72 -36.92 -26.03
N ARG B 106 10.88 -38.22 -26.17
CA ARG B 106 10.40 -38.89 -27.40
CA ARG B 106 10.40 -38.95 -27.38
C ARG B 106 8.88 -38.79 -27.54
N LYS B 107 8.13 -38.95 -26.44
CA LYS B 107 6.66 -38.87 -26.54
C LYS B 107 6.26 -37.49 -27.07
N ILE B 108 6.89 -36.45 -26.56
CA ILE B 108 6.52 -35.08 -26.97
C ILE B 108 6.84 -34.88 -28.47
N PHE B 109 7.98 -35.36 -28.96
CA PHE B 109 8.24 -35.28 -30.41
C PHE B 109 7.27 -36.15 -31.24
N THR B 110 6.93 -37.33 -30.76
CA THR B 110 5.96 -38.18 -31.45
C THR B 110 4.64 -37.41 -31.62
N VAL B 111 4.11 -36.90 -30.52
CA VAL B 111 2.75 -36.34 -30.53
C VAL B 111 2.79 -34.97 -31.21
N ASP B 112 3.85 -34.16 -30.99
CA ASP B 112 3.80 -32.73 -31.40
C ASP B 112 4.50 -32.47 -32.74
N VAL B 113 5.27 -33.42 -33.28
CA VAL B 113 5.93 -33.22 -34.60
C VAL B 113 5.64 -34.40 -35.52
N ASP B 114 5.88 -35.62 -35.04
CA ASP B 114 5.82 -36.77 -35.96
C ASP B 114 4.42 -36.90 -36.58
N GLY B 115 3.37 -36.72 -35.79
CA GLY B 115 1.99 -36.76 -36.29
C GLY B 115 1.81 -35.76 -37.44
N ALA B 116 2.17 -34.50 -37.20
CA ALA B 116 2.01 -33.43 -38.20
C ALA B 116 2.83 -33.77 -39.47
N PHE B 117 4.03 -34.33 -39.31
CA PHE B 117 4.88 -34.71 -40.45
C PHE B 117 4.11 -35.74 -41.30
N LEU B 118 3.62 -36.80 -40.68
CA LEU B 118 2.99 -37.91 -41.45
C LEU B 118 1.68 -37.43 -42.09
N CYS B 119 0.93 -36.61 -41.36
CA CYS B 119 -0.37 -36.11 -41.88
C CYS B 119 -0.08 -35.16 -43.04
N SER B 120 0.91 -34.27 -42.87
CA SER B 120 1.30 -33.36 -43.96
C SER B 120 1.75 -34.12 -45.22
N GLN B 121 2.53 -35.18 -45.06
CA GLN B 121 3.02 -35.97 -46.21
C GLN B 121 1.82 -36.57 -46.93
N ILE B 122 0.90 -37.17 -46.18
CA ILE B 122 -0.29 -37.80 -46.80
C ILE B 122 -1.13 -36.74 -47.52
N ALA B 123 -1.39 -35.61 -46.88
CA ALA B 123 -2.19 -34.55 -47.53
C ALA B 123 -1.47 -34.03 -48.78
N ALA B 124 -0.15 -33.76 -48.67
CA ALA B 124 0.58 -33.15 -49.79
C ALA B 124 0.56 -34.12 -50.97
N ARG B 125 0.76 -35.42 -50.73
CA ARG B 125 0.73 -36.41 -51.83
C ARG B 125 -0.62 -36.34 -52.52
N GLN B 126 -1.71 -36.29 -51.74
CA GLN B 126 -3.05 -36.19 -52.34
C GLN B 126 -3.21 -34.92 -53.15
N MET B 127 -2.72 -33.80 -52.60
CA MET B 127 -2.83 -32.50 -53.32
C MET B 127 -2.05 -32.56 -54.63
N VAL B 128 -0.88 -33.20 -54.63
CA VAL B 128 -0.06 -33.36 -55.88
C VAL B 128 -0.83 -34.21 -56.88
N LYS B 129 -1.40 -35.33 -56.42
CA LYS B 129 -2.19 -36.24 -57.29
C LYS B 129 -3.36 -35.49 -57.95
N GLN B 130 -4.03 -34.64 -57.20
CA GLN B 130 -5.18 -33.84 -57.68
C GLN B 130 -4.73 -32.79 -58.69
N GLY B 131 -3.58 -32.13 -58.46
CA GLY B 131 -3.06 -31.13 -59.39
C GLY B 131 -3.78 -29.78 -59.29
N GLN B 132 -4.37 -29.50 -58.15
CA GLN B 132 -5.23 -28.32 -57.92
C GLN B 132 -4.72 -27.43 -56.78
N GLY B 133 -3.49 -27.62 -56.33
CA GLY B 133 -2.92 -26.87 -55.21
C GLY B 133 -3.55 -27.30 -53.90
N GLY B 134 -3.23 -26.58 -52.85
CA GLY B 134 -3.77 -26.85 -51.52
C GLY B 134 -3.16 -25.98 -50.47
N ARG B 135 -3.57 -26.22 -49.22
CA ARG B 135 -3.15 -25.43 -48.05
CA ARG B 135 -3.15 -25.42 -48.05
C ARG B 135 -2.83 -26.38 -46.91
N ILE B 136 -1.71 -26.16 -46.26
CA ILE B 136 -1.37 -26.88 -45.00
C ILE B 136 -1.13 -25.79 -43.97
N ILE B 137 -1.85 -25.86 -42.87
CA ILE B 137 -1.78 -24.86 -41.78
C ILE B 137 -1.41 -25.61 -40.50
N ASN B 138 -0.25 -25.33 -39.94
CA ASN B 138 0.22 -25.96 -38.69
C ASN B 138 -0.10 -25.04 -37.53
N ILE B 139 -0.81 -25.53 -36.53
CA ILE B 139 -1.02 -24.78 -35.28
C ILE B 139 0.22 -25.05 -34.44
N THR B 140 1.04 -24.04 -34.19
CA THR B 140 2.24 -24.20 -33.36
C THR B 140 1.96 -23.52 -32.02
N SER B 141 2.68 -22.44 -31.72
CA SER B 141 2.69 -21.74 -30.42
C SER B 141 3.62 -20.57 -30.51
N VAL B 142 3.46 -19.58 -29.65
CA VAL B 142 4.55 -18.61 -29.44
C VAL B 142 5.84 -19.36 -29.14
N HIS B 143 5.77 -20.57 -28.61
CA HIS B 143 6.98 -21.33 -28.22
C HIS B 143 7.67 -22.00 -29.43
N GLU B 144 7.15 -21.76 -30.64
CA GLU B 144 7.93 -21.94 -31.89
C GLU B 144 9.10 -20.95 -31.93
N HIS B 145 8.98 -19.84 -31.19
CA HIS B 145 9.86 -18.64 -31.30
C HIS B 145 10.58 -18.32 -30.00
N THR B 146 10.01 -18.63 -28.85
CA THR B 146 10.56 -18.17 -27.56
C THR B 146 10.35 -19.32 -26.58
N PRO B 147 11.27 -19.56 -25.63
CA PRO B 147 11.16 -20.76 -24.81
C PRO B 147 10.13 -20.62 -23.69
C PRO B 147 10.07 -20.67 -23.71
N LEU B 148 9.72 -21.78 -23.22
N LEU B 148 9.45 -21.81 -23.37
CA LEU B 148 9.24 -21.96 -21.84
CA LEU B 148 8.45 -21.96 -22.24
C LEU B 148 10.50 -22.14 -20.99
C LEU B 148 9.15 -22.61 -21.06
N PRO B 149 10.44 -21.73 -19.71
N PRO B 149 9.34 -21.86 -19.96
CA PRO B 149 11.55 -21.96 -18.80
CA PRO B 149 9.95 -22.41 -18.75
C PRO B 149 11.56 -23.36 -18.18
C PRO B 149 9.38 -23.78 -18.39
N ASP B 150 10.54 -24.21 -18.47
N ASP B 150 10.26 -24.71 -18.00
CA ASP B 150 10.32 -25.51 -17.77
CA ASP B 150 9.90 -26.07 -17.50
C ASP B 150 9.55 -26.54 -18.64
C ASP B 150 9.46 -26.89 -18.71
N ALA B 151 9.68 -26.43 -19.95
CA ALA B 151 9.07 -27.24 -21.04
C ALA B 151 9.99 -27.25 -22.25
N SER B 152 11.19 -27.79 -22.05
CA SER B 152 12.23 -27.75 -23.10
C SER B 152 11.87 -28.66 -24.28
N ALA B 153 11.26 -29.83 -24.02
CA ALA B 153 10.86 -30.74 -25.11
C ALA B 153 9.76 -30.06 -25.96
N TYR B 154 8.75 -29.52 -25.30
CA TYR B 154 7.64 -28.84 -25.98
C TYR B 154 8.20 -27.70 -26.84
N THR B 155 9.10 -26.91 -26.27
CA THR B 155 9.72 -25.78 -27.00
C THR B 155 10.45 -26.31 -28.24
N ALA B 156 11.28 -27.34 -28.06
CA ALA B 156 12.08 -27.87 -29.18
C ALA B 156 11.16 -28.40 -30.25
N ALA B 157 10.11 -29.11 -29.87
CA ALA B 157 9.18 -29.70 -30.84
C ALA B 157 8.37 -28.63 -31.59
N LYS B 158 7.99 -27.55 -30.93
CA LYS B 158 7.30 -26.46 -31.64
C LYS B 158 8.25 -25.80 -32.63
N HIS B 159 9.50 -25.62 -32.22
CA HIS B 159 10.52 -25.11 -33.17
C HIS B 159 10.61 -26.06 -34.37
N ALA B 160 10.68 -27.35 -34.09
CA ALA B 160 10.76 -28.38 -35.15
C ALA B 160 9.61 -28.20 -36.15
N LEU B 161 8.38 -28.05 -35.63
CA LEU B 161 7.23 -27.93 -36.53
C LEU B 161 7.34 -26.60 -37.30
N GLY B 162 7.88 -25.54 -36.70
CA GLY B 162 8.13 -24.30 -37.44
C GLY B 162 9.08 -24.52 -38.59
N GLY B 163 10.14 -25.29 -38.35
CA GLY B 163 11.11 -25.59 -39.42
C GLY B 163 10.47 -26.41 -40.52
N LEU B 164 9.69 -27.42 -40.11
CA LEU B 164 8.98 -28.27 -41.11
C LEU B 164 8.04 -27.40 -41.94
N THR B 165 7.37 -26.42 -41.31
CA THR B 165 6.47 -25.53 -42.06
C THR B 165 7.23 -24.79 -43.16
N LYS B 166 8.37 -24.19 -42.81
CA LYS B 166 9.17 -23.45 -43.81
C LYS B 166 9.66 -24.41 -44.90
N ALA B 167 10.11 -25.60 -44.52
CA ALA B 167 10.70 -26.55 -45.48
C ALA B 167 9.62 -26.98 -46.46
N MET B 168 8.45 -27.35 -45.93
CA MET B 168 7.32 -27.75 -46.81
C MET B 168 6.90 -26.59 -47.69
N ALA B 169 6.84 -25.39 -47.17
CA ALA B 169 6.46 -24.22 -47.99
C ALA B 169 7.38 -24.13 -49.20
N LEU B 170 8.68 -24.25 -48.99
CA LEU B 170 9.62 -24.05 -50.12
C LEU B 170 9.55 -25.26 -51.05
N GLU B 171 9.58 -26.47 -50.48
CA GLU B 171 9.69 -27.72 -51.28
C GLU B 171 8.42 -27.97 -52.09
N LEU B 172 7.25 -27.52 -51.60
CA LEU B 172 5.98 -27.88 -52.27
C LEU B 172 5.45 -26.70 -53.11
N VAL B 173 6.25 -25.62 -53.21
CA VAL B 173 5.74 -24.37 -53.82
C VAL B 173 5.39 -24.57 -55.29
N ARG B 174 6.08 -25.44 -56.03
CA ARG B 174 5.78 -25.61 -57.47
C ARG B 174 4.41 -26.27 -57.66
N HIS B 175 3.87 -26.92 -56.63
CA HIS B 175 2.52 -27.55 -56.65
C HIS B 175 1.45 -26.55 -56.19
N LYS B 176 1.84 -25.35 -55.80
CA LYS B 176 0.90 -24.31 -55.31
C LYS B 176 0.24 -24.83 -54.02
N ILE B 177 1.00 -25.56 -53.21
CA ILE B 177 0.58 -25.95 -51.85
C ILE B 177 1.19 -24.91 -50.91
N LEU B 178 0.34 -24.08 -50.31
CA LEU B 178 0.71 -22.99 -49.42
C LEU B 178 0.80 -23.54 -48.01
N VAL B 179 1.89 -23.26 -47.34
CA VAL B 179 2.15 -23.87 -46.00
C VAL B 179 2.54 -22.75 -45.02
N ASN B 180 1.79 -22.64 -43.95
CA ASN B 180 2.01 -21.60 -42.93
C ASN B 180 1.72 -22.18 -41.56
N ALA B 181 2.22 -21.50 -40.54
CA ALA B 181 1.86 -21.78 -39.16
C ALA B 181 1.05 -20.63 -38.59
N VAL B 182 0.11 -20.98 -37.72
CA VAL B 182 -0.51 -19.99 -36.81
C VAL B 182 0.00 -20.34 -35.41
N ALA B 183 0.57 -19.36 -34.72
CA ALA B 183 1.31 -19.54 -33.46
C ALA B 183 0.55 -18.86 -32.34
N PRO B 184 -0.36 -19.58 -31.62
CA PRO B 184 -1.10 -18.95 -30.55
C PRO B 184 -0.26 -18.68 -29.31
N GLY B 185 -0.62 -17.60 -28.63
CA GLY B 185 -0.21 -17.36 -27.24
C GLY B 185 -1.10 -18.19 -26.31
N ALA B 186 -1.47 -17.58 -25.18
CA ALA B 186 -2.27 -18.24 -24.13
C ALA B 186 -3.74 -18.13 -24.51
N ILE B 187 -4.36 -19.26 -24.82
CA ILE B 187 -5.77 -19.35 -25.30
C ILE B 187 -6.63 -20.01 -24.23
N ALA B 188 -7.75 -19.36 -23.89
CA ALA B 188 -8.79 -19.93 -23.00
C ALA B 188 -9.57 -21.05 -23.73
N THR B 189 -9.73 -22.24 -23.13
CA THR B 189 -10.37 -23.39 -23.84
C THR B 189 -11.31 -24.17 -22.90
N ALA B 203 -8.95 -10.95 -15.39
CA ALA B 203 -7.84 -10.27 -16.11
C ALA B 203 -6.51 -10.98 -15.84
N GLU B 204 -5.63 -11.00 -16.85
CA GLU B 204 -4.33 -11.71 -16.87
C GLU B 204 -3.23 -10.67 -17.07
N PRO B 205 -2.66 -10.10 -15.98
CA PRO B 205 -1.80 -8.92 -16.11
C PRO B 205 -0.43 -9.21 -16.74
N SER B 206 0.00 -10.48 -16.75
CA SER B 206 1.24 -10.97 -17.41
C SER B 206 1.15 -10.76 -18.93
N ILE B 207 -0.04 -10.70 -19.51
CA ILE B 207 -0.22 -10.59 -20.99
C ILE B 207 -0.55 -9.14 -21.30
N PRO B 208 0.16 -8.48 -22.25
CA PRO B 208 -0.17 -7.09 -22.56
C PRO B 208 -1.66 -6.79 -22.76
N LEU B 209 -2.43 -7.60 -23.49
CA LEU B 209 -3.87 -7.32 -23.72
CA LEU B 209 -3.88 -7.34 -23.72
C LEU B 209 -4.71 -7.74 -22.49
N ARG B 210 -4.07 -8.32 -21.48
CA ARG B 210 -4.63 -8.54 -20.13
C ARG B 210 -5.73 -9.59 -20.13
N ARG B 211 -5.69 -10.51 -21.09
CA ARG B 211 -6.62 -11.65 -21.12
C ARG B 211 -5.98 -12.77 -21.93
N PHE B 212 -6.56 -13.96 -21.80
CA PHE B 212 -6.29 -15.08 -22.71
C PHE B 212 -7.03 -14.81 -24.03
N GLY B 213 -6.52 -15.40 -25.11
CA GLY B 213 -7.18 -15.35 -26.42
C GLY B 213 -8.40 -16.27 -26.43
N ALA B 214 -9.30 -16.02 -27.35
CA ALA B 214 -10.46 -16.87 -27.63
C ALA B 214 -10.11 -17.87 -28.73
N THR B 215 -10.65 -19.06 -28.69
CA THR B 215 -10.39 -20.06 -29.75
C THR B 215 -10.78 -19.47 -31.11
N HIS B 216 -11.81 -18.62 -31.19
CA HIS B 216 -12.24 -18.06 -32.51
C HIS B 216 -11.22 -17.04 -33.00
N GLU B 217 -10.40 -16.48 -32.11
CA GLU B 217 -9.35 -15.52 -32.54
C GLU B 217 -8.15 -16.24 -33.19
N ILE B 218 -8.05 -17.54 -33.03
CA ILE B 218 -7.11 -18.40 -33.79
C ILE B 218 -7.81 -18.93 -35.05
N ALA B 219 -8.97 -19.53 -34.90
CA ALA B 219 -9.70 -20.13 -36.02
C ALA B 219 -10.03 -19.09 -37.09
N SER B 220 -10.30 -17.84 -36.70
CA SER B 220 -10.60 -16.74 -37.65
C SER B 220 -9.43 -16.56 -38.63
N LEU B 221 -8.21 -16.65 -38.11
CA LEU B 221 -7.01 -16.47 -38.97
C LEU B 221 -6.83 -17.71 -39.85
N VAL B 222 -7.12 -18.89 -39.32
CA VAL B 222 -7.05 -20.11 -40.13
C VAL B 222 -8.05 -19.98 -41.29
N VAL B 223 -9.26 -19.49 -41.05
CA VAL B 223 -10.25 -19.27 -42.15
C VAL B 223 -9.66 -18.30 -43.18
N TRP B 224 -9.05 -17.22 -42.72
CA TRP B 224 -8.47 -16.26 -43.67
C TRP B 224 -7.45 -16.98 -44.56
N LEU B 225 -6.59 -17.79 -43.96
CA LEU B 225 -5.53 -18.51 -44.70
C LEU B 225 -6.14 -19.49 -45.70
N CYS B 226 -7.42 -19.87 -45.52
CA CYS B 226 -8.13 -20.75 -46.48
C CYS B 226 -8.89 -19.97 -47.54
N SER B 227 -8.78 -18.66 -47.55
CA SER B 227 -9.48 -17.81 -48.54
C SER B 227 -8.56 -17.53 -49.73
N GLU B 228 -9.14 -17.12 -50.84
CA GLU B 228 -8.39 -16.76 -52.05
C GLU B 228 -7.51 -15.54 -51.76
N GLY B 229 -7.92 -14.67 -50.85
CA GLY B 229 -7.07 -13.51 -50.52
C GLY B 229 -5.72 -13.90 -49.93
N ALA B 230 -5.60 -15.09 -49.34
CA ALA B 230 -4.35 -15.61 -48.76
C ALA B 230 -3.49 -16.33 -49.80
N ASN B 231 -3.78 -16.19 -51.09
CA ASN B 231 -3.08 -17.01 -52.11
C ASN B 231 -1.60 -16.62 -52.29
N TYR B 232 -1.15 -15.50 -51.72
CA TYR B 232 0.28 -15.08 -51.84
C TYR B 232 1.04 -15.32 -50.52
N THR B 233 0.41 -15.98 -49.54
CA THR B 233 1.03 -16.15 -48.20
C THR B 233 1.57 -17.58 -48.09
N THR B 234 2.87 -17.74 -47.90
CA THR B 234 3.45 -19.07 -47.69
C THR B 234 4.76 -18.93 -46.94
N GLY B 235 5.04 -19.89 -46.09
CA GLY B 235 6.30 -20.00 -45.35
C GLY B 235 6.34 -19.18 -44.08
N GLN B 236 5.19 -18.68 -43.60
CA GLN B 236 5.20 -17.75 -42.46
C GLN B 236 4.62 -18.40 -41.20
N SER B 237 4.89 -17.78 -40.08
CA SER B 237 4.38 -18.13 -38.75
C SER B 237 3.69 -16.89 -38.22
N LEU B 238 2.37 -16.92 -38.21
CA LEU B 238 1.54 -15.76 -37.84
CA LEU B 238 1.56 -15.75 -37.85
C LEU B 238 1.17 -15.88 -36.37
N ILE B 239 1.69 -14.96 -35.57
CA ILE B 239 1.62 -15.03 -34.10
C ILE B 239 0.39 -14.28 -33.62
N VAL B 240 -0.46 -14.99 -32.87
CA VAL B 240 -1.72 -14.43 -32.32
C VAL B 240 -1.66 -14.58 -30.82
N ASP B 241 -1.21 -13.53 -30.10
CA ASP B 241 -0.71 -13.75 -28.72
C ASP B 241 -1.02 -12.59 -27.77
N GLY B 242 -1.84 -11.63 -28.16
CA GLY B 242 -2.17 -10.55 -27.21
C GLY B 242 -0.94 -9.76 -26.80
N GLY B 243 0.12 -9.78 -27.61
CA GLY B 243 1.34 -9.03 -27.26
C GLY B 243 2.36 -9.78 -26.43
N PHE B 244 2.12 -11.05 -26.14
CA PHE B 244 3.01 -11.90 -25.31
C PHE B 244 4.48 -11.70 -25.69
N MET B 245 4.78 -11.74 -27.00
CA MET B 245 6.15 -11.72 -27.56
C MET B 245 6.80 -10.35 -27.25
N LEU B 246 6.01 -9.28 -27.08
CA LEU B 246 6.52 -7.91 -26.82
C LEU B 246 6.97 -7.74 -25.37
N ALA B 247 6.50 -8.59 -24.48
CA ALA B 247 6.66 -8.45 -23.03
C ALA B 247 8.05 -8.96 -22.65
N ASN B 248 9.05 -8.10 -22.74
CA ASN B 248 10.47 -8.36 -22.34
C ASN B 248 10.65 -7.92 -20.89
N PRO B 249 11.83 -8.12 -20.24
CA PRO B 249 12.03 -7.65 -18.85
C PRO B 249 11.65 -6.19 -18.54
N GLN B 250 11.51 -5.35 -19.58
CA GLN B 250 11.10 -3.92 -19.45
C GLN B 250 9.57 -3.71 -19.47
N PHE B 251 8.75 -4.71 -19.83
CA PHE B 251 7.26 -4.61 -19.78
C PHE B 251 6.79 -4.40 -18.33
N ALA C 3 -42.63 -22.61 4.86
CA ALA C 3 -41.55 -23.40 4.18
C ALA C 3 -40.19 -23.11 4.82
N GLN C 4 -39.40 -24.15 4.99
CA GLN C 4 -37.93 -24.05 5.21
C GLN C 4 -37.34 -23.19 4.09
N VAL C 5 -36.18 -22.61 4.38
CA VAL C 5 -35.43 -21.78 3.40
C VAL C 5 -34.00 -22.34 3.22
N ALA C 6 -33.59 -22.49 1.96
CA ALA C 6 -32.22 -22.89 1.59
C ALA C 6 -31.62 -21.77 0.74
N ILE C 7 -30.40 -21.35 1.09
CA ILE C 7 -29.68 -20.33 0.31
C ILE C 7 -28.44 -20.97 -0.25
N ILE C 8 -28.24 -20.78 -1.55
CA ILE C 8 -27.05 -21.31 -2.28
C ILE C 8 -26.18 -20.11 -2.66
N THR C 9 -25.00 -19.99 -2.06
CA THR C 9 -24.09 -18.83 -2.21
C THR C 9 -23.08 -19.13 -3.28
N ALA C 10 -22.70 -18.10 -4.03
CA ALA C 10 -21.76 -18.20 -5.17
C ALA C 10 -22.34 -19.20 -6.16
N SER C 11 -23.62 -19.06 -6.51
CA SER C 11 -24.29 -20.05 -7.37
C SER C 11 -23.70 -19.99 -8.79
N ASP C 12 -23.91 -21.07 -9.51
CA ASP C 12 -23.45 -21.24 -10.91
C ASP C 12 -24.52 -22.03 -11.67
N SER C 13 -24.33 -22.24 -12.98
CA SER C 13 -25.27 -23.00 -13.83
C SER C 13 -25.05 -24.51 -13.67
N GLY C 14 -24.20 -24.91 -12.72
CA GLY C 14 -23.82 -26.31 -12.51
C GLY C 14 -24.36 -26.81 -11.19
N ILE C 15 -23.47 -27.10 -10.26
CA ILE C 15 -23.84 -27.67 -8.93
C ILE C 15 -24.80 -26.72 -8.24
N GLY C 16 -24.54 -25.42 -8.26
CA GLY C 16 -25.38 -24.50 -7.48
C GLY C 16 -26.83 -24.51 -7.97
N LYS C 17 -27.02 -24.36 -9.27
CA LYS C 17 -28.35 -24.43 -9.91
C LYS C 17 -29.03 -25.76 -9.53
N GLU C 18 -28.32 -26.87 -9.66
CA GLU C 18 -28.97 -28.19 -9.44
CA GLU C 18 -28.97 -28.19 -9.44
C GLU C 18 -29.38 -28.32 -7.97
N CYS C 19 -28.55 -27.82 -7.03
CA CYS C 19 -28.95 -27.80 -5.60
C CYS C 19 -30.23 -26.94 -5.44
N ALA C 20 -30.30 -25.77 -6.04
CA ALA C 20 -31.50 -24.90 -5.95
C ALA C 20 -32.74 -25.65 -6.46
N LEU C 21 -32.62 -26.31 -7.60
CA LEU C 21 -33.80 -26.95 -8.23
C LEU C 21 -34.25 -28.18 -7.43
N LEU C 22 -33.31 -28.98 -6.95
CA LEU C 22 -33.69 -30.21 -6.22
C LEU C 22 -34.24 -29.84 -4.85
N LEU C 23 -33.72 -28.80 -4.22
CA LEU C 23 -34.25 -28.34 -2.90
C LEU C 23 -35.62 -27.69 -3.08
N ALA C 24 -35.82 -26.97 -4.16
CA ALA C 24 -37.16 -26.39 -4.45
C ALA C 24 -38.19 -27.53 -4.51
N GLN C 25 -37.78 -28.67 -5.08
CA GLN C 25 -38.63 -29.86 -5.27
CA GLN C 25 -38.69 -29.82 -5.27
C GLN C 25 -38.90 -30.59 -3.94
N GLN C 26 -38.14 -30.27 -2.90
CA GLN C 26 -38.33 -30.82 -1.53
C GLN C 26 -39.07 -29.81 -0.64
N GLY C 27 -39.58 -28.71 -1.21
CA GLY C 27 -40.42 -27.75 -0.48
C GLY C 27 -39.66 -26.58 0.13
N PHE C 28 -38.38 -26.39 -0.18
CA PHE C 28 -37.60 -25.26 0.32
C PHE C 28 -37.87 -24.02 -0.54
N ASP C 29 -38.16 -22.90 0.11
CA ASP C 29 -37.99 -21.57 -0.51
C ASP C 29 -36.47 -21.38 -0.76
N ILE C 30 -36.13 -20.74 -1.88
CA ILE C 30 -34.71 -20.67 -2.33
C ILE C 30 -34.20 -19.24 -2.35
N GLY C 31 -33.03 -19.05 -1.74
CA GLY C 31 -32.22 -17.86 -2.03
C GLY C 31 -31.01 -18.21 -2.86
N ILE C 32 -30.66 -17.32 -3.78
CA ILE C 32 -29.44 -17.48 -4.61
C ILE C 32 -28.57 -16.24 -4.43
N THR C 33 -27.27 -16.38 -4.08
CA THR C 33 -26.30 -15.27 -4.25
C THR C 33 -25.41 -15.56 -5.45
N TRP C 34 -25.11 -14.53 -6.22
CA TRP C 34 -24.20 -14.65 -7.39
C TRP C 34 -22.99 -13.71 -7.24
N HIS C 35 -21.79 -14.26 -7.48
CA HIS C 35 -20.52 -13.49 -7.64
C HIS C 35 -20.21 -13.33 -9.13
N SER C 36 -20.59 -14.34 -9.93
CA SER C 36 -20.62 -14.24 -11.41
C SER C 36 -21.92 -14.82 -11.99
N ASP C 37 -22.18 -14.58 -13.27
CA ASP C 37 -23.29 -15.15 -14.07
C ASP C 37 -24.64 -14.71 -13.47
N GLU C 38 -24.91 -13.41 -13.48
CA GLU C 38 -26.22 -12.85 -13.01
C GLU C 38 -27.39 -13.43 -13.81
N GLU C 39 -27.28 -13.56 -15.13
CA GLU C 39 -28.42 -14.03 -15.96
C GLU C 39 -28.77 -15.47 -15.59
N GLY C 40 -27.78 -16.28 -15.22
CA GLY C 40 -27.99 -17.69 -14.83
C GLY C 40 -28.78 -17.79 -13.54
N ALA C 41 -28.51 -16.88 -12.60
CA ALA C 41 -29.22 -16.75 -11.31
C ALA C 41 -30.70 -16.48 -11.57
N LYS C 42 -31.02 -15.53 -12.46
CA LYS C 42 -32.44 -15.20 -12.79
C LYS C 42 -33.15 -16.40 -13.41
N ASP C 43 -32.48 -17.18 -14.27
CA ASP C 43 -33.06 -18.37 -14.93
C ASP C 43 -33.36 -19.45 -13.88
N THR C 44 -32.45 -19.64 -12.93
CA THR C 44 -32.64 -20.59 -11.81
C THR C 44 -33.88 -20.20 -11.02
N ALA C 45 -34.00 -18.91 -10.68
CA ALA C 45 -35.11 -18.38 -9.86
C ALA C 45 -36.44 -18.71 -10.54
N ARG C 46 -36.51 -18.49 -11.85
CA ARG C 46 -37.75 -18.68 -12.64
C ARG C 46 -38.12 -20.17 -12.60
N GLU C 47 -37.12 -21.05 -12.73
CA GLU C 47 -37.34 -22.52 -12.68
C GLU C 47 -37.75 -22.93 -11.26
N VAL C 48 -37.16 -22.32 -10.23
CA VAL C 48 -37.51 -22.69 -8.82
C VAL C 48 -39.00 -22.39 -8.56
N VAL C 49 -39.48 -21.23 -9.00
CA VAL C 49 -40.87 -20.77 -8.69
C VAL C 49 -41.90 -21.73 -9.32
N SER C 50 -41.56 -22.43 -10.40
CA SER C 50 -42.46 -23.41 -11.07
C SER C 50 -42.83 -24.56 -10.13
N HIS C 51 -42.05 -24.78 -9.06
CA HIS C 51 -42.20 -25.88 -8.09
C HIS C 51 -43.09 -25.45 -6.92
N GLY C 52 -43.60 -24.22 -6.97
CA GLY C 52 -44.58 -23.69 -6.00
C GLY C 52 -43.95 -23.15 -4.75
N VAL C 53 -42.66 -22.80 -4.80
CA VAL C 53 -41.92 -22.14 -3.68
C VAL C 53 -41.39 -20.78 -4.14
N ARG C 54 -40.89 -20.00 -3.20
CA ARG C 54 -40.33 -18.67 -3.48
C ARG C 54 -38.88 -18.80 -3.98
N ALA C 55 -38.48 -17.82 -4.79
CA ALA C 55 -37.04 -17.61 -5.11
C ALA C 55 -36.72 -16.13 -4.93
N GLU C 56 -35.64 -15.86 -4.21
CA GLU C 56 -35.06 -14.49 -4.10
C GLU C 56 -33.59 -14.54 -4.48
N ILE C 57 -33.10 -13.53 -5.20
CA ILE C 57 -31.66 -13.50 -5.55
C ILE C 57 -31.06 -12.17 -5.09
N VAL C 58 -29.76 -12.20 -4.77
CA VAL C 58 -28.93 -10.98 -4.60
C VAL C 58 -27.56 -11.21 -5.24
N GLN C 59 -26.88 -10.12 -5.57
CA GLN C 59 -25.44 -10.18 -5.91
C GLN C 59 -24.65 -10.23 -4.61
N LEU C 60 -23.67 -11.13 -4.48
CA LEU C 60 -22.73 -11.09 -3.33
C LEU C 60 -21.32 -11.10 -3.93
N ASP C 61 -20.70 -9.93 -3.93
CA ASP C 61 -19.44 -9.65 -4.67
C ASP C 61 -18.23 -10.04 -3.82
N LEU C 62 -17.55 -11.11 -4.19
CA LEU C 62 -16.36 -11.57 -3.42
C LEU C 62 -15.14 -10.68 -3.70
N GLY C 63 -15.26 -9.69 -4.58
CA GLY C 63 -14.23 -8.65 -4.82
C GLY C 63 -14.40 -7.46 -3.89
N ASN C 64 -15.39 -7.50 -3.01
CA ASN C 64 -15.69 -6.41 -2.05
C ASN C 64 -15.91 -6.97 -0.63
N LEU C 65 -15.09 -7.94 -0.18
CA LEU C 65 -15.19 -8.44 1.21
C LEU C 65 -14.45 -7.49 2.15
N PRO C 66 -14.96 -7.32 3.40
CA PRO C 66 -16.14 -8.04 3.89
C PRO C 66 -17.53 -7.44 3.58
N GLU C 67 -17.57 -6.20 3.12
CA GLU C 67 -18.83 -5.40 3.09
C GLU C 67 -19.82 -6.10 2.16
N GLY C 68 -19.34 -6.67 1.04
CA GLY C 68 -20.17 -7.35 0.04
C GLY C 68 -20.98 -8.50 0.65
N ALA C 69 -20.47 -9.20 1.66
CA ALA C 69 -21.19 -10.32 2.29
C ALA C 69 -22.51 -9.87 2.91
N LEU C 70 -22.72 -8.58 3.18
CA LEU C 70 -23.94 -8.08 3.86
C LEU C 70 -25.16 -8.34 2.97
N ALA C 71 -24.97 -8.53 1.67
CA ALA C 71 -26.05 -8.91 0.73
C ALA C 71 -26.76 -10.18 1.22
N LEU C 72 -26.04 -11.09 1.88
CA LEU C 72 -26.67 -12.32 2.41
C LEU C 72 -27.63 -11.96 3.56
N GLU C 73 -27.33 -10.96 4.38
CA GLU C 73 -28.25 -10.54 5.46
C GLU C 73 -29.57 -10.07 4.83
N LYS C 74 -29.50 -9.28 3.75
CA LYS C 74 -30.69 -8.76 3.01
C LYS C 74 -31.51 -9.93 2.44
N LEU C 75 -30.82 -10.92 1.90
CA LEU C 75 -31.49 -12.08 1.28
C LEU C 75 -32.20 -12.88 2.38
N ILE C 76 -31.55 -13.15 3.49
CA ILE C 76 -32.19 -13.89 4.61
C ILE C 76 -33.42 -13.09 5.08
N GLN C 77 -33.32 -11.78 5.27
CA GLN C 77 -34.45 -10.92 5.68
CA GLN C 77 -34.49 -11.00 5.74
C GLN C 77 -35.62 -11.14 4.70
N ARG C 78 -35.32 -11.12 3.41
CA ARG C 78 -36.38 -11.21 2.36
C ARG C 78 -37.03 -12.59 2.38
N LEU C 79 -36.33 -13.61 2.81
CA LEU C 79 -36.90 -14.98 2.86
C LEU C 79 -37.46 -15.29 4.24
N GLY C 80 -37.13 -14.48 5.24
CA GLY C 80 -37.75 -14.52 6.58
C GLY C 80 -37.02 -15.40 7.56
N ARG C 81 -36.12 -16.24 7.07
CA ARG C 81 -35.40 -17.26 7.90
C ARG C 81 -34.35 -17.93 7.03
N ILE C 82 -33.48 -18.69 7.65
CA ILE C 82 -32.59 -19.61 6.88
C ILE C 82 -32.51 -20.92 7.64
N ASP C 83 -32.72 -22.03 6.91
CA ASP C 83 -32.55 -23.38 7.48
C ASP C 83 -31.30 -24.06 6.95
N VAL C 84 -30.93 -23.74 5.72
CA VAL C 84 -29.82 -24.39 4.98
C VAL C 84 -29.01 -23.30 4.29
N LEU C 85 -27.70 -23.33 4.49
CA LEU C 85 -26.73 -22.59 3.67
C LEU C 85 -25.88 -23.59 2.91
N VAL C 86 -25.85 -23.45 1.61
CA VAL C 86 -24.95 -24.25 0.73
C VAL C 86 -23.91 -23.29 0.17
N ASN C 87 -22.67 -23.40 0.64
CA ASN C 87 -21.57 -22.57 0.11
C ASN C 87 -21.00 -23.27 -1.12
N ASN C 88 -21.43 -22.84 -2.30
CA ASN C 88 -21.00 -23.46 -3.57
C ASN C 88 -19.57 -23.04 -3.91
N ALA C 89 -18.88 -23.91 -4.64
CA ALA C 89 -17.46 -23.73 -5.00
C ALA C 89 -17.37 -23.06 -6.37
N GLY C 90 -16.55 -22.03 -6.47
CA GLY C 90 -16.23 -21.41 -7.76
C GLY C 90 -15.22 -22.21 -8.58
N ALA C 91 -14.84 -21.65 -9.73
CA ALA C 91 -13.88 -22.26 -10.66
C ALA C 91 -12.54 -22.47 -9.95
N MET C 92 -11.87 -23.52 -10.34
CA MET C 92 -10.49 -23.80 -9.89
C MET C 92 -9.57 -22.89 -10.69
N THR C 93 -8.61 -22.28 -10.01
CA THR C 93 -7.52 -21.45 -10.56
C THR C 93 -6.21 -22.21 -10.37
N LYS C 94 -5.51 -22.48 -11.45
CA LYS C 94 -4.15 -23.08 -11.46
C LYS C 94 -3.11 -21.97 -11.56
N ALA C 95 -2.01 -22.12 -10.84
CA ALA C 95 -0.84 -21.23 -10.94
C ALA C 95 0.36 -21.95 -10.36
N PRO C 96 1.50 -22.02 -11.08
CA PRO C 96 2.68 -22.70 -10.58
C PRO C 96 3.11 -22.11 -9.23
N PHE C 97 3.55 -22.99 -8.35
CA PHE C 97 3.96 -22.63 -6.98
C PHE C 97 5.17 -21.70 -6.98
N LEU C 98 6.22 -22.00 -7.72
CA LEU C 98 7.48 -21.22 -7.62
C LEU C 98 7.26 -19.76 -8.04
N ASP C 99 6.31 -19.50 -8.95
CA ASP C 99 6.19 -18.20 -9.67
C ASP C 99 4.97 -17.41 -9.17
N MET C 100 4.14 -18.00 -8.32
CA MET C 100 2.83 -17.42 -8.01
C MET C 100 2.99 -16.07 -7.30
N ALA C 101 2.33 -15.04 -7.82
CA ALA C 101 2.27 -13.72 -7.16
C ALA C 101 1.51 -13.83 -5.83
N PHE C 102 1.92 -13.07 -4.83
CA PHE C 102 1.26 -13.13 -3.52
C PHE C 102 -0.20 -12.66 -3.65
N ASP C 103 -0.50 -11.66 -4.47
CA ASP C 103 -1.90 -11.19 -4.62
CA ASP C 103 -1.88 -11.18 -4.68
C ASP C 103 -2.77 -12.31 -5.20
N GLU C 104 -2.23 -13.17 -6.09
CA GLU C 104 -2.91 -14.35 -6.70
CA GLU C 104 -3.02 -14.28 -6.65
C GLU C 104 -3.24 -15.37 -5.60
N TRP C 105 -2.25 -15.66 -4.77
CA TRP C 105 -2.41 -16.56 -3.61
C TRP C 105 -3.57 -16.03 -2.75
N ARG C 106 -3.56 -14.76 -2.41
CA ARG C 106 -4.56 -14.20 -1.47
CA ARG C 106 -4.56 -14.16 -1.48
C ARG C 106 -5.93 -14.18 -2.16
N LYS C 107 -5.98 -13.93 -3.45
CA LYS C 107 -7.29 -13.84 -4.18
C LYS C 107 -7.98 -15.20 -4.12
N ILE C 108 -7.20 -16.28 -4.25
CA ILE C 108 -7.79 -17.64 -4.20
C ILE C 108 -8.35 -17.87 -2.78
N PHE C 109 -7.64 -17.49 -1.73
CA PHE C 109 -8.20 -17.61 -0.36
C PHE C 109 -9.43 -16.73 -0.20
N THR C 110 -9.44 -15.54 -0.78
CA THR C 110 -10.61 -14.64 -0.66
C THR C 110 -11.83 -15.35 -1.23
N VAL C 111 -11.72 -15.84 -2.46
CA VAL C 111 -12.89 -16.37 -3.22
C VAL C 111 -13.24 -17.76 -2.68
N ASP C 112 -12.26 -18.59 -2.29
CA ASP C 112 -12.51 -20.02 -2.00
C ASP C 112 -12.65 -20.31 -0.49
N VAL C 113 -12.30 -19.40 0.43
CA VAL C 113 -12.45 -19.61 1.91
CA VAL C 113 -12.62 -19.68 1.86
C VAL C 113 -13.15 -18.43 2.55
N ASP C 114 -12.66 -17.22 2.28
CA ASP C 114 -13.14 -16.04 3.05
C ASP C 114 -14.62 -15.79 2.79
N GLY C 115 -15.07 -15.98 1.54
CA GLY C 115 -16.50 -15.84 1.21
C GLY C 115 -17.33 -16.81 2.03
N ALA C 116 -16.95 -18.08 2.03
CA ALA C 116 -17.66 -19.13 2.79
C ALA C 116 -17.62 -18.80 4.28
N PHE C 117 -16.51 -18.32 4.81
CA PHE C 117 -16.39 -17.91 6.23
C PHE C 117 -17.46 -16.86 6.57
N LEU C 118 -17.48 -15.77 5.83
CA LEU C 118 -18.39 -14.64 6.16
C LEU C 118 -19.84 -15.09 5.97
N CYS C 119 -20.13 -15.86 4.92
CA CYS C 119 -21.52 -16.33 4.65
C CYS C 119 -21.94 -17.27 5.78
N SER C 120 -21.08 -18.20 6.17
CA SER C 120 -21.33 -19.13 7.28
C SER C 120 -21.60 -18.36 8.57
N GLN C 121 -20.82 -17.32 8.88
CA GLN C 121 -21.05 -16.56 10.12
C GLN C 121 -22.46 -15.95 10.08
N ILE C 122 -22.80 -15.30 8.97
CA ILE C 122 -24.12 -14.61 8.87
C ILE C 122 -25.24 -15.65 9.02
N ALA C 123 -25.13 -16.79 8.35
CA ALA C 123 -26.18 -17.81 8.38
C ALA C 123 -26.29 -18.38 9.80
N ALA C 124 -25.15 -18.73 10.41
CA ALA C 124 -25.11 -19.37 11.74
C ALA C 124 -25.70 -18.40 12.76
N ARG C 125 -25.39 -17.11 12.67
CA ARG C 125 -25.99 -16.14 13.62
C ARG C 125 -27.52 -16.19 13.54
N GLN C 126 -28.06 -16.22 12.33
CA GLN C 126 -29.52 -16.23 12.15
C GLN C 126 -30.07 -17.57 12.62
N MET C 127 -29.39 -18.67 12.33
CA MET C 127 -29.86 -19.98 12.82
C MET C 127 -29.89 -19.99 14.35
N VAL C 128 -28.90 -19.42 14.99
CA VAL C 128 -28.85 -19.39 16.47
C VAL C 128 -30.06 -18.58 16.97
N LYS C 129 -30.32 -17.43 16.37
CA LYS C 129 -31.43 -16.54 16.81
CA LYS C 129 -31.43 -16.53 16.76
C LYS C 129 -32.76 -17.29 16.61
N GLN C 130 -32.93 -18.01 15.52
CA GLN C 130 -34.18 -18.78 15.27
C GLN C 130 -34.39 -19.83 16.35
N GLY C 131 -33.33 -20.53 16.75
CA GLY C 131 -33.35 -21.54 17.83
C GLY C 131 -33.93 -22.86 17.36
N GLN C 132 -33.87 -23.15 16.06
CA GLN C 132 -34.55 -24.32 15.43
C GLN C 132 -33.51 -25.19 14.71
N GLY C 133 -32.22 -24.98 14.99
CA GLY C 133 -31.16 -25.71 14.30
C GLY C 133 -30.94 -25.22 12.88
N GLY C 134 -30.08 -25.91 12.17
CA GLY C 134 -29.79 -25.53 10.79
C GLY C 134 -28.78 -26.46 10.17
N ARG C 135 -28.43 -26.18 8.92
CA ARG C 135 -27.47 -26.97 8.15
C ARG C 135 -26.59 -25.98 7.38
N ILE C 136 -25.28 -26.20 7.44
CA ILE C 136 -24.30 -25.49 6.58
C ILE C 136 -23.55 -26.58 5.81
N ILE C 137 -23.59 -26.50 4.49
CA ILE C 137 -22.99 -27.52 3.61
C ILE C 137 -21.99 -26.77 2.73
N ASN C 138 -20.72 -27.12 2.89
CA ASN C 138 -19.64 -26.51 2.09
C ASN C 138 -19.28 -27.41 0.92
N ILE C 139 -19.37 -26.89 -0.30
CA ILE C 139 -18.89 -27.62 -1.49
C ILE C 139 -17.39 -27.42 -1.52
N THR C 140 -16.64 -28.50 -1.28
CA THR C 140 -15.16 -28.41 -1.35
C THR C 140 -14.69 -29.06 -2.65
N SER C 141 -13.99 -30.17 -2.54
CA SER C 141 -13.29 -30.84 -3.65
C SER C 141 -12.59 -32.05 -3.08
N VAL C 142 -12.29 -33.03 -3.94
CA VAL C 142 -11.27 -34.04 -3.58
C VAL C 142 -9.99 -33.36 -3.15
N HIS C 143 -9.75 -32.14 -3.62
CA HIS C 143 -8.49 -31.41 -3.28
C HIS C 143 -8.55 -30.76 -1.90
N GLU C 144 -9.62 -31.00 -1.13
CA GLU C 144 -9.61 -30.86 0.35
C GLU C 144 -8.64 -31.89 0.95
N HIS C 145 -8.37 -32.97 0.20
CA HIS C 145 -7.71 -34.19 0.76
C HIS C 145 -6.42 -34.57 0.02
N THR C 146 -6.39 -34.42 -1.29
CA THR C 146 -5.26 -34.85 -2.14
C THR C 146 -4.86 -33.67 -3.01
N PRO C 147 -3.56 -33.46 -3.27
CA PRO C 147 -3.18 -32.27 -3.99
C PRO C 147 -3.40 -32.30 -5.50
N LEU C 148 -3.50 -31.11 -6.06
CA LEU C 148 -3.14 -30.93 -7.47
CA LEU C 148 -3.42 -30.86 -7.52
C LEU C 148 -1.63 -30.86 -7.55
C LEU C 148 -2.03 -30.38 -8.00
N PRO C 149 -1.17 -31.15 -8.75
CA PRO C 149 0.26 -30.97 -9.06
CA PRO C 149 0.28 -30.90 -8.86
C PRO C 149 0.72 -29.54 -9.40
N ASP C 150 -0.25 -28.65 -9.74
CA ASP C 150 -0.01 -27.29 -10.30
C ASP C 150 -1.05 -26.27 -9.80
N ALA C 151 -1.60 -26.47 -8.62
CA ALA C 151 -2.68 -25.62 -8.07
C ALA C 151 -2.58 -25.65 -6.54
N SER C 152 -1.46 -25.17 -6.02
CA SER C 152 -1.13 -25.20 -4.58
C SER C 152 -2.08 -24.31 -3.81
N ALA C 153 -2.41 -23.13 -4.32
CA ALA C 153 -3.31 -22.19 -3.61
C ALA C 153 -4.72 -22.81 -3.52
N TYR C 154 -5.21 -23.36 -4.63
CA TYR C 154 -6.55 -23.99 -4.65
C TYR C 154 -6.57 -25.16 -3.66
N THR C 155 -5.52 -25.99 -3.65
CA THR C 155 -5.42 -27.13 -2.73
C THR C 155 -5.45 -26.61 -1.28
N ALA C 156 -4.59 -25.65 -0.96
CA ALA C 156 -4.50 -25.10 0.40
C ALA C 156 -5.83 -24.50 0.84
N ALA C 157 -6.51 -23.80 -0.04
CA ALA C 157 -7.77 -23.12 0.31
C ALA C 157 -8.88 -24.19 0.49
N LYS C 158 -8.90 -25.27 -0.30
CA LYS C 158 -9.89 -26.33 -0.09
CA LYS C 158 -9.90 -26.34 -0.10
C LYS C 158 -9.63 -27.00 1.25
N HIS C 159 -8.38 -27.25 1.58
CA HIS C 159 -8.03 -27.80 2.90
C HIS C 159 -8.56 -26.85 3.98
N ALA C 160 -8.32 -25.54 3.83
CA ALA C 160 -8.76 -24.54 4.81
C ALA C 160 -10.28 -24.65 5.02
N LEU C 161 -11.03 -24.74 3.93
CA LEU C 161 -12.50 -24.82 4.03
C LEU C 161 -12.87 -26.16 4.70
N GLY C 162 -12.11 -27.25 4.47
CA GLY C 162 -12.35 -28.50 5.21
C GLY C 162 -12.14 -28.32 6.71
N GLY C 163 -11.09 -27.61 7.10
CA GLY C 163 -10.82 -27.30 8.52
C GLY C 163 -11.92 -26.46 9.12
N LEU C 164 -12.34 -25.42 8.40
CA LEU C 164 -13.42 -24.55 8.89
C LEU C 164 -14.71 -25.37 9.06
N THR C 165 -14.98 -26.32 8.18
CA THR C 165 -16.16 -27.21 8.26
C THR C 165 -16.11 -27.92 9.62
N LYS C 166 -15.00 -28.60 9.92
CA LYS C 166 -14.88 -29.34 11.20
C LYS C 166 -15.03 -28.39 12.38
N ALA C 167 -14.39 -27.23 12.35
CA ALA C 167 -14.40 -26.31 13.48
C ALA C 167 -15.83 -25.78 13.68
N MET C 168 -16.51 -25.37 12.62
CA MET C 168 -17.91 -24.90 12.76
C MET C 168 -18.79 -26.05 13.27
N ALA C 169 -18.58 -27.28 12.80
CA ALA C 169 -19.40 -28.42 13.26
C ALA C 169 -19.26 -28.55 14.76
N LEU C 170 -18.04 -28.49 15.29
CA LEU C 170 -17.84 -28.70 16.74
C LEU C 170 -18.40 -27.49 17.49
N GLU C 171 -18.07 -26.29 17.03
CA GLU C 171 -18.37 -25.07 17.81
C GLU C 171 -19.87 -24.77 17.81
N LEU C 172 -20.63 -25.14 16.78
CA LEU C 172 -22.06 -24.81 16.62
C LEU C 172 -22.96 -25.97 17.06
N VAL C 173 -22.40 -27.06 17.56
CA VAL C 173 -23.15 -28.32 17.78
C VAL C 173 -24.21 -28.11 18.86
N ARG C 174 -23.98 -27.26 19.84
CA ARG C 174 -24.97 -27.05 20.94
C ARG C 174 -26.23 -26.37 20.37
N HIS C 175 -26.12 -25.72 19.20
CA HIS C 175 -27.23 -25.01 18.50
C HIS C 175 -27.91 -25.95 17.50
N LYS C 176 -27.43 -27.20 17.40
CA LYS C 176 -27.97 -28.22 16.47
C LYS C 176 -27.82 -27.67 15.05
N ILE C 177 -26.72 -26.97 14.79
CA ILE C 177 -26.36 -26.57 13.41
C ILE C 177 -25.38 -27.62 12.92
N LEU C 178 -25.79 -28.38 11.90
CA LEU C 178 -25.01 -29.51 11.36
C LEU C 178 -24.17 -28.96 10.20
N VAL C 179 -22.87 -29.27 10.23
CA VAL C 179 -21.92 -28.65 9.25
C VAL C 179 -21.15 -29.78 8.59
N ASN C 180 -21.23 -29.86 7.29
CA ASN C 180 -20.53 -30.89 6.52
C ASN C 180 -19.99 -30.30 5.23
N ALA C 181 -19.04 -31.02 4.64
CA ALA C 181 -18.55 -30.74 3.28
C ALA C 181 -19.02 -31.85 2.34
N VAL C 182 -19.38 -31.49 1.13
CA VAL C 182 -19.47 -32.44 0.01
C VAL C 182 -18.29 -32.11 -0.90
N ALA C 183 -17.45 -33.12 -1.14
CA ALA C 183 -16.16 -32.99 -1.83
C ALA C 183 -16.26 -33.64 -3.20
N PRO C 184 -16.58 -32.87 -4.27
CA PRO C 184 -16.69 -33.48 -5.58
C PRO C 184 -15.32 -33.82 -6.18
N GLY C 185 -15.34 -34.85 -7.02
CA GLY C 185 -14.27 -35.12 -7.98
C GLY C 185 -14.45 -34.27 -9.20
N ALA C 186 -14.21 -34.85 -10.35
CA ALA C 186 -14.30 -34.17 -11.66
C ALA C 186 -15.76 -34.23 -12.10
N ILE C 187 -16.43 -33.07 -12.10
CA ILE C 187 -17.88 -32.96 -12.42
C ILE C 187 -18.04 -32.25 -13.75
N ALA C 188 -18.93 -32.76 -14.60
CA ALA C 188 -19.31 -32.13 -15.89
C ALA C 188 -20.21 -30.93 -15.60
N THR C 189 -19.82 -29.73 -16.07
CA THR C 189 -20.59 -28.47 -15.89
C THR C 189 -20.99 -27.90 -17.25
N LYS C 200 -20.91 -40.01 -22.24
CA LYS C 200 -20.05 -39.75 -21.05
C LYS C 200 -19.38 -41.02 -20.55
N PRO C 201 -20.07 -42.20 -20.49
CA PRO C 201 -19.46 -43.39 -19.88
C PRO C 201 -18.24 -43.81 -20.71
N ASP C 202 -17.15 -44.19 -20.01
CA ASP C 202 -15.85 -44.65 -20.59
C ASP C 202 -15.02 -43.53 -21.24
N ALA C 203 -15.45 -42.26 -21.21
CA ALA C 203 -14.71 -41.13 -21.80
C ALA C 203 -13.48 -40.75 -20.95
N GLU C 204 -13.42 -41.06 -19.65
CA GLU C 204 -12.29 -40.61 -18.79
CA GLU C 204 -12.27 -40.61 -18.81
C GLU C 204 -11.66 -41.81 -18.08
N PRO C 205 -10.76 -42.58 -18.76
CA PRO C 205 -10.20 -43.77 -18.16
C PRO C 205 -9.32 -43.50 -16.93
N SER C 206 -8.85 -42.27 -16.71
CA SER C 206 -8.01 -41.96 -15.51
C SER C 206 -8.84 -42.09 -14.23
N ILE C 207 -10.16 -42.01 -14.30
CA ILE C 207 -11.05 -42.08 -13.12
C ILE C 207 -11.58 -43.51 -13.05
N PRO C 208 -11.57 -44.18 -11.87
CA PRO C 208 -12.01 -45.57 -11.83
C PRO C 208 -13.41 -45.83 -12.44
N LEU C 209 -14.40 -44.97 -12.21
CA LEU C 209 -15.75 -45.16 -12.83
C LEU C 209 -15.75 -44.74 -14.32
N ARG C 210 -14.67 -44.15 -14.82
CA ARG C 210 -14.34 -43.99 -16.27
C ARG C 210 -15.17 -42.85 -16.89
N ARG C 211 -15.72 -41.98 -16.05
CA ARG C 211 -16.48 -40.81 -16.51
C ARG C 211 -16.39 -39.68 -15.49
N PHE C 212 -16.73 -38.48 -15.94
CA PHE C 212 -17.04 -37.34 -15.07
C PHE C 212 -18.32 -37.65 -14.30
N GLY C 213 -18.47 -36.97 -13.20
CA GLY C 213 -19.74 -36.95 -12.45
C GLY C 213 -20.72 -35.97 -13.05
N ALA C 214 -21.98 -36.14 -12.72
CA ALA C 214 -23.08 -35.23 -13.10
C ALA C 214 -23.32 -34.24 -11.95
N THR C 215 -23.77 -33.04 -12.27
CA THR C 215 -24.11 -32.07 -11.20
C THR C 215 -25.17 -32.68 -10.28
N HIS C 216 -26.09 -33.47 -10.83
CA HIS C 216 -27.19 -34.13 -10.07
CA HIS C 216 -27.18 -34.02 -9.98
C HIS C 216 -26.60 -35.04 -8.99
N GLU C 217 -25.46 -35.66 -9.29
CA GLU C 217 -24.83 -36.63 -8.36
C GLU C 217 -24.16 -35.95 -7.17
N ILE C 218 -23.98 -34.64 -7.25
CA ILE C 218 -23.55 -33.83 -6.07
C ILE C 218 -24.80 -33.28 -5.40
N ALA C 219 -25.68 -32.65 -6.15
CA ALA C 219 -26.88 -32.02 -5.59
C ALA C 219 -27.74 -33.09 -4.87
N SER C 220 -27.77 -34.33 -5.37
CA SER C 220 -28.59 -35.39 -4.73
C SER C 220 -28.10 -35.55 -3.28
N LEU C 221 -26.79 -35.54 -3.04
CA LEU C 221 -26.27 -35.74 -1.68
C LEU C 221 -26.60 -34.52 -0.82
N VAL C 222 -26.48 -33.35 -1.39
CA VAL C 222 -26.88 -32.11 -0.69
C VAL C 222 -28.35 -32.24 -0.24
N VAL C 223 -29.21 -32.75 -1.11
CA VAL C 223 -30.66 -32.92 -0.78
C VAL C 223 -30.77 -33.88 0.43
N TRP C 224 -30.04 -34.99 0.38
CA TRP C 224 -30.06 -35.95 1.52
C TRP C 224 -29.64 -35.23 2.80
N LEU C 225 -28.56 -34.44 2.76
CA LEU C 225 -28.04 -33.74 3.96
C LEU C 225 -29.09 -32.77 4.51
N CYS C 226 -30.06 -32.36 3.70
CA CYS C 226 -31.13 -31.43 4.12
C CYS C 226 -32.37 -32.18 4.62
N SER C 227 -32.38 -33.51 4.58
CA SER C 227 -33.52 -34.35 5.01
C SER C 227 -33.37 -34.60 6.52
N GLU C 228 -34.45 -35.01 7.17
CA GLU C 228 -34.41 -35.30 8.63
C GLU C 228 -33.53 -36.54 8.87
N GLY C 229 -33.39 -37.41 7.85
CA GLY C 229 -32.53 -38.58 7.95
C GLY C 229 -31.09 -38.23 8.25
N ALA C 230 -30.68 -37.02 7.84
CA ALA C 230 -29.27 -36.57 8.03
C ALA C 230 -29.03 -35.88 9.37
N ASN C 231 -29.96 -35.97 10.30
CA ASN C 231 -29.90 -35.16 11.55
C ASN C 231 -28.77 -35.62 12.48
N TYR C 232 -28.12 -36.75 12.21
CA TYR C 232 -27.01 -37.23 13.06
C TYR C 232 -25.64 -37.05 12.38
N THR C 233 -25.60 -36.42 11.23
CA THR C 233 -24.37 -36.28 10.43
C THR C 233 -23.80 -34.86 10.61
N THR C 234 -22.59 -34.78 11.14
CA THR C 234 -21.90 -33.47 11.27
C THR C 234 -20.39 -33.67 11.31
N GLY C 235 -19.69 -32.68 10.78
CA GLY C 235 -18.23 -32.63 10.82
C GLY C 235 -17.54 -33.45 9.75
N GLN C 236 -18.28 -33.90 8.74
CA GLN C 236 -17.75 -34.87 7.76
C GLN C 236 -17.48 -34.22 6.40
N SER C 237 -16.64 -34.86 5.63
CA SER C 237 -16.34 -34.50 4.24
C SER C 237 -16.72 -35.71 3.38
N LEU C 238 -17.87 -35.62 2.72
CA LEU C 238 -18.46 -36.75 1.97
C LEU C 238 -17.99 -36.60 0.53
N ILE C 239 -17.16 -37.54 0.11
CA ILE C 239 -16.44 -37.46 -1.18
C ILE C 239 -17.28 -38.18 -2.24
N VAL C 240 -17.55 -37.47 -3.33
CA VAL C 240 -18.37 -37.99 -4.45
C VAL C 240 -17.51 -37.85 -5.70
N ASP C 241 -16.82 -38.93 -6.10
CA ASP C 241 -15.63 -38.75 -6.96
C ASP C 241 -15.35 -39.90 -7.93
N GLY C 242 -16.28 -40.82 -8.14
CA GLY C 242 -16.05 -41.90 -9.10
C GLY C 242 -14.83 -42.74 -8.76
N GLY C 243 -14.36 -42.73 -7.50
CA GLY C 243 -13.18 -43.50 -7.09
C GLY C 243 -11.87 -42.77 -7.33
N PHE C 244 -11.91 -41.46 -7.59
CA PHE C 244 -10.70 -40.60 -7.77
C PHE C 244 -9.71 -40.84 -6.62
N MET C 245 -10.17 -40.89 -5.37
CA MET C 245 -9.27 -41.03 -4.18
C MET C 245 -8.62 -42.41 -4.15
N LEU C 246 -9.18 -43.40 -4.80
CA LEU C 246 -8.64 -44.78 -4.83
C LEU C 246 -7.55 -44.94 -5.88
N ALA C 247 -7.44 -44.01 -6.82
CA ALA C 247 -6.57 -44.13 -8.02
C ALA C 247 -5.11 -43.75 -7.65
N ASN C 248 -4.48 -44.61 -6.87
CA ASN C 248 -3.05 -44.54 -6.49
C ASN C 248 -2.22 -45.03 -7.68
N PRO C 249 -0.90 -45.06 -7.54
CA PRO C 249 -0.03 -45.50 -8.62
C PRO C 249 -0.21 -46.95 -9.10
N GLN C 250 -0.92 -47.78 -8.32
CA GLN C 250 -1.20 -49.17 -8.74
C GLN C 250 -2.52 -49.32 -9.50
N PHE C 251 -3.33 -48.27 -9.61
CA PHE C 251 -4.56 -48.30 -10.44
C PHE C 251 -4.17 -48.41 -11.92
N ASN C 252 -4.81 -49.36 -12.63
CA ASN C 252 -4.61 -49.62 -14.08
C ASN C 252 -5.86 -49.19 -14.84
N PRO C 253 -5.83 -48.04 -15.55
CA PRO C 253 -6.97 -47.63 -16.39
C PRO C 253 -7.45 -48.69 -17.41
N GLN D 4 26.51 -27.31 4.87
CA GLN D 4 25.02 -27.38 4.69
C GLN D 4 24.37 -26.32 5.57
N VAL D 5 23.21 -25.83 5.15
CA VAL D 5 22.52 -24.70 5.85
C VAL D 5 21.07 -25.09 6.18
N ALA D 6 20.66 -24.88 7.43
CA ALA D 6 19.26 -25.01 7.87
C ALA D 6 18.79 -23.65 8.34
N ILE D 7 17.61 -23.23 7.89
CA ILE D 7 16.98 -21.96 8.34
C ILE D 7 15.67 -22.29 9.04
N ILE D 8 15.48 -21.74 10.23
CA ILE D 8 14.22 -21.88 11.02
C ILE D 8 13.49 -20.53 10.90
N THR D 9 12.32 -20.51 10.29
CA THR D 9 11.56 -19.25 10.17
C THR D 9 10.57 -19.16 11.33
N ALA D 10 10.29 -17.91 11.74
CA ALA D 10 9.34 -17.60 12.83
C ALA D 10 9.78 -18.39 14.07
N SER D 11 11.05 -18.32 14.39
CA SER D 11 11.63 -19.07 15.50
C SER D 11 11.11 -18.56 16.86
N ASP D 12 11.26 -19.40 17.86
CA ASP D 12 10.81 -19.14 19.24
C ASP D 12 11.82 -19.81 20.18
N SER D 13 11.60 -19.69 21.49
CA SER D 13 12.48 -20.29 22.53
CA SER D 13 12.49 -20.29 22.51
C SER D 13 12.08 -21.75 22.79
N GLY D 14 11.15 -22.29 22.01
CA GLY D 14 10.69 -23.67 22.20
C GLY D 14 11.19 -24.55 21.08
N ILE D 15 10.27 -24.97 20.22
CA ILE D 15 10.56 -25.87 19.08
C ILE D 15 11.59 -25.22 18.14
N GLY D 16 11.47 -23.93 17.85
CA GLY D 16 12.41 -23.28 16.92
C GLY D 16 13.83 -23.39 17.45
N LYS D 17 14.04 -23.03 18.70
CA LYS D 17 15.38 -23.03 19.33
C LYS D 17 15.91 -24.47 19.32
N GLU D 18 15.08 -25.45 19.68
CA GLU D 18 15.63 -26.81 19.82
CA GLU D 18 15.57 -26.85 19.81
C GLU D 18 15.96 -27.39 18.44
N CYS D 19 15.21 -27.07 17.40
CA CYS D 19 15.58 -27.44 16.01
C CYS D 19 16.94 -26.81 15.66
N ALA D 20 17.13 -25.52 15.94
CA ALA D 20 18.40 -24.83 15.61
C ALA D 20 19.56 -25.56 16.30
N LEU D 21 19.41 -25.85 17.59
CA LEU D 21 20.52 -26.46 18.38
C LEU D 21 20.81 -27.89 17.90
N LEU D 22 19.80 -28.71 17.63
CA LEU D 22 20.07 -30.11 17.24
C LEU D 22 20.68 -30.10 15.83
N LEU D 23 20.23 -29.24 14.93
CA LEU D 23 20.81 -29.17 13.57
C LEU D 23 22.24 -28.59 13.63
N ALA D 24 22.51 -27.62 14.51
CA ALA D 24 23.88 -27.10 14.70
C ALA D 24 24.82 -28.27 15.07
N GLN D 25 24.36 -29.15 15.96
CA GLN D 25 25.15 -30.32 16.42
C GLN D 25 25.33 -31.35 15.31
N GLN D 26 24.54 -31.33 14.23
CA GLN D 26 24.76 -32.20 13.04
C GLN D 26 25.67 -31.49 12.04
N GLY D 27 26.05 -30.24 12.31
CA GLY D 27 27.06 -29.52 11.50
C GLY D 27 26.44 -28.58 10.49
N PHE D 28 25.14 -28.33 10.58
CA PHE D 28 24.47 -27.30 9.77
C PHE D 28 24.84 -25.91 10.29
N ASP D 29 25.25 -25.04 9.38
CA ASP D 29 25.18 -23.59 9.63
C ASP D 29 23.69 -23.23 9.76
N ILE D 30 23.37 -22.30 10.66
CA ILE D 30 21.97 -22.00 11.04
C ILE D 30 21.59 -20.59 10.65
N GLY D 31 20.44 -20.45 9.99
CA GLY D 31 19.74 -19.17 9.91
C GLY D 31 18.52 -19.19 10.78
N ILE D 32 18.16 -18.04 11.33
CA ILE D 32 16.92 -17.87 12.14
C ILE D 32 16.19 -16.64 11.65
N THR D 33 14.90 -16.73 11.32
CA THR D 33 14.06 -15.52 11.20
C THR D 33 13.22 -15.44 12.45
N TRP D 34 12.89 -14.22 12.84
CA TRP D 34 11.98 -13.99 13.98
C TRP D 34 10.91 -12.99 13.54
N HIS D 35 9.69 -13.27 13.99
CA HIS D 35 8.55 -12.34 13.95
C HIS D 35 8.30 -11.76 15.34
N SER D 36 8.59 -12.53 16.39
CA SER D 36 8.57 -12.03 17.79
C SER D 36 9.80 -12.59 18.51
N ASP D 37 10.11 -12.03 19.68
CA ASP D 37 11.17 -12.49 20.61
C ASP D 37 12.53 -12.43 19.90
N GLU D 38 12.92 -11.24 19.46
CA GLU D 38 14.26 -11.03 18.89
C GLU D 38 15.34 -11.48 19.88
N GLU D 39 15.19 -11.16 21.17
CA GLU D 39 16.25 -11.46 22.16
CA GLU D 39 16.22 -11.47 22.21
C GLU D 39 16.40 -12.98 22.29
N GLY D 40 15.30 -13.72 22.19
CA GLY D 40 15.35 -15.19 22.13
C GLY D 40 16.13 -15.69 20.92
N ALA D 41 15.90 -15.11 19.74
CA ALA D 41 16.65 -15.46 18.50
C ALA D 41 18.15 -15.20 18.72
N LYS D 42 18.50 -14.08 19.34
CA LYS D 42 19.91 -13.75 19.58
C LYS D 42 20.52 -14.75 20.57
N ASP D 43 19.76 -15.14 21.59
CA ASP D 43 20.24 -16.14 22.59
CA ASP D 43 20.23 -16.14 22.60
C ASP D 43 20.46 -17.48 21.88
N THR D 44 19.53 -17.88 21.02
CA THR D 44 19.68 -19.12 20.26
C THR D 44 20.95 -19.06 19.40
N ALA D 45 21.15 -17.97 18.66
CA ALA D 45 22.33 -17.82 17.76
C ALA D 45 23.63 -17.92 18.58
N ARG D 46 23.69 -17.34 19.78
CA ARG D 46 24.91 -17.43 20.62
CA ARG D 46 24.91 -17.43 20.62
C ARG D 46 25.18 -18.90 20.97
N GLU D 47 24.13 -19.65 21.29
CA GLU D 47 24.32 -21.05 21.69
C GLU D 47 24.68 -21.90 20.46
N VAL D 48 24.12 -21.62 19.28
CA VAL D 48 24.49 -22.30 18.02
C VAL D 48 26.01 -22.13 17.79
N VAL D 49 26.50 -20.91 17.96
CA VAL D 49 27.92 -20.60 17.64
C VAL D 49 28.84 -21.44 18.53
N SER D 50 28.40 -21.76 19.75
CA SER D 50 29.17 -22.61 20.69
C SER D 50 29.42 -24.01 20.12
N HIS D 51 28.68 -24.43 19.09
CA HIS D 51 28.83 -25.77 18.45
C HIS D 51 29.75 -25.70 17.22
N GLY D 52 30.36 -24.55 16.94
CA GLY D 52 31.42 -24.45 15.92
C GLY D 52 30.87 -24.18 14.53
N VAL D 53 29.58 -23.84 14.42
CA VAL D 53 28.95 -23.50 13.13
C VAL D 53 28.51 -22.03 13.14
N ARG D 54 28.11 -21.55 11.98
CA ARG D 54 27.63 -20.16 11.85
C ARG D 54 26.18 -20.05 12.33
N ALA D 55 25.84 -18.90 12.88
CA ALA D 55 24.43 -18.53 13.17
C ALA D 55 24.21 -17.13 12.60
N GLU D 56 23.23 -17.00 11.73
CA GLU D 56 22.79 -15.68 11.21
C GLU D 56 21.31 -15.52 11.51
N ILE D 57 20.90 -14.32 11.90
CA ILE D 57 19.48 -14.03 12.18
C ILE D 57 19.03 -12.79 11.40
N VAL D 58 17.75 -12.76 11.09
CA VAL D 58 17.06 -11.59 10.49
CA VAL D 58 17.07 -11.55 10.55
C VAL D 58 15.66 -11.49 11.14
N GLN D 59 15.13 -10.28 11.24
CA GLN D 59 13.67 -10.14 11.40
C GLN D 59 13.00 -10.50 10.08
N LEU D 60 11.92 -11.28 10.15
CA LEU D 60 11.00 -11.42 9.00
C LEU D 60 9.61 -11.10 9.56
N ASP D 61 9.18 -9.88 9.28
CA ASP D 61 7.98 -9.25 9.87
C ASP D 61 6.74 -9.73 9.13
N LEU D 62 5.95 -10.59 9.77
CA LEU D 62 4.69 -11.13 9.20
C LEU D 62 3.59 -10.07 9.24
N GLY D 63 3.80 -8.89 9.84
CA GLY D 63 2.90 -7.73 9.70
C GLY D 63 3.22 -6.88 8.45
N ASN D 64 4.21 -7.30 7.65
CA ASN D 64 4.63 -6.51 6.46
C ASN D 64 4.78 -7.41 5.24
N LEU D 65 3.84 -8.33 5.02
CA LEU D 65 3.92 -9.21 3.84
C LEU D 65 3.29 -8.50 2.64
N PRO D 66 3.75 -8.78 1.40
CA PRO D 66 4.81 -9.75 1.16
C PRO D 66 6.26 -9.25 1.26
N GLU D 67 6.47 -7.94 1.26
CA GLU D 67 7.83 -7.36 1.14
CA GLU D 67 7.84 -7.35 1.13
C GLU D 67 8.71 -7.81 2.31
N GLY D 68 8.10 -7.97 3.50
CA GLY D 68 8.85 -8.43 4.69
C GLY D 68 9.57 -9.76 4.45
N ALA D 69 9.04 -10.63 3.59
CA ALA D 69 9.64 -11.97 3.36
C ALA D 69 10.99 -11.89 2.63
N LEU D 70 11.30 -10.76 2.00
CA LEU D 70 12.61 -10.61 1.29
C LEU D 70 13.76 -10.71 2.29
N ALA D 71 13.52 -10.59 3.59
CA ALA D 71 14.56 -10.81 4.64
C ALA D 71 15.13 -12.23 4.49
N LEU D 72 14.31 -13.19 4.09
CA LEU D 72 14.84 -14.56 3.94
C LEU D 72 15.82 -14.61 2.76
N GLU D 73 15.60 -13.84 1.70
CA GLU D 73 16.58 -13.78 0.57
C GLU D 73 17.91 -13.24 1.09
N LYS D 74 17.87 -12.22 1.95
CA LYS D 74 19.09 -11.62 2.53
C LYS D 74 19.79 -12.68 3.41
N LEU D 75 19.02 -13.42 4.19
CA LEU D 75 19.63 -14.44 5.10
C LEU D 75 20.32 -15.55 4.28
N ILE D 76 19.66 -16.03 3.24
CA ILE D 76 20.23 -17.06 2.31
C ILE D 76 21.49 -16.49 1.65
N GLN D 77 21.50 -15.22 1.24
CA GLN D 77 22.70 -14.61 0.63
C GLN D 77 23.88 -14.71 1.63
N ARG D 78 23.61 -14.39 2.90
CA ARG D 78 24.65 -14.34 3.95
CA ARG D 78 24.61 -14.36 3.99
C ARG D 78 25.19 -15.74 4.25
N LEU D 79 24.34 -16.76 4.26
CA LEU D 79 24.77 -18.13 4.61
C LEU D 79 25.26 -18.85 3.35
N GLY D 80 24.94 -18.38 2.16
CA GLY D 80 25.52 -18.91 0.90
C GLY D 80 24.63 -19.89 0.19
N ARG D 81 23.71 -20.54 0.91
CA ARG D 81 22.84 -21.58 0.33
C ARG D 81 21.75 -21.88 1.36
N ILE D 82 20.79 -22.71 0.96
CA ILE D 82 19.86 -23.34 1.93
C ILE D 82 19.64 -24.81 1.55
N ASP D 83 19.76 -25.68 2.55
CA ASP D 83 19.48 -27.12 2.35
C ASP D 83 18.19 -27.51 3.05
N VAL D 84 17.86 -26.86 4.16
CA VAL D 84 16.68 -27.22 5.02
C VAL D 84 15.97 -25.92 5.36
N LEU D 85 14.66 -25.88 5.14
CA LEU D 85 13.78 -24.84 5.72
C LEU D 85 12.86 -25.51 6.75
N VAL D 86 12.84 -24.97 7.95
CA VAL D 86 11.85 -25.34 8.99
C VAL D 86 10.95 -24.15 9.24
N ASN D 87 9.69 -24.23 8.81
CA ASN D 87 8.70 -23.16 9.05
C ASN D 87 8.09 -23.43 10.42
N ASN D 88 8.58 -22.74 11.43
CA ASN D 88 8.08 -22.93 12.80
C ASN D 88 6.70 -22.29 12.94
N ALA D 89 5.91 -22.79 13.88
CA ALA D 89 4.55 -22.25 14.13
C ALA D 89 4.59 -21.23 15.28
N GLY D 90 3.84 -20.15 15.09
CA GLY D 90 3.63 -19.11 16.12
C GLY D 90 2.60 -19.59 17.14
N ALA D 91 2.33 -18.74 18.12
CA ALA D 91 1.33 -19.03 19.17
C ALA D 91 -0.05 -19.22 18.53
N MET D 92 -0.84 -20.09 19.15
CA MET D 92 -2.28 -20.29 18.85
CA MET D 92 -2.27 -20.27 18.81
C MET D 92 -3.06 -19.05 19.34
N THR D 93 -3.91 -18.52 18.47
CA THR D 93 -4.89 -17.46 18.78
C THR D 93 -6.30 -18.10 18.74
N LYS D 94 -7.04 -18.03 19.85
CA LYS D 94 -8.47 -18.44 19.99
C LYS D 94 -9.38 -17.23 19.81
N ALA D 95 -10.57 -17.47 19.29
CA ALA D 95 -11.59 -16.42 19.05
C ALA D 95 -12.86 -17.12 18.65
N PRO D 96 -13.97 -16.91 19.38
CA PRO D 96 -15.24 -17.54 19.02
C PRO D 96 -15.67 -17.19 17.59
N PHE D 97 -16.15 -18.22 16.91
CA PHE D 97 -16.56 -18.19 15.49
C PHE D 97 -17.63 -17.12 15.27
N LEU D 98 -18.72 -17.12 16.05
CA LEU D 98 -19.91 -16.34 15.65
C LEU D 98 -19.56 -14.85 15.59
N ASP D 99 -18.63 -14.40 16.47
CA ASP D 99 -18.38 -12.94 16.59
CA ASP D 99 -18.30 -12.99 16.78
C ASP D 99 -16.99 -12.54 16.08
N MET D 100 -16.24 -13.45 15.48
CA MET D 100 -14.87 -13.11 15.04
CA MET D 100 -14.86 -13.13 15.03
C MET D 100 -14.90 -12.01 13.97
N ALA D 101 -14.12 -10.96 14.18
CA ALA D 101 -13.96 -9.88 13.18
C ALA D 101 -13.23 -10.44 11.96
N PHE D 102 -13.52 -9.90 10.79
CA PHE D 102 -12.92 -10.40 9.55
C PHE D 102 -11.42 -10.15 9.58
N ASP D 103 -10.98 -9.01 10.11
CA ASP D 103 -9.53 -8.67 10.14
CA ASP D 103 -9.53 -8.67 10.14
C ASP D 103 -8.77 -9.70 11.00
N GLU D 104 -9.42 -10.21 12.06
CA GLU D 104 -8.82 -11.19 13.01
CA GLU D 104 -8.77 -11.17 12.98
C GLU D 104 -8.63 -12.52 12.25
N TRP D 105 -9.68 -12.93 11.54
CA TRP D 105 -9.66 -14.13 10.66
C TRP D 105 -8.48 -13.99 9.67
N ARG D 106 -8.41 -12.86 8.97
CA ARG D 106 -7.35 -12.66 7.96
C ARG D 106 -5.98 -12.63 8.63
N LYS D 107 -5.85 -12.01 9.81
CA LYS D 107 -4.54 -11.93 10.50
C LYS D 107 -4.02 -13.33 10.82
N ILE D 108 -4.89 -14.25 11.23
CA ILE D 108 -4.45 -15.61 11.58
C ILE D 108 -3.94 -16.31 10.32
N PHE D 109 -4.56 -16.11 9.17
CA PHE D 109 -4.05 -16.69 7.90
C PHE D 109 -2.72 -16.02 7.52
N THR D 110 -2.60 -14.72 7.72
CA THR D 110 -1.35 -13.97 7.41
C THR D 110 -0.19 -14.61 8.17
N VAL D 111 -0.36 -14.77 9.47
CA VAL D 111 0.73 -15.24 10.38
CA VAL D 111 0.77 -15.23 10.34
C VAL D 111 0.96 -16.75 10.21
N ASP D 112 -0.13 -17.52 10.10
CA ASP D 112 -0.03 -18.99 10.22
C ASP D 112 0.07 -19.67 8.86
N VAL D 113 -0.22 -19.04 7.71
CA VAL D 113 0.06 -19.76 6.43
CA VAL D 113 -0.09 -19.70 6.37
C VAL D 113 0.72 -18.83 5.42
N ASP D 114 0.38 -17.53 5.35
CA ASP D 114 0.98 -16.67 4.30
C ASP D 114 2.50 -16.59 4.48
N GLY D 115 2.98 -16.50 5.72
CA GLY D 115 4.43 -16.45 5.98
C GLY D 115 5.11 -17.70 5.47
N ALA D 116 4.58 -18.88 5.80
CA ALA D 116 5.15 -20.17 5.41
C ALA D 116 5.13 -20.26 3.88
N PHE D 117 4.06 -19.82 3.24
CA PHE D 117 3.96 -19.82 1.78
C PHE D 117 5.14 -19.03 1.18
N LEU D 118 5.27 -17.76 1.57
CA LEU D 118 6.33 -16.91 1.00
C LEU D 118 7.73 -17.45 1.34
N CYS D 119 7.96 -17.89 2.57
CA CYS D 119 9.28 -18.48 2.94
C CYS D 119 9.56 -19.71 2.10
N SER D 120 8.57 -20.57 1.93
CA SER D 120 8.74 -21.83 1.16
C SER D 120 9.08 -21.49 -0.30
N GLN D 121 8.40 -20.51 -0.91
CA GLN D 121 8.70 -20.13 -2.32
CA GLN D 121 8.69 -20.11 -2.31
C GLN D 121 10.16 -19.66 -2.41
N ILE D 122 10.59 -18.79 -1.52
CA ILE D 122 11.97 -18.27 -1.61
C ILE D 122 12.95 -19.43 -1.41
N ALA D 123 12.74 -20.29 -0.43
CA ALA D 123 13.65 -21.43 -0.19
C ALA D 123 13.64 -22.37 -1.40
N ALA D 124 12.46 -22.72 -1.90
CA ALA D 124 12.38 -23.69 -3.00
C ALA D 124 13.12 -23.15 -4.25
N ARG D 125 12.94 -21.86 -4.55
CA ARG D 125 13.64 -21.25 -5.72
C ARG D 125 15.15 -21.43 -5.53
N GLN D 126 15.65 -21.16 -4.34
CA GLN D 126 17.08 -21.30 -4.04
C GLN D 126 17.51 -22.77 -4.19
N MET D 127 16.69 -23.68 -3.68
CA MET D 127 17.05 -25.12 -3.78
C MET D 127 17.08 -25.56 -5.23
N VAL D 128 16.14 -25.09 -6.04
CA VAL D 128 16.14 -25.42 -7.49
C VAL D 128 17.42 -24.86 -8.14
N LYS D 129 17.82 -23.63 -7.77
CA LYS D 129 19.03 -22.97 -8.34
C LYS D 129 20.27 -23.80 -7.98
N GLN D 130 20.35 -24.30 -6.77
CA GLN D 130 21.49 -25.13 -6.28
C GLN D 130 21.54 -26.48 -7.01
N GLY D 131 20.39 -27.11 -7.19
CA GLY D 131 20.35 -28.35 -7.98
C GLY D 131 20.69 -29.57 -7.16
N GLN D 132 20.67 -29.48 -5.82
CA GLN D 132 21.12 -30.55 -4.89
C GLN D 132 19.96 -31.01 -3.99
N GLY D 133 18.71 -30.71 -4.38
CA GLY D 133 17.50 -31.04 -3.63
C GLY D 133 17.41 -30.22 -2.37
N GLY D 134 16.50 -30.57 -1.51
CA GLY D 134 16.34 -29.84 -0.26
C GLY D 134 15.23 -30.42 0.55
N ARG D 135 14.99 -29.80 1.70
CA ARG D 135 13.94 -30.25 2.64
CA ARG D 135 13.94 -30.26 2.65
C ARG D 135 13.18 -29.03 3.13
N ILE D 136 11.86 -29.12 3.09
CA ILE D 136 10.97 -28.10 3.71
C ILE D 136 10.11 -28.87 4.70
N ILE D 137 10.15 -28.41 5.93
CA ILE D 137 9.47 -29.02 7.06
C ILE D 137 8.58 -27.95 7.67
N ASN D 138 7.27 -28.15 7.58
CA ASN D 138 6.28 -27.21 8.16
C ASN D 138 5.84 -27.72 9.52
N ILE D 139 5.99 -26.90 10.53
CA ILE D 139 5.44 -27.23 11.86
C ILE D 139 3.96 -26.86 11.83
N THR D 140 3.08 -27.84 11.95
CA THR D 140 1.64 -27.59 11.93
C THR D 140 1.12 -27.80 13.35
N SER D 141 0.24 -28.77 13.52
CA SER D 141 -0.53 -29.03 14.75
C SER D 141 -1.33 -30.28 14.52
N VAL D 142 -1.73 -30.93 15.62
CA VAL D 142 -2.86 -31.89 15.53
C VAL D 142 -4.07 -31.21 14.86
N HIS D 143 -4.18 -29.88 14.96
CA HIS D 143 -5.32 -29.10 14.44
C HIS D 143 -5.23 -28.85 12.94
N GLU D 144 -4.20 -29.40 12.28
CA GLU D 144 -4.19 -29.69 10.84
C GLU D 144 -5.25 -30.75 10.49
N HIS D 145 -5.63 -31.55 11.48
CA HIS D 145 -6.40 -32.79 11.27
C HIS D 145 -7.74 -32.79 12.00
N THR D 146 -7.83 -32.15 13.15
CA THR D 146 -9.01 -32.28 14.04
C THR D 146 -9.25 -30.91 14.63
N PRO D 147 -10.51 -30.48 14.86
CA PRO D 147 -10.71 -29.10 15.27
C PRO D 147 -10.48 -28.80 16.74
N LEU D 148 -10.25 -27.51 16.99
N LEU D 148 -10.15 -27.53 17.04
CA LEU D 148 -10.59 -26.94 18.30
CA LEU D 148 -9.95 -26.97 18.42
C LEU D 148 -12.04 -26.49 18.29
C LEU D 148 -11.14 -26.08 18.77
N PRO D 149 -12.67 -26.41 19.47
N PRO D 149 -12.01 -26.51 19.73
CA PRO D 149 -14.08 -25.98 19.57
CA PRO D 149 -13.41 -26.09 19.78
C PRO D 149 -14.27 -24.44 19.63
C PRO D 149 -13.75 -24.61 20.03
N ASP D 150 -13.17 -23.67 19.64
N ASP D 150 -12.75 -23.73 19.99
CA ASP D 150 -13.11 -22.22 19.97
CA ASP D 150 -12.96 -22.27 20.12
C ASP D 150 -11.95 -21.55 19.24
N ALA D 151 -11.49 -22.15 18.14
CA ALA D 151 -10.34 -21.60 17.40
C ALA D 151 -10.47 -21.99 15.93
N SER D 152 -11.54 -21.52 15.30
CA SER D 152 -11.90 -21.92 13.92
C SER D 152 -10.87 -21.38 12.91
N ALA D 153 -10.39 -20.15 13.08
CA ALA D 153 -9.40 -19.58 12.15
C ALA D 153 -8.08 -20.35 12.26
N TYR D 154 -7.65 -20.62 13.49
CA TYR D 154 -6.40 -21.36 13.73
C TYR D 154 -6.53 -22.74 13.07
N THR D 155 -7.65 -23.43 13.31
CA THR D 155 -7.87 -24.77 12.74
C THR D 155 -7.81 -24.69 11.20
N ALA D 156 -8.55 -23.75 10.62
CA ALA D 156 -8.63 -23.62 9.15
C ALA D 156 -7.24 -23.31 8.59
N ALA D 157 -6.45 -22.45 9.25
CA ALA D 157 -5.11 -22.09 8.74
C ALA D 157 -4.15 -23.29 8.88
N LYS D 158 -4.24 -24.06 9.96
CA LYS D 158 -3.42 -25.28 10.07
C LYS D 158 -3.77 -26.24 8.93
N HIS D 159 -5.05 -26.43 8.66
CA HIS D 159 -5.46 -27.28 7.54
C HIS D 159 -4.87 -26.72 6.24
N ALA D 160 -4.94 -25.40 6.05
CA ALA D 160 -4.39 -24.77 4.82
C ALA D 160 -2.91 -25.13 4.68
N LEU D 161 -2.16 -25.04 5.77
CA LEU D 161 -0.71 -25.33 5.73
C LEU D 161 -0.50 -26.80 5.45
N GLY D 162 -1.39 -27.67 5.94
CA GLY D 162 -1.29 -29.08 5.58
C GLY D 162 -1.53 -29.32 4.10
N GLY D 163 -2.50 -28.63 3.52
CA GLY D 163 -2.74 -28.77 2.06
C GLY D 163 -1.57 -28.21 1.26
N LEU D 164 -1.05 -27.06 1.68
CA LEU D 164 0.14 -26.49 1.00
C LEU D 164 1.32 -27.48 1.08
N THR D 165 1.49 -28.15 2.20
CA THR D 165 2.53 -29.18 2.36
C THR D 165 2.40 -30.25 1.28
N LYS D 166 1.22 -30.81 1.13
CA LYS D 166 0.99 -31.85 0.12
C LYS D 166 1.27 -31.28 -1.27
N ALA D 167 0.76 -30.09 -1.57
CA ALA D 167 0.88 -29.49 -2.91
C ALA D 167 2.35 -29.23 -3.25
N MET D 168 3.10 -28.67 -2.33
CA MET D 168 4.53 -28.39 -2.55
CA MET D 168 4.53 -28.39 -2.55
C MET D 168 5.25 -29.72 -2.74
N ALA D 169 4.92 -30.72 -1.93
CA ALA D 169 5.58 -32.04 -2.04
C ALA D 169 5.41 -32.57 -3.45
N LEU D 170 4.20 -32.51 -4.00
CA LEU D 170 3.97 -33.10 -5.33
C LEU D 170 4.59 -32.20 -6.42
N GLU D 171 4.45 -30.90 -6.28
CA GLU D 171 4.89 -29.94 -7.33
C GLU D 171 6.42 -29.84 -7.38
N LEU D 172 7.12 -30.00 -6.26
CA LEU D 172 8.59 -29.80 -6.19
C LEU D 172 9.33 -31.13 -6.27
N VAL D 173 8.63 -32.24 -6.44
CA VAL D 173 9.25 -33.58 -6.26
C VAL D 173 10.34 -33.86 -7.29
N ARG D 174 10.24 -33.33 -8.50
CA ARG D 174 11.27 -33.62 -9.54
C ARG D 174 12.52 -32.74 -9.36
N HIS D 175 12.49 -31.78 -8.43
CA HIS D 175 13.68 -31.03 -7.97
C HIS D 175 14.30 -31.73 -6.74
N LYS D 176 13.73 -32.87 -6.30
CA LYS D 176 14.15 -33.66 -5.11
C LYS D 176 14.09 -32.76 -3.86
N ILE D 177 13.08 -31.91 -3.83
CA ILE D 177 12.76 -31.15 -2.59
C ILE D 177 11.66 -31.92 -1.86
N LEU D 178 11.99 -32.43 -0.69
CA LEU D 178 11.10 -33.25 0.14
C LEU D 178 10.36 -32.32 1.08
N VAL D 179 9.05 -32.45 1.15
CA VAL D 179 8.22 -31.48 1.89
C VAL D 179 7.30 -32.30 2.81
N ASN D 180 7.36 -32.06 4.09
CA ASN D 180 6.54 -32.76 5.08
C ASN D 180 6.12 -31.78 6.17
N ALA D 181 5.09 -32.18 6.92
CA ALA D 181 4.68 -31.47 8.13
C ALA D 181 5.01 -32.31 9.36
N VAL D 182 5.42 -31.66 10.44
CA VAL D 182 5.44 -32.27 11.79
C VAL D 182 4.32 -31.60 12.54
N ALA D 183 3.39 -32.39 13.04
CA ALA D 183 2.11 -31.93 13.63
C ALA D 183 2.15 -32.18 15.14
N PRO D 184 2.58 -31.19 15.97
CA PRO D 184 2.64 -31.40 17.40
C PRO D 184 1.25 -31.41 18.01
N GLY D 185 1.14 -32.16 19.10
CA GLY D 185 0.05 -32.01 20.07
C GLY D 185 0.37 -30.87 21.01
N ALA D 186 -0.02 -31.03 22.26
CA ALA D 186 0.20 -30.06 23.32
C ALA D 186 1.66 -30.16 23.76
N ILE D 187 2.44 -29.11 23.55
CA ILE D 187 3.89 -29.10 23.86
C ILE D 187 4.16 -28.08 24.96
N ALA D 188 4.99 -28.46 25.94
CA ALA D 188 5.43 -27.56 27.03
C ALA D 188 6.53 -26.65 26.47
N THR D 189 6.39 -25.33 26.62
CA THR D 189 7.42 -24.37 26.13
C THR D 189 7.76 -23.38 27.24
N PRO D 190 8.88 -22.64 27.11
CA PRO D 190 9.09 -21.45 27.94
C PRO D 190 7.96 -20.42 27.73
N MET D 191 7.39 -20.32 26.51
CA MET D 191 6.30 -19.35 26.18
C MET D 191 5.00 -19.79 26.86
N ALA D 203 -0.59 -33.57 36.07
CA ALA D 203 -0.83 -34.45 34.90
C ALA D 203 -1.92 -33.83 34.02
N GLU D 204 -1.91 -34.16 32.73
CA GLU D 204 -2.98 -33.80 31.77
CA GLU D 204 -2.97 -33.81 31.76
C GLU D 204 -3.73 -35.09 31.42
N PRO D 205 -4.65 -35.59 32.29
CA PRO D 205 -5.30 -36.88 32.05
C PRO D 205 -6.04 -36.93 30.70
N SER D 206 -6.42 -35.77 30.15
CA SER D 206 -7.09 -35.65 28.83
C SER D 206 -6.20 -36.22 27.71
N ILE D 207 -4.86 -36.24 27.87
CA ILE D 207 -3.93 -36.73 26.82
C ILE D 207 -3.51 -38.15 27.18
N PRO D 208 -3.57 -39.13 26.27
CA PRO D 208 -3.30 -40.51 26.68
C PRO D 208 -1.97 -40.70 27.43
N LEU D 209 -0.87 -40.08 26.98
CA LEU D 209 0.42 -40.21 27.71
C LEU D 209 0.42 -39.39 29.01
N ARG D 210 -0.60 -38.57 29.25
CA ARG D 210 -0.86 -37.89 30.56
C ARG D 210 0.23 -36.84 30.85
N ARG D 211 0.79 -36.26 29.80
CA ARG D 211 1.74 -35.15 29.93
C ARG D 211 1.75 -34.40 28.60
N PHE D 212 2.18 -33.16 28.68
CA PHE D 212 2.59 -32.38 27.50
C PHE D 212 3.89 -32.95 26.90
N GLY D 213 4.05 -32.74 25.60
CA GLY D 213 5.27 -33.12 24.90
C GLY D 213 6.41 -32.18 25.23
N ALA D 214 7.64 -32.65 25.07
CA ALA D 214 8.85 -31.79 25.21
C ALA D 214 9.19 -31.17 23.86
N THR D 215 9.75 -29.96 23.82
CA THR D 215 10.21 -29.38 22.53
C THR D 215 11.20 -30.34 21.83
N HIS D 216 12.05 -31.07 22.58
CA HIS D 216 13.06 -31.94 21.95
CA HIS D 216 13.08 -32.01 22.02
C HIS D 216 12.38 -33.13 21.25
N GLU D 217 11.16 -33.47 21.64
CA GLU D 217 10.43 -34.61 21.03
C GLU D 217 9.80 -34.21 19.70
N ILE D 218 9.70 -32.91 19.43
CA ILE D 218 9.38 -32.39 18.08
C ILE D 218 10.68 -32.21 17.30
N ALA D 219 11.65 -31.54 17.90
CA ALA D 219 12.92 -31.26 17.17
C ALA D 219 13.60 -32.56 16.74
N SER D 220 13.51 -33.61 17.52
CA SER D 220 14.14 -34.91 17.21
C SER D 220 13.63 -35.40 15.85
N LEU D 221 12.33 -35.30 15.61
CA LEU D 221 11.72 -35.79 14.37
C LEU D 221 12.13 -34.87 13.22
N VAL D 222 12.19 -33.57 13.46
CA VAL D 222 12.70 -32.65 12.41
C VAL D 222 14.12 -33.06 11.99
N VAL D 223 14.99 -33.35 12.94
CA VAL D 223 16.37 -33.82 12.64
C VAL D 223 16.29 -35.10 11.80
N TRP D 224 15.45 -36.05 12.17
CA TRP D 224 15.37 -37.28 11.38
C TRP D 224 14.98 -36.93 9.94
N LEU D 225 14.03 -36.02 9.75
CA LEU D 225 13.58 -35.64 8.38
C LEU D 225 14.71 -34.96 7.61
N CYS D 226 15.72 -34.47 8.30
CA CYS D 226 16.89 -33.83 7.63
C CYS D 226 17.98 -34.85 7.29
N SER D 227 17.81 -36.08 7.72
CA SER D 227 18.80 -37.18 7.56
C SER D 227 18.59 -37.86 6.20
N GLU D 228 19.63 -38.53 5.72
CA GLU D 228 19.56 -39.29 4.45
C GLU D 228 18.58 -40.45 4.60
N GLY D 229 18.36 -40.96 5.81
CA GLY D 229 17.39 -42.02 6.03
C GLY D 229 15.98 -41.61 5.66
N ALA D 230 15.69 -40.30 5.73
CA ALA D 230 14.39 -39.73 5.38
C ALA D 230 14.25 -39.44 3.89
N ASN D 231 15.14 -39.91 3.02
CA ASN D 231 15.11 -39.50 1.59
C ASN D 231 13.88 -40.02 0.83
N TYR D 232 13.11 -40.98 1.36
CA TYR D 232 11.90 -41.48 0.66
C TYR D 232 10.61 -40.90 1.25
N THR D 233 10.71 -39.98 2.19
CA THR D 233 9.56 -39.44 2.93
C THR D 233 9.17 -38.07 2.35
N THR D 234 7.99 -37.97 1.76
CA THR D 234 7.49 -36.66 1.28
C THR D 234 5.97 -36.65 1.25
N GLY D 235 5.41 -35.50 1.50
CA GLY D 235 3.95 -35.31 1.39
C GLY D 235 3.17 -35.70 2.63
N GLN D 236 3.85 -35.98 3.72
CA GLN D 236 3.22 -36.54 4.92
C GLN D 236 3.11 -35.50 6.02
N SER D 237 2.24 -35.79 6.98
CA SER D 237 2.03 -35.01 8.22
C SER D 237 2.26 -36.00 9.36
N LEU D 238 3.40 -35.89 10.01
CA LEU D 238 3.88 -36.81 11.07
CA LEU D 238 3.86 -36.82 11.07
C LEU D 238 3.45 -36.25 12.42
N ILE D 239 2.53 -36.95 13.08
CA ILE D 239 1.82 -36.42 14.27
C ILE D 239 2.54 -36.88 15.53
N VAL D 240 2.94 -35.94 16.36
CA VAL D 240 3.71 -36.20 17.61
C VAL D 240 2.90 -35.60 18.75
N ASP D 241 2.06 -36.44 19.36
CA ASP D 241 0.92 -35.89 20.14
C ASP D 241 0.59 -36.67 21.41
N GLY D 242 1.42 -37.61 21.85
CA GLY D 242 1.10 -38.37 23.07
C GLY D 242 -0.21 -39.14 22.96
N GLY D 243 -0.70 -39.45 21.77
CA GLY D 243 -1.96 -40.17 21.57
C GLY D 243 -3.19 -39.28 21.47
N PHE D 244 -3.04 -37.97 21.47
CA PHE D 244 -4.18 -37.01 21.35
C PHE D 244 -5.19 -37.47 20.28
N MET D 245 -4.74 -37.78 19.06
CA MET D 245 -5.60 -38.14 17.91
C MET D 245 -6.40 -39.42 18.23
N LEU D 246 -5.94 -40.28 19.13
CA LEU D 246 -6.64 -41.55 19.45
C LEU D 246 -7.86 -41.31 20.34
N ALA D 247 -7.90 -40.19 21.06
CA ALA D 247 -8.87 -39.98 22.15
C ALA D 247 -10.22 -39.61 21.52
N ASN D 248 -11.28 -40.16 22.08
CA ASN D 248 -12.68 -39.91 21.69
C ASN D 248 -13.55 -39.95 22.93
N PRO D 249 -14.85 -39.66 22.82
CA PRO D 249 -15.75 -39.79 23.96
C PRO D 249 -15.81 -41.18 24.62
N GLN D 250 -15.32 -42.23 23.94
CA GLN D 250 -15.19 -43.61 24.53
C GLN D 250 -13.94 -43.74 25.42
N PHE D 251 -12.95 -42.87 25.17
CA PHE D 251 -11.81 -42.54 26.06
C PHE D 251 -12.18 -41.31 26.91
N ALA E 3 -42.39 29.51 13.03
CA ALA E 3 -41.08 29.91 12.43
C ALA E 3 -39.93 29.50 13.36
N GLN E 4 -38.72 29.36 12.82
CA GLN E 4 -37.50 29.26 13.66
C GLN E 4 -37.33 30.61 14.37
N VAL E 5 -36.66 30.63 15.53
CA VAL E 5 -36.40 31.87 16.33
C VAL E 5 -34.89 32.04 16.44
N ALA E 6 -34.40 33.24 16.10
CA ALA E 6 -32.98 33.61 16.27
C ALA E 6 -32.90 34.77 17.27
N ILE E 7 -32.01 34.68 18.25
CA ILE E 7 -31.77 35.77 19.22
C ILE E 7 -30.33 36.25 19.09
N ILE E 8 -30.20 37.55 18.94
CA ILE E 8 -28.89 38.27 18.87
CA ILE E 8 -28.88 38.24 18.87
C ILE E 8 -28.67 38.93 20.22
N THR E 9 -27.64 38.51 20.96
CA THR E 9 -27.33 39.10 22.27
C THR E 9 -26.29 40.19 22.11
N ALA E 10 -26.38 41.19 22.98
CA ALA E 10 -25.46 42.34 23.03
C ALA E 10 -25.43 43.00 21.64
N SER E 11 -26.60 43.21 21.06
CA SER E 11 -26.75 43.72 19.69
C SER E 11 -26.25 45.16 19.62
N ASP E 12 -25.89 45.58 18.41
CA ASP E 12 -25.34 46.94 18.15
C ASP E 12 -25.87 47.36 16.78
N SER E 13 -25.46 48.54 16.29
CA SER E 13 -25.94 49.07 15.00
CA SER E 13 -25.95 49.07 14.99
C SER E 13 -25.08 48.56 13.82
N GLY E 14 -24.14 47.67 14.11
CA GLY E 14 -23.23 47.10 13.11
C GLY E 14 -23.52 45.65 12.81
N ILE E 15 -22.64 44.77 13.25
CA ILE E 15 -22.80 43.31 12.99
C ILE E 15 -24.10 42.80 13.61
N GLY E 16 -24.44 43.19 14.83
CA GLY E 16 -25.66 42.59 15.45
C GLY E 16 -26.91 42.96 14.67
N LYS E 17 -27.07 44.22 14.32
CA LYS E 17 -28.22 44.69 13.52
C LYS E 17 -28.26 43.92 12.20
N GLU E 18 -27.13 43.81 11.49
CA GLU E 18 -27.10 43.14 10.16
CA GLU E 18 -27.16 43.17 10.15
C GLU E 18 -27.50 41.68 10.31
N CYS E 19 -27.04 41.03 11.37
CA CYS E 19 -27.47 39.62 11.65
C CYS E 19 -29.00 39.55 11.81
N ALA E 20 -29.56 40.43 12.63
CA ALA E 20 -31.01 40.47 12.92
C ALA E 20 -31.76 40.65 11.59
N LEU E 21 -31.31 41.60 10.76
CA LEU E 21 -32.05 41.94 9.52
C LEU E 21 -31.94 40.80 8.51
N LEU E 22 -30.76 40.21 8.31
CA LEU E 22 -30.62 39.13 7.30
C LEU E 22 -31.40 37.91 7.78
N LEU E 23 -31.40 37.59 9.08
CA LEU E 23 -32.16 36.42 9.55
C LEU E 23 -33.67 36.70 9.50
N ALA E 24 -34.12 37.92 9.79
CA ALA E 24 -35.56 38.30 9.65
C ALA E 24 -35.99 38.07 8.21
N GLN E 25 -35.17 38.50 7.26
CA GLN E 25 -35.43 38.29 5.82
C GLN E 25 -35.47 36.78 5.50
N GLN E 26 -34.75 35.93 6.23
CA GLN E 26 -34.74 34.44 6.03
C GLN E 26 -35.97 33.82 6.70
N GLY E 27 -36.75 34.62 7.43
CA GLY E 27 -38.05 34.22 8.01
C GLY E 27 -37.95 33.81 9.46
N PHE E 28 -36.82 34.06 10.13
CA PHE E 28 -36.72 33.87 11.59
C PHE E 28 -37.43 35.01 12.33
N ASP E 29 -38.22 34.63 13.33
CA ASP E 29 -38.63 35.57 14.40
C ASP E 29 -37.35 35.95 15.13
N ILE E 30 -37.25 37.21 15.57
CA ILE E 30 -35.99 37.78 16.10
C ILE E 30 -36.21 38.24 17.54
N GLY E 31 -35.30 37.82 18.42
CA GLY E 31 -35.06 38.44 19.74
C GLY E 31 -33.76 39.23 19.71
N ILE E 32 -33.77 40.37 20.39
CA ILE E 32 -32.57 41.23 20.56
C ILE E 32 -32.36 41.47 22.05
N THR E 33 -31.17 41.20 22.57
CA THR E 33 -30.82 41.73 23.91
C THR E 33 -29.89 42.89 23.65
N TRP E 34 -30.03 43.92 24.46
CA TRP E 34 -29.08 45.05 24.43
C TRP E 34 -28.46 45.26 25.80
N HIS E 35 -27.15 45.52 25.79
CA HIS E 35 -26.38 46.03 26.95
C HIS E 35 -26.21 47.54 26.77
N SER E 36 -26.06 48.01 25.53
CA SER E 36 -26.02 49.47 25.25
C SER E 36 -26.82 49.77 23.99
N ASP E 37 -27.08 51.06 23.75
CA ASP E 37 -27.75 51.53 22.50
C ASP E 37 -29.14 50.90 22.41
N GLU E 38 -29.99 51.13 23.40
CA GLU E 38 -31.42 50.72 23.36
C GLU E 38 -32.13 51.27 22.11
N GLU E 39 -31.82 52.51 21.75
CA GLU E 39 -32.51 53.19 20.63
C GLU E 39 -32.20 52.43 19.35
N GLY E 40 -30.96 51.96 19.22
CA GLY E 40 -30.53 51.12 18.10
C GLY E 40 -31.30 49.81 18.08
N ALA E 41 -31.51 49.20 19.23
CA ALA E 41 -32.26 47.91 19.33
C ALA E 41 -33.71 48.12 18.88
N LYS E 42 -34.36 49.21 19.30
CA LYS E 42 -35.75 49.55 18.89
C LYS E 42 -35.80 49.83 17.37
N ASP E 43 -34.83 50.58 16.85
CA ASP E 43 -34.67 50.85 15.39
C ASP E 43 -34.54 49.52 14.64
N THR E 44 -33.67 48.62 15.14
CA THR E 44 -33.50 47.29 14.53
C THR E 44 -34.83 46.53 14.60
N ALA E 45 -35.51 46.49 15.75
CA ALA E 45 -36.79 45.76 15.91
C ALA E 45 -37.82 46.26 14.90
N ARG E 46 -37.92 47.57 14.75
CA ARG E 46 -38.91 48.18 13.84
C ARG E 46 -38.63 47.67 12.42
N GLU E 47 -37.35 47.65 12.04
CA GLU E 47 -36.96 47.20 10.68
C GLU E 47 -37.17 45.68 10.55
N VAL E 48 -36.92 44.89 11.60
CA VAL E 48 -37.25 43.44 11.58
C VAL E 48 -38.75 43.26 11.27
N VAL E 49 -39.61 43.96 12.02
CA VAL E 49 -41.10 43.80 12.00
C VAL E 49 -41.57 44.13 10.59
N SER E 50 -40.87 45.03 9.89
CA SER E 50 -41.20 45.39 8.50
C SER E 50 -40.97 44.20 7.56
N HIS E 51 -40.16 43.20 7.97
CA HIS E 51 -39.90 41.97 7.17
C HIS E 51 -41.03 40.94 7.34
N GLY E 52 -41.99 41.19 8.22
CA GLY E 52 -43.18 40.34 8.41
C GLY E 52 -42.86 39.14 9.28
N VAL E 53 -41.92 39.33 10.20
CA VAL E 53 -41.61 38.38 11.29
C VAL E 53 -41.74 39.14 12.61
N ARG E 54 -41.77 38.42 13.74
CA ARG E 54 -41.85 39.04 15.08
C ARG E 54 -40.47 39.58 15.44
N ALA E 55 -40.43 40.70 16.16
CA ALA E 55 -39.23 41.21 16.87
C ALA E 55 -39.62 41.47 18.32
N GLU E 56 -38.85 40.89 19.24
CA GLU E 56 -38.95 41.16 20.69
C GLU E 56 -37.57 41.62 21.16
N ILE E 57 -37.52 42.65 21.98
CA ILE E 57 -36.23 43.08 22.59
C ILE E 57 -36.33 43.06 24.10
N VAL E 58 -35.17 43.02 24.73
CA VAL E 58 -35.05 43.07 26.20
C VAL E 58 -33.66 43.64 26.48
N GLN E 59 -33.54 44.47 27.51
CA GLN E 59 -32.24 44.81 28.11
C GLN E 59 -31.68 43.54 28.75
N LEU E 60 -30.41 43.26 28.50
CA LEU E 60 -29.66 42.27 29.30
C LEU E 60 -28.39 42.95 29.76
N ASP E 61 -28.41 43.33 31.03
CA ASP E 61 -27.42 44.25 31.62
C ASP E 61 -26.20 43.44 32.09
N LEU E 62 -25.08 43.57 31.36
CA LEU E 62 -23.83 42.86 31.66
C LEU E 62 -23.14 43.47 32.89
N GLY E 63 -23.68 44.58 33.38
CA GLY E 63 -23.31 45.16 34.68
C GLY E 63 -24.03 44.48 35.85
N ASN E 64 -24.93 43.51 35.61
CA ASN E 64 -25.71 42.88 36.71
C ASN E 64 -25.65 41.36 36.58
N LEU E 65 -24.50 40.80 36.21
CA LEU E 65 -24.39 39.32 36.09
C LEU E 65 -24.18 38.72 37.47
N PRO E 66 -24.67 37.48 37.72
CA PRO E 66 -25.40 36.69 36.72
C PRO E 66 -26.92 36.94 36.57
N GLU E 67 -27.57 37.59 37.54
CA GLU E 67 -29.07 37.70 37.56
C GLU E 67 -29.56 38.41 36.28
N GLY E 68 -28.80 39.36 35.76
CA GLY E 68 -29.20 40.14 34.57
C GLY E 68 -29.41 39.26 33.34
N ALA E 69 -28.76 38.10 33.28
CA ALA E 69 -28.86 37.18 32.13
C ALA E 69 -30.25 36.53 32.09
N LEU E 70 -31.02 36.57 33.19
CA LEU E 70 -32.38 35.96 33.21
C LEU E 70 -33.28 36.71 32.23
N ALA E 71 -32.89 37.90 31.77
CA ALA E 71 -33.62 38.62 30.70
C ALA E 71 -33.76 37.72 29.47
N LEU E 72 -32.76 36.90 29.17
CA LEU E 72 -32.84 36.01 28.00
C LEU E 72 -33.91 34.93 28.21
N GLU E 73 -34.06 34.40 29.42
CA GLU E 73 -35.13 33.41 29.70
C GLU E 73 -36.49 34.04 29.40
N LYS E 74 -36.66 35.30 29.84
CA LYS E 74 -37.92 36.07 29.65
C LYS E 74 -38.11 36.25 28.14
N LEU E 75 -37.06 36.62 27.41
CA LEU E 75 -37.16 36.85 25.95
C LEU E 75 -37.56 35.55 25.26
N ILE E 76 -36.95 34.43 25.61
CA ILE E 76 -37.29 33.10 25.00
C ILE E 76 -38.75 32.78 25.31
N GLN E 77 -39.21 33.04 26.54
CA GLN E 77 -40.62 32.83 26.97
C GLN E 77 -41.54 33.61 26.02
N ARG E 78 -41.17 34.86 25.72
CA ARG E 78 -42.02 35.77 24.90
C ARG E 78 -42.06 35.25 23.47
N LEU E 79 -40.97 34.71 22.97
CA LEU E 79 -40.88 34.29 21.55
C LEU E 79 -41.34 32.85 21.39
N GLY E 80 -41.30 32.05 22.46
CA GLY E 80 -41.87 30.69 22.51
C GLY E 80 -40.87 29.57 22.31
N ARG E 81 -39.68 29.86 21.78
CA ARG E 81 -38.65 28.84 21.48
C ARG E 81 -37.35 29.58 21.13
N ILE E 82 -36.27 28.82 21.01
CA ILE E 82 -35.02 29.34 20.39
C ILE E 82 -34.41 28.27 19.49
N ASP E 83 -33.97 28.67 18.31
CA ASP E 83 -33.29 27.78 17.33
C ASP E 83 -31.85 28.21 17.11
N VAL E 84 -31.62 29.52 17.21
CA VAL E 84 -30.30 30.15 16.92
C VAL E 84 -30.00 31.18 17.98
N LEU E 85 -28.80 31.12 18.53
CA LEU E 85 -28.27 32.18 19.40
C LEU E 85 -27.03 32.76 18.70
N VAL E 86 -27.00 34.06 18.51
CA VAL E 86 -25.81 34.78 18.00
C VAL E 86 -25.32 35.68 19.12
N ASN E 87 -24.17 35.36 19.67
CA ASN E 87 -23.58 36.21 20.72
C ASN E 87 -22.70 37.26 20.05
N ASN E 88 -23.26 38.45 19.91
CA ASN E 88 -22.55 39.57 19.23
C ASN E 88 -21.44 40.10 20.15
N ALA E 89 -20.38 40.67 19.55
CA ALA E 89 -19.23 41.22 20.30
C ALA E 89 -19.46 42.71 20.52
N GLY E 90 -19.18 43.16 21.73
CA GLY E 90 -19.19 44.58 22.07
C GLY E 90 -17.93 45.26 21.58
N ALA E 91 -17.83 46.56 21.85
CA ALA E 91 -16.67 47.36 21.42
C ALA E 91 -15.41 46.82 22.09
N MET E 92 -14.30 46.93 21.36
CA MET E 92 -12.93 46.64 21.88
CA MET E 92 -12.95 46.63 21.88
C MET E 92 -12.56 47.70 22.92
N THR E 93 -12.06 47.26 24.06
CA THR E 93 -11.51 48.13 25.13
C THR E 93 -10.00 47.90 25.18
N LYS E 94 -9.21 48.96 25.06
CA LYS E 94 -7.74 48.94 25.21
C LYS E 94 -7.36 49.45 26.60
N ALA E 95 -6.29 48.90 27.13
CA ALA E 95 -5.68 49.37 28.37
C ALA E 95 -4.28 48.82 28.44
N PRO E 96 -3.27 49.65 28.74
CA PRO E 96 -1.89 49.17 28.80
C PRO E 96 -1.73 48.11 29.89
N PHE E 97 -0.98 47.07 29.58
CA PHE E 97 -0.82 45.89 30.46
C PHE E 97 -0.23 46.26 31.81
N LEU E 98 0.83 47.03 31.83
CA LEU E 98 1.58 47.22 33.09
C LEU E 98 0.74 47.98 34.12
N ASP E 99 -0.17 48.85 33.67
CA ASP E 99 -0.93 49.76 34.56
C ASP E 99 -2.39 49.32 34.78
N MET E 100 -2.85 48.31 34.07
CA MET E 100 -4.28 47.97 34.00
C MET E 100 -4.78 47.61 35.40
N ALA E 101 -5.85 48.27 35.83
CA ALA E 101 -6.50 47.95 37.12
C ALA E 101 -7.08 46.54 37.04
N PHE E 102 -7.11 45.85 38.17
CA PHE E 102 -7.72 44.50 38.19
C PHE E 102 -9.20 44.57 37.81
N ASP E 103 -9.91 45.62 38.23
CA ASP E 103 -11.36 45.73 37.94
C ASP E 103 -11.55 45.90 36.42
N GLU E 104 -10.60 46.53 35.75
CA GLU E 104 -10.72 46.72 34.28
C GLU E 104 -10.49 45.39 33.56
N TRP E 105 -9.48 44.63 33.95
CA TRP E 105 -9.27 43.25 33.47
C TRP E 105 -10.56 42.47 33.66
N ARG E 106 -11.12 42.48 34.88
CA ARG E 106 -12.34 41.69 35.17
CA ARG E 106 -12.32 41.66 35.15
C ARG E 106 -13.51 42.23 34.35
N LYS E 107 -13.66 43.54 34.22
CA LYS E 107 -14.81 44.10 33.46
CA LYS E 107 -14.80 44.13 33.45
C LYS E 107 -14.77 43.59 32.01
N ILE E 108 -13.59 43.52 31.41
CA ILE E 108 -13.47 43.06 30.01
C ILE E 108 -13.87 41.58 29.94
N PHE E 109 -13.48 40.74 30.90
CA PHE E 109 -13.96 39.33 30.87
C PHE E 109 -15.46 39.29 31.11
N THR E 110 -15.98 40.15 31.99
CA THR E 110 -17.44 40.12 32.27
C THR E 110 -18.22 40.40 30.99
N VAL E 111 -17.84 41.43 30.28
CA VAL E 111 -18.67 41.86 29.11
CA VAL E 111 -18.61 41.90 29.09
C VAL E 111 -18.35 40.98 27.90
N ASP E 112 -17.10 40.49 27.77
CA ASP E 112 -16.68 39.83 26.50
C ASP E 112 -16.71 38.31 26.56
N VAL E 113 -16.84 37.70 27.74
CA VAL E 113 -16.99 36.21 27.76
C VAL E 113 -18.06 35.80 28.76
N ASP E 114 -18.19 36.44 29.92
CA ASP E 114 -19.16 35.96 30.93
C ASP E 114 -20.58 36.07 30.37
N GLY E 115 -20.89 37.17 29.68
CA GLY E 115 -22.22 37.33 29.07
C GLY E 115 -22.51 36.22 28.08
N ALA E 116 -21.57 35.94 27.20
CA ALA E 116 -21.73 34.89 26.18
C ALA E 116 -21.89 33.53 26.87
N PHE E 117 -21.15 33.29 27.95
CA PHE E 117 -21.27 32.04 28.72
C PHE E 117 -22.71 31.86 29.23
N LEU E 118 -23.21 32.84 29.95
CA LEU E 118 -24.55 32.73 30.56
C LEU E 118 -25.62 32.65 29.48
N CYS E 119 -25.50 33.43 28.41
CA CYS E 119 -26.52 33.42 27.35
C CYS E 119 -26.49 32.05 26.65
N SER E 120 -25.28 31.57 26.38
CA SER E 120 -25.11 30.24 25.74
C SER E 120 -25.76 29.13 26.61
N GLN E 121 -25.56 29.20 27.89
CA GLN E 121 -26.10 28.17 28.82
CA GLN E 121 -26.10 28.21 28.87
C GLN E 121 -27.63 28.22 28.81
N ILE E 122 -28.22 29.39 28.90
CA ILE E 122 -29.69 29.54 28.86
C ILE E 122 -30.20 29.03 27.53
N ALA E 123 -29.57 29.40 26.41
CA ALA E 123 -30.04 28.96 25.09
C ALA E 123 -29.93 27.43 24.98
N ALA E 124 -28.80 26.87 25.38
CA ALA E 124 -28.54 25.41 25.24
C ALA E 124 -29.55 24.65 26.09
N ARG E 125 -29.82 25.09 27.31
CA ARG E 125 -30.82 24.43 28.18
CA ARG E 125 -30.81 24.40 28.17
C ARG E 125 -32.16 24.38 27.44
N GLN E 126 -32.55 25.48 26.83
CA GLN E 126 -33.84 25.55 26.09
C GLN E 126 -33.81 24.60 24.89
N MET E 127 -32.72 24.60 24.15
CA MET E 127 -32.57 23.73 22.97
C MET E 127 -32.61 22.24 23.39
N VAL E 128 -32.02 21.88 24.52
CA VAL E 128 -32.07 20.49 25.04
C VAL E 128 -33.53 20.16 25.42
N LYS E 129 -34.24 21.09 26.05
CA LYS E 129 -35.64 20.90 26.50
C LYS E 129 -36.52 20.64 25.26
N GLN E 130 -36.34 21.41 24.19
CA GLN E 130 -37.10 21.27 22.91
C GLN E 130 -36.79 19.96 22.19
N GLY E 131 -35.56 19.47 22.25
CA GLY E 131 -35.12 18.21 21.62
C GLY E 131 -35.04 18.28 20.12
N GLN E 132 -34.79 19.48 19.57
CA GLN E 132 -34.82 19.74 18.11
C GLN E 132 -33.49 20.33 17.63
N GLY E 133 -32.43 20.20 18.44
CA GLY E 133 -31.12 20.78 18.11
C GLY E 133 -31.10 22.29 18.17
N GLY E 134 -30.05 22.86 17.64
CA GLY E 134 -29.87 24.31 17.76
C GLY E 134 -28.53 24.72 17.21
N ARG E 135 -28.32 26.03 17.21
CA ARG E 135 -27.08 26.66 16.72
C ARG E 135 -26.69 27.78 17.67
N ILE E 136 -25.43 27.78 18.05
CA ILE E 136 -24.82 28.88 18.82
C ILE E 136 -23.66 29.41 17.98
N ILE E 137 -23.69 30.70 17.72
CA ILE E 137 -22.66 31.37 16.89
C ILE E 137 -22.08 32.52 17.70
N ASN E 138 -20.81 32.40 18.06
CA ASN E 138 -20.11 33.43 18.84
C ASN E 138 -19.34 34.35 17.89
N ILE E 139 -19.62 35.64 17.97
CA ILE E 139 -18.79 36.61 17.24
C ILE E 139 -17.54 36.88 18.07
N THR E 140 -16.39 36.49 17.55
CA THR E 140 -15.12 36.71 18.27
C THR E 140 -14.37 37.84 17.57
N SER E 141 -13.20 37.51 17.02
CA SER E 141 -12.22 38.44 16.44
C SER E 141 -11.06 37.65 15.89
N VAL E 142 -10.31 38.23 14.94
CA VAL E 142 -8.96 37.73 14.69
C VAL E 142 -8.17 37.61 15.99
N HIS E 143 -8.51 38.42 16.99
CA HIS E 143 -7.76 38.42 18.27
C HIS E 143 -8.15 37.28 19.22
N GLU E 144 -8.99 36.36 18.74
CA GLU E 144 -9.11 35.00 19.27
C GLU E 144 -7.82 34.22 18.97
N HIS E 145 -7.03 34.68 17.99
CA HIS E 145 -5.91 33.88 17.42
C HIS E 145 -4.55 34.60 17.48
N THR E 146 -4.55 35.91 17.36
CA THR E 146 -3.30 36.72 17.28
C THR E 146 -3.48 37.95 18.14
N PRO E 147 -2.45 38.42 18.84
CA PRO E 147 -2.68 39.44 19.83
C PRO E 147 -2.79 40.86 19.29
N LEU E 148 -3.43 41.71 20.07
CA LEU E 148 -3.16 43.16 19.95
C LEU E 148 -1.93 43.48 20.81
N PRO E 149 -1.20 44.56 20.47
CA PRO E 149 -0.04 44.97 21.26
C PRO E 149 -0.35 45.86 22.46
N ASP E 150 -1.63 46.24 22.60
CA ASP E 150 -2.06 47.22 23.61
C ASP E 150 -3.45 46.88 24.16
N ALA E 151 -3.86 45.62 24.09
CA ALA E 151 -5.22 45.22 24.53
C ALA E 151 -5.15 43.77 24.98
N SER E 152 -4.42 43.54 26.06
CA SER E 152 -4.16 42.19 26.56
C SER E 152 -5.43 41.55 27.12
N ALA E 153 -6.25 42.29 27.84
CA ALA E 153 -7.50 41.73 28.41
C ALA E 153 -8.45 41.37 27.26
N TYR E 154 -8.57 42.22 26.26
CA TYR E 154 -9.45 41.98 25.10
C TYR E 154 -8.97 40.71 24.39
N THR E 155 -7.67 40.61 24.16
CA THR E 155 -7.06 39.43 23.45
C THR E 155 -7.35 38.18 24.29
N ALA E 156 -7.08 38.24 25.59
CA ALA E 156 -7.27 37.06 26.46
C ALA E 156 -8.75 36.65 26.49
N ALA E 157 -9.67 37.61 26.58
CA ALA E 157 -11.11 37.28 26.63
C ALA E 157 -11.58 36.73 25.27
N LYS E 158 -11.08 37.24 24.14
CA LYS E 158 -11.46 36.62 22.84
C LYS E 158 -10.94 35.18 22.76
N HIS E 159 -9.72 34.93 23.21
CA HIS E 159 -9.19 33.55 23.27
C HIS E 159 -10.13 32.71 24.18
N ALA E 160 -10.57 33.27 25.32
CA ALA E 160 -11.42 32.51 26.27
C ALA E 160 -12.71 32.12 25.51
N LEU E 161 -13.30 33.05 24.77
CA LEU E 161 -14.56 32.75 24.06
C LEU E 161 -14.29 31.73 22.96
N GLY E 162 -13.12 31.76 22.33
CA GLY E 162 -12.73 30.71 21.38
C GLY E 162 -12.66 29.34 22.06
N GLY E 163 -12.09 29.26 23.25
CA GLY E 163 -12.02 27.98 23.99
C GLY E 163 -13.42 27.53 24.43
N LEU E 164 -14.26 28.46 24.86
CA LEU E 164 -15.67 28.08 25.23
C LEU E 164 -16.42 27.59 24.00
N THR E 165 -16.16 28.14 22.83
CA THR E 165 -16.80 27.71 21.58
C THR E 165 -16.45 26.25 21.32
N LYS E 166 -15.18 25.90 21.42
CA LYS E 166 -14.75 24.51 21.17
C LYS E 166 -15.35 23.59 22.23
N ALA E 167 -15.33 24.01 23.48
CA ALA E 167 -15.82 23.15 24.59
C ALA E 167 -17.34 22.92 24.45
N MET E 168 -18.08 23.98 24.20
CA MET E 168 -19.53 23.84 23.98
C MET E 168 -19.79 22.96 22.74
N ALA E 169 -19.06 23.16 21.66
CA ALA E 169 -19.25 22.33 20.46
C ALA E 169 -19.11 20.85 20.84
N LEU E 170 -18.10 20.47 21.60
CA LEU E 170 -17.86 19.06 21.87
C LEU E 170 -18.88 18.55 22.90
N GLU E 171 -19.18 19.35 23.92
CA GLU E 171 -20.04 18.88 25.03
C GLU E 171 -21.51 18.82 24.60
N LEU E 172 -21.94 19.66 23.66
CA LEU E 172 -23.35 19.76 23.24
C LEU E 172 -23.62 19.01 21.94
N VAL E 173 -22.62 18.36 21.35
CA VAL E 173 -22.76 17.75 20.02
C VAL E 173 -23.85 16.67 20.07
N ARG E 174 -23.96 15.94 21.16
CA ARG E 174 -24.97 14.85 21.15
CA ARG E 174 -24.96 14.86 21.39
C ARG E 174 -26.38 15.42 21.30
N HIS E 175 -26.56 16.69 21.65
CA HIS E 175 -27.87 17.39 21.56
C HIS E 175 -28.10 17.96 20.16
N LYS E 176 -27.19 17.75 19.20
CA LYS E 176 -27.25 18.34 17.84
C LYS E 176 -27.33 19.87 17.96
N ILE E 177 -26.59 20.40 18.91
CA ILE E 177 -26.38 21.88 19.02
C ILE E 177 -25.00 22.13 18.40
N LEU E 178 -25.00 22.82 17.29
CA LEU E 178 -23.78 23.18 16.50
C LEU E 178 -23.27 24.50 17.03
N VAL E 179 -21.97 24.58 17.31
CA VAL E 179 -21.39 25.75 17.97
C VAL E 179 -20.15 26.15 17.20
N ASN E 180 -20.12 27.39 16.75
CA ASN E 180 -18.97 27.92 15.98
C ASN E 180 -18.76 29.38 16.34
N ALA E 181 -17.57 29.85 15.98
CA ALA E 181 -17.23 31.29 16.09
C ALA E 181 -17.07 31.83 14.68
N VAL E 182 -17.51 33.07 14.49
CA VAL E 182 -17.13 33.88 13.32
C VAL E 182 -16.20 34.93 13.87
N ALA E 183 -15.00 35.02 13.30
CA ALA E 183 -13.89 35.83 13.83
C ALA E 183 -13.61 36.95 12.85
N PRO E 184 -14.19 38.16 13.06
CA PRO E 184 -13.95 39.26 12.15
C PRO E 184 -12.56 39.87 12.31
N GLY E 185 -12.05 40.33 11.17
CA GLY E 185 -10.95 41.30 11.12
C GLY E 185 -11.43 42.72 11.43
N ALA E 186 -10.83 43.68 10.76
CA ALA E 186 -11.19 45.09 10.87
C ALA E 186 -12.44 45.35 10.04
N ILE E 187 -13.53 45.69 10.70
CA ILE E 187 -14.86 45.92 10.06
C ILE E 187 -15.26 47.38 10.24
N ALA E 188 -15.63 48.02 9.13
CA ALA E 188 -16.24 49.37 9.14
C ALA E 188 -17.67 49.30 9.70
N THR E 189 -18.05 50.18 10.63
CA THR E 189 -19.42 50.16 11.24
C THR E 189 -19.96 51.58 11.42
N PRO E 201 -13.16 53.97 1.62
CA PRO E 201 -12.65 54.83 0.53
C PRO E 201 -11.11 54.72 0.45
N ASP E 202 -10.35 55.50 1.23
CA ASP E 202 -8.87 55.39 1.23
C ASP E 202 -8.48 53.91 1.38
N ALA E 203 -7.51 53.44 0.59
CA ALA E 203 -6.90 52.11 0.78
C ALA E 203 -6.39 51.96 2.22
N GLU E 204 -6.39 50.72 2.73
CA GLU E 204 -5.82 50.35 4.05
C GLU E 204 -4.68 49.40 3.79
N PRO E 205 -3.46 49.94 3.50
CA PRO E 205 -2.40 49.06 3.00
C PRO E 205 -1.97 47.95 3.97
N SER E 206 -2.27 48.12 5.24
CA SER E 206 -1.84 47.18 6.30
C SER E 206 -2.61 45.86 6.15
N ILE E 207 -3.76 45.87 5.48
CA ILE E 207 -4.63 44.66 5.30
C ILE E 207 -4.45 44.15 3.88
N PRO E 208 -4.20 42.84 3.65
CA PRO E 208 -4.00 42.38 2.26
C PRO E 208 -5.07 42.83 1.26
N LEU E 209 -6.36 42.72 1.61
CA LEU E 209 -7.45 43.18 0.71
C LEU E 209 -7.54 44.72 0.64
N ARG E 210 -6.78 45.42 1.46
CA ARG E 210 -6.56 46.89 1.33
C ARG E 210 -7.84 47.68 1.61
N ARG E 211 -8.71 47.14 2.47
CA ARG E 211 -9.93 47.81 2.91
C ARG E 211 -10.42 47.14 4.19
N PHE E 212 -11.24 47.87 4.93
CA PHE E 212 -12.01 47.30 6.05
C PHE E 212 -13.13 46.43 5.50
N GLY E 213 -13.53 45.43 6.28
CA GLY E 213 -14.69 44.62 5.94
C GLY E 213 -15.98 45.40 6.15
N ALA E 214 -17.05 44.87 5.57
CA ALA E 214 -18.43 45.38 5.74
C ALA E 214 -19.18 44.50 6.73
N THR E 215 -20.12 45.08 7.46
CA THR E 215 -20.91 44.29 8.44
C THR E 215 -21.62 43.14 7.72
N HIS E 216 -22.10 43.35 6.49
CA HIS E 216 -22.77 42.34 5.65
CA HIS E 216 -22.79 42.31 5.71
C HIS E 216 -21.86 41.12 5.41
N GLU E 217 -20.56 41.33 5.34
CA GLU E 217 -19.56 40.25 5.06
C GLU E 217 -19.32 39.38 6.28
N ILE E 218 -19.75 39.83 7.46
CA ILE E 218 -19.79 38.97 8.68
C ILE E 218 -21.17 38.32 8.77
N ALA E 219 -22.23 39.12 8.71
CA ALA E 219 -23.62 38.62 8.84
C ALA E 219 -23.91 37.55 7.77
N SER E 220 -23.36 37.65 6.56
CA SER E 220 -23.58 36.67 5.49
C SER E 220 -23.16 35.26 5.95
N LEU E 221 -22.03 35.18 6.66
CA LEU E 221 -21.49 33.88 7.11
C LEU E 221 -22.37 33.37 8.25
N VAL E 222 -22.81 34.27 9.10
CA VAL E 222 -23.77 33.87 10.18
C VAL E 222 -25.01 33.24 9.51
N VAL E 223 -25.53 33.86 8.46
CA VAL E 223 -26.71 33.32 7.71
C VAL E 223 -26.36 31.95 7.18
N TRP E 224 -25.20 31.76 6.60
CA TRP E 224 -24.82 30.42 6.08
C TRP E 224 -24.86 29.42 7.24
N LEU E 225 -24.30 29.78 8.37
CA LEU E 225 -24.22 28.88 9.56
C LEU E 225 -25.62 28.48 10.03
N CYS E 226 -26.65 29.21 9.65
CA CYS E 226 -28.05 28.98 10.06
C CYS E 226 -28.79 28.19 9.01
N SER E 227 -28.13 27.81 7.92
CA SER E 227 -28.68 27.01 6.82
C SER E 227 -28.45 25.52 7.05
N GLU E 228 -29.25 24.67 6.41
CA GLU E 228 -29.08 23.21 6.58
C GLU E 228 -27.76 22.76 5.96
N GLY E 229 -27.24 23.52 5.00
CA GLY E 229 -25.91 23.22 4.43
C GLY E 229 -24.79 23.21 5.45
N ALA E 230 -24.96 23.90 6.56
CA ALA E 230 -23.94 24.03 7.62
C ALA E 230 -24.07 22.94 8.68
N ASN E 231 -24.88 21.92 8.44
CA ASN E 231 -25.23 20.94 9.50
C ASN E 231 -24.03 20.06 9.90
N TYR E 232 -22.95 20.03 9.12
CA TYR E 232 -21.75 19.24 9.51
C TYR E 232 -20.63 20.13 10.06
N THR E 233 -20.90 21.42 10.31
CA THR E 233 -19.87 22.38 10.78
C THR E 233 -20.03 22.62 12.27
N THR E 234 -19.04 22.24 13.06
CA THR E 234 -19.07 22.53 14.52
C THR E 234 -17.66 22.61 15.07
N GLY E 235 -17.48 23.48 16.04
CA GLY E 235 -16.21 23.63 16.75
C GLY E 235 -15.18 24.50 16.05
N GLN E 236 -15.61 25.26 15.07
CA GLN E 236 -14.64 26.00 14.23
C GLN E 236 -14.71 27.50 14.55
N SER E 237 -13.64 28.17 14.17
CA SER E 237 -13.51 29.63 14.23
C SER E 237 -13.24 30.09 12.80
N LEU E 238 -14.28 30.59 12.14
CA LEU E 238 -14.26 30.93 10.72
C LEU E 238 -13.87 32.40 10.65
N ILE E 239 -12.70 32.64 10.05
CA ILE E 239 -12.05 33.98 10.11
C ILE E 239 -12.38 34.74 8.84
N VAL E 240 -12.94 35.94 9.02
CA VAL E 240 -13.38 36.80 7.90
C VAL E 240 -12.65 38.12 8.08
N ASP E 241 -11.54 38.27 7.35
CA ASP E 241 -10.53 39.26 7.80
C ASP E 241 -9.72 39.90 6.66
N GLY E 242 -10.11 39.75 5.41
CA GLY E 242 -9.37 40.35 4.30
C GLY E 242 -7.91 39.98 4.28
N GLY E 243 -7.53 38.83 4.83
CA GLY E 243 -6.14 38.37 4.84
C GLY E 243 -5.34 38.86 6.00
N PHE E 244 -5.94 39.49 7.01
CA PHE E 244 -5.23 39.94 8.24
C PHE E 244 -4.29 38.84 8.75
N MET E 245 -4.77 37.59 8.86
CA MET E 245 -3.98 36.50 9.48
C MET E 245 -2.78 36.10 8.61
N LEU E 246 -2.73 36.52 7.34
CA LEU E 246 -1.63 36.17 6.42
C LEU E 246 -0.48 37.16 6.60
N ALA E 247 -0.75 38.33 7.19
CA ALA E 247 0.27 39.40 7.24
C ALA E 247 1.33 38.97 8.26
N ASN E 248 2.55 39.26 7.95
CA ASN E 248 3.70 38.99 8.82
C ASN E 248 4.73 40.01 8.40
N PRO E 249 5.89 40.05 9.08
CA PRO E 249 6.92 41.05 8.74
C PRO E 249 7.35 41.10 7.26
N GLN E 250 7.25 40.00 6.52
CA GLN E 250 7.61 39.98 5.08
C GLN E 250 6.55 40.69 4.23
N PHE E 251 5.35 40.90 4.75
CA PHE E 251 4.26 41.62 4.04
C PHE E 251 4.14 43.07 4.54
N ASN E 252 4.17 43.25 5.85
CA ASN E 252 3.66 44.45 6.57
C ASN E 252 4.34 45.69 6.03
N PRO E 253 3.61 46.66 5.43
CA PRO E 253 4.27 47.85 4.90
C PRO E 253 5.01 48.60 6.02
N GLU E 254 6.19 49.15 5.71
CA GLU E 254 6.94 50.04 6.63
C GLU E 254 6.27 51.41 6.60
N ALA F 3 23.05 36.33 42.01
CA ALA F 3 22.40 35.26 41.20
C ALA F 3 21.12 35.80 40.55
N GLN F 4 20.75 35.21 39.44
CA GLN F 4 19.40 35.36 38.89
C GLN F 4 18.36 34.74 39.84
N VAL F 5 17.14 35.24 39.78
CA VAL F 5 16.02 34.77 40.61
C VAL F 5 14.88 34.27 39.74
N ALA F 6 14.39 33.09 40.06
CA ALA F 6 13.20 32.51 39.43
C ALA F 6 12.16 32.34 40.52
N ILE F 7 10.95 32.75 40.21
CA ILE F 7 9.79 32.55 41.11
C ILE F 7 8.79 31.64 40.42
N ILE F 8 8.35 30.61 41.14
CA ILE F 8 7.29 29.65 40.68
CA ILE F 8 7.29 29.67 40.67
C ILE F 8 6.02 30.00 41.45
N THR F 9 4.98 30.47 40.76
CA THR F 9 3.71 30.83 41.44
C THR F 9 2.76 29.64 41.39
N ALA F 10 1.91 29.55 42.41
CA ALA F 10 0.90 28.47 42.55
C ALA F 10 1.64 27.13 42.43
N SER F 11 2.74 27.00 43.17
CA SER F 11 3.60 25.81 43.11
C SER F 11 2.87 24.62 43.71
N ASP F 12 3.33 23.44 43.33
CA ASP F 12 2.74 22.14 43.75
C ASP F 12 3.91 21.16 43.91
N SER F 13 3.61 19.91 44.21
CA SER F 13 4.61 18.86 44.46
CA SER F 13 4.64 18.88 44.45
C SER F 13 4.96 18.13 43.16
N GLY F 14 4.41 18.59 42.04
CA GLY F 14 4.65 18.05 40.70
C GLY F 14 5.50 18.97 39.85
N ILE F 15 4.90 19.55 38.82
CA ILE F 15 5.61 20.41 37.85
C ILE F 15 6.23 21.60 38.59
N GLY F 16 5.50 22.22 39.50
CA GLY F 16 6.04 23.41 40.18
C GLY F 16 7.32 23.06 40.93
N LYS F 17 7.30 22.02 41.74
CA LYS F 17 8.50 21.57 42.49
C LYS F 17 9.63 21.31 41.52
N GLU F 18 9.35 20.57 40.45
CA GLU F 18 10.43 20.13 39.55
C GLU F 18 11.04 21.34 38.85
N CYS F 19 10.23 22.33 38.48
CA CYS F 19 10.76 23.60 37.91
C CYS F 19 11.73 24.24 38.92
N ALA F 20 11.30 24.37 40.17
CA ALA F 20 12.11 25.00 41.23
C ALA F 20 13.44 24.23 41.36
N LEU F 21 13.37 22.90 41.35
CA LEU F 21 14.58 22.07 41.62
C LEU F 21 15.53 22.21 40.42
N LEU F 22 15.01 22.09 39.20
CA LEU F 22 15.91 22.08 38.02
C LEU F 22 16.45 23.50 37.81
N LEU F 23 15.70 24.55 38.13
CA LEU F 23 16.22 25.94 38.06
C LEU F 23 17.27 26.16 39.17
N ALA F 24 17.05 25.64 40.37
CA ALA F 24 18.06 25.70 41.45
C ALA F 24 19.37 25.07 40.97
N GLN F 25 19.30 23.93 40.30
CA GLN F 25 20.49 23.20 39.77
C GLN F 25 21.23 24.05 38.72
N GLN F 26 20.56 24.98 38.04
CA GLN F 26 21.22 25.93 37.09
C GLN F 26 21.74 27.17 37.83
N GLY F 27 21.48 27.30 39.14
CA GLY F 27 22.05 28.38 39.97
C GLY F 27 21.10 29.54 40.23
N PHE F 28 19.83 29.45 39.85
CA PHE F 28 18.81 30.45 40.24
C PHE F 28 18.48 30.36 41.72
N ASP F 29 18.46 31.51 42.40
CA ASP F 29 17.72 31.68 43.67
C ASP F 29 16.24 31.50 43.35
N ILE F 30 15.51 30.89 44.28
CA ILE F 30 14.11 30.45 44.00
C ILE F 30 13.15 31.13 44.96
N GLY F 31 12.09 31.69 44.39
CA GLY F 31 10.89 32.05 45.16
C GLY F 31 9.74 31.09 44.85
N ILE F 32 8.98 30.74 45.86
CA ILE F 32 7.81 29.84 45.74
CA ILE F 32 7.79 29.86 45.71
C ILE F 32 6.58 30.57 46.31
N THR F 33 5.50 30.69 45.52
CA THR F 33 4.17 31.03 46.09
C THR F 33 3.33 29.78 46.08
N TRP F 34 2.49 29.66 47.10
CA TRP F 34 1.54 28.54 47.17
C TRP F 34 0.15 29.11 47.44
N HIS F 35 -0.83 28.54 46.73
CA HIS F 35 -2.28 28.69 47.01
C HIS F 35 -2.78 27.44 47.73
N SER F 36 -2.28 26.27 47.31
CA SER F 36 -2.47 25.04 48.10
C SER F 36 -1.14 24.32 48.33
N ASP F 37 -1.18 23.39 49.29
CA ASP F 37 -0.08 22.48 49.66
C ASP F 37 1.10 23.30 50.19
N GLU F 38 0.88 23.97 51.32
CA GLU F 38 1.94 24.72 52.00
C GLU F 38 3.09 23.77 52.36
N GLU F 39 2.80 22.58 52.88
CA GLU F 39 3.88 21.63 53.31
CA GLU F 39 3.87 21.64 53.32
C GLU F 39 4.68 21.22 52.08
N GLY F 40 4.04 21.08 50.93
CA GLY F 40 4.74 20.80 49.67
C GLY F 40 5.69 21.94 49.30
N ALA F 41 5.27 23.18 49.49
CA ALA F 41 6.13 24.36 49.25
C ALA F 41 7.36 24.30 50.16
N LYS F 42 7.17 23.94 51.44
CA LYS F 42 8.29 23.83 52.41
C LYS F 42 9.24 22.72 51.97
N ASP F 43 8.70 21.58 51.53
CA ASP F 43 9.52 20.44 51.03
C ASP F 43 10.34 20.90 49.83
N THR F 44 9.71 21.63 48.92
CA THR F 44 10.39 22.17 47.73
C THR F 44 11.54 23.06 48.20
N ALA F 45 11.28 24.01 49.08
CA ALA F 45 12.31 24.96 49.57
C ALA F 45 13.48 24.18 50.18
N ARG F 46 13.19 23.14 50.96
CA ARG F 46 14.24 22.33 51.62
C ARG F 46 15.13 21.70 50.55
N GLU F 47 14.53 21.13 49.52
CA GLU F 47 15.29 20.48 48.42
C GLU F 47 16.08 21.55 47.64
N VAL F 48 15.48 22.73 47.40
CA VAL F 48 16.13 23.83 46.64
C VAL F 48 17.45 24.19 47.34
N VAL F 49 17.43 24.40 48.66
CA VAL F 49 18.63 24.96 49.32
C VAL F 49 19.75 23.89 49.31
N SER F 50 19.39 22.62 49.11
CA SER F 50 20.35 21.48 49.02
C SER F 50 21.19 21.65 47.76
N HIS F 51 20.79 22.55 46.85
CA HIS F 51 21.47 22.84 45.56
C HIS F 51 22.34 24.11 45.69
N GLY F 52 22.39 24.72 46.88
CA GLY F 52 23.30 25.83 47.24
C GLY F 52 22.81 27.19 46.78
N VAL F 53 21.50 27.34 46.65
CA VAL F 53 20.85 28.63 46.30
C VAL F 53 19.89 29.01 47.43
N ARG F 54 19.36 30.22 47.38
CA ARG F 54 18.33 30.69 48.34
C ARG F 54 16.98 30.11 47.94
N ALA F 55 16.14 29.88 48.94
CA ALA F 55 14.71 29.59 48.76
C ALA F 55 13.92 30.50 49.70
N GLU F 56 12.93 31.19 49.15
CA GLU F 56 11.98 32.02 49.91
C GLU F 56 10.57 31.60 49.50
N ILE F 57 9.69 31.41 50.48
CA ILE F 57 8.28 30.96 50.26
CA ILE F 57 8.29 31.04 50.12
C ILE F 57 7.33 32.04 50.76
N VAL F 58 6.17 32.14 50.12
CA VAL F 58 5.04 32.93 50.67
CA VAL F 58 5.03 32.99 50.59
C VAL F 58 3.74 32.26 50.23
N GLN F 59 2.72 32.41 51.04
CA GLN F 59 1.37 32.10 50.58
C GLN F 59 0.92 33.21 49.63
N LEU F 60 0.32 32.83 48.50
CA LEU F 60 -0.41 33.78 47.63
C LEU F 60 -1.78 33.16 47.40
N ASP F 61 -2.73 33.66 48.17
CA ASP F 61 -4.10 33.11 48.26
C ASP F 61 -4.94 33.64 47.10
N LEU F 62 -5.27 32.77 46.15
CA LEU F 62 -6.08 33.11 44.95
C LEU F 62 -7.56 33.25 45.31
N GLY F 63 -7.93 33.05 46.57
CA GLY F 63 -9.29 33.38 47.04
C GLY F 63 -9.40 34.82 47.51
N ASN F 64 -8.28 35.53 47.53
CA ASN F 64 -8.24 36.91 48.07
C ASN F 64 -7.71 37.90 47.03
N LEU F 65 -8.05 37.78 45.75
CA LEU F 65 -7.48 38.72 44.75
C LEU F 65 -8.23 40.05 44.73
N PRO F 66 -7.58 41.18 44.39
CA PRO F 66 -6.17 41.22 44.02
C PRO F 66 -5.19 41.33 45.20
N GLU F 67 -5.72 41.63 46.39
CA GLU F 67 -4.88 41.89 47.60
C GLU F 67 -3.94 40.71 47.84
N GLY F 68 -4.38 39.48 47.63
CA GLY F 68 -3.53 38.31 47.89
C GLY F 68 -2.26 38.35 47.07
N ALA F 69 -2.30 38.95 45.88
CA ALA F 69 -1.13 38.96 44.97
C ALA F 69 -0.02 39.86 45.53
N LEU F 70 -0.31 40.76 46.46
CA LEU F 70 0.78 41.59 47.04
CA LEU F 70 0.69 41.58 47.22
C LEU F 70 1.84 40.70 47.71
N ALA F 71 1.55 39.42 48.06
CA ALA F 71 2.57 38.50 48.57
C ALA F 71 3.74 38.38 47.57
N LEU F 72 3.46 38.42 46.27
CA LEU F 72 4.54 38.28 45.27
C LEU F 72 5.43 39.52 45.33
N GLU F 73 4.88 40.71 45.57
CA GLU F 73 5.71 41.93 45.69
C GLU F 73 6.65 41.73 46.88
N LYS F 74 6.12 41.22 47.99
CA LYS F 74 6.91 40.97 49.21
C LYS F 74 8.00 39.94 48.88
N LEU F 75 7.67 38.91 48.13
CA LEU F 75 8.64 37.82 47.85
C LEU F 75 9.76 38.36 46.96
N ILE F 76 9.41 39.15 45.96
CA ILE F 76 10.44 39.81 45.11
C ILE F 76 11.35 40.71 45.96
N GLN F 77 10.75 41.49 46.87
CA GLN F 77 11.52 42.38 47.79
CA GLN F 77 11.57 42.38 47.72
C GLN F 77 12.52 41.54 48.58
N ARG F 78 12.07 40.36 49.04
CA ARG F 78 12.90 39.49 49.92
CA ARG F 78 12.91 39.48 49.92
C ARG F 78 14.07 38.91 49.10
N LEU F 79 13.82 38.54 47.85
CA LEU F 79 14.89 37.94 47.00
C LEU F 79 15.73 39.02 46.32
N GLY F 80 15.20 40.24 46.19
CA GLY F 80 15.96 41.41 45.69
C GLY F 80 15.73 41.76 44.24
N ARG F 81 15.20 40.84 43.44
CA ARG F 81 15.03 41.02 41.98
C ARG F 81 14.19 39.86 41.45
N ILE F 82 13.81 39.93 40.18
CA ILE F 82 13.21 38.75 39.51
C ILE F 82 13.72 38.71 38.07
N ASP F 83 14.15 37.53 37.65
CA ASP F 83 14.58 37.28 36.25
C ASP F 83 13.59 36.41 35.49
N VAL F 84 12.95 35.49 36.20
CA VAL F 84 12.05 34.46 35.64
C VAL F 84 10.82 34.36 36.54
N LEU F 85 9.66 34.42 35.91
CA LEU F 85 8.38 34.06 36.55
C LEU F 85 7.84 32.83 35.83
N VAL F 86 7.55 31.78 36.60
CA VAL F 86 6.85 30.59 36.06
C VAL F 86 5.49 30.57 36.75
N ASN F 87 4.44 30.74 35.97
CA ASN F 87 3.06 30.65 36.51
C ASN F 87 2.61 29.21 36.39
N ASN F 88 2.73 28.46 37.47
CA ASN F 88 2.35 27.03 37.44
C ASN F 88 0.83 26.93 37.43
N ALA F 89 0.35 25.80 36.89
CA ALA F 89 -1.08 25.48 36.77
C ALA F 89 -1.55 24.64 37.97
N GLY F 90 -2.68 25.04 38.51
CA GLY F 90 -3.39 24.28 39.54
C GLY F 90 -4.17 23.13 38.94
N ALA F 91 -4.82 22.35 39.79
CA ALA F 91 -5.56 21.15 39.37
C ALA F 91 -6.68 21.56 38.42
N MET F 92 -7.01 20.65 37.54
CA MET F 92 -8.18 20.75 36.66
C MET F 92 -9.43 20.51 37.52
N THR F 93 -10.44 21.34 37.28
CA THR F 93 -11.77 21.30 37.89
C THR F 93 -12.81 21.08 36.79
N LYS F 94 -13.66 20.06 36.95
CA LYS F 94 -14.72 19.71 35.96
C LYS F 94 -16.08 20.16 36.51
N ALA F 95 -17.00 20.52 35.62
CA ALA F 95 -18.43 20.72 35.93
C ALA F 95 -19.20 20.68 34.62
N PRO F 96 -20.38 20.02 34.52
CA PRO F 96 -21.09 19.95 33.25
C PRO F 96 -21.61 21.32 32.85
N PHE F 97 -21.46 21.63 31.57
CA PHE F 97 -21.81 22.94 31.03
C PHE F 97 -23.25 23.34 31.39
N LEU F 98 -24.22 22.47 31.15
CA LEU F 98 -25.66 22.85 31.34
C LEU F 98 -25.95 23.12 32.82
N ASP F 99 -25.24 22.48 33.74
CA ASP F 99 -25.55 22.63 35.18
C ASP F 99 -24.58 23.58 35.91
N MET F 100 -23.60 24.17 35.22
CA MET F 100 -22.52 24.86 35.92
C MET F 100 -23.05 26.13 36.54
N ALA F 101 -22.76 26.33 37.81
CA ALA F 101 -23.12 27.57 38.49
C ALA F 101 -22.18 28.68 38.02
N PHE F 102 -22.67 29.90 38.03
CA PHE F 102 -21.81 31.06 37.66
C PHE F 102 -20.63 31.14 38.65
N ASP F 103 -20.83 30.83 39.94
CA ASP F 103 -19.72 30.86 40.93
C ASP F 103 -18.62 29.88 40.50
N GLU F 104 -18.97 28.74 39.91
CA GLU F 104 -17.99 27.71 39.50
C GLU F 104 -17.16 28.23 38.32
N TRP F 105 -17.84 28.82 37.33
CA TRP F 105 -17.20 29.47 36.17
C TRP F 105 -16.24 30.56 36.68
N ARG F 106 -16.73 31.47 37.54
CA ARG F 106 -15.89 32.58 38.06
C ARG F 106 -14.70 32.03 38.82
N LYS F 107 -14.89 31.02 39.66
CA LYS F 107 -13.79 30.51 40.50
C LYS F 107 -12.68 29.95 39.61
N ILE F 108 -13.04 29.24 38.54
CA ILE F 108 -12.03 28.65 37.64
C ILE F 108 -11.27 29.80 36.94
N PHE F 109 -11.92 30.86 36.49
CA PHE F 109 -11.19 32.01 35.89
C PHE F 109 -10.31 32.66 36.96
N THR F 110 -10.78 32.80 38.19
CA THR F 110 -10.02 33.46 39.26
C THR F 110 -8.71 32.68 39.46
N VAL F 111 -8.81 31.37 39.61
CA VAL F 111 -7.66 30.52 40.01
CA VAL F 111 -7.64 30.55 40.02
C VAL F 111 -6.77 30.30 38.78
N ASP F 112 -7.35 30.15 37.59
CA ASP F 112 -6.58 29.67 36.41
C ASP F 112 -6.14 30.79 35.49
N VAL F 113 -6.66 32.01 35.59
CA VAL F 113 -6.19 33.13 34.72
CA VAL F 113 -6.11 33.09 34.73
C VAL F 113 -5.92 34.38 35.54
N ASP F 114 -6.80 34.76 36.44
CA ASP F 114 -6.64 36.07 37.14
C ASP F 114 -5.36 36.06 37.96
N GLY F 115 -5.04 34.95 38.61
CA GLY F 115 -3.80 34.84 39.38
C GLY F 115 -2.60 35.12 38.48
N ALA F 116 -2.52 34.39 37.37
CA ALA F 116 -1.41 34.49 36.42
C ALA F 116 -1.33 35.94 35.90
N PHE F 117 -2.46 36.58 35.62
CA PHE F 117 -2.47 37.98 35.19
C PHE F 117 -1.79 38.86 36.23
N LEU F 118 -2.27 38.83 37.45
CA LEU F 118 -1.74 39.71 38.51
C LEU F 118 -0.26 39.42 38.75
N CYS F 119 0.12 38.16 38.83
CA CYS F 119 1.54 37.82 39.09
C CYS F 119 2.39 38.32 37.91
N SER F 120 1.93 38.11 36.69
CA SER F 120 2.70 38.52 35.50
C SER F 120 2.88 40.04 35.54
N GLN F 121 1.85 40.77 35.90
CA GLN F 121 1.90 42.24 35.92
CA GLN F 121 1.89 42.24 35.94
C GLN F 121 2.94 42.69 36.97
N ILE F 122 2.91 42.10 38.14
CA ILE F 122 3.89 42.45 39.21
C ILE F 122 5.30 42.13 38.70
N ALA F 123 5.53 40.95 38.15
CA ALA F 123 6.86 40.53 37.70
C ALA F 123 7.31 41.44 36.56
N ALA F 124 6.45 41.74 35.59
CA ALA F 124 6.83 42.55 34.42
C ALA F 124 7.24 43.95 34.89
N ARG F 125 6.51 44.52 35.83
CA ARG F 125 6.84 45.86 36.37
C ARG F 125 8.24 45.80 36.97
N GLN F 126 8.56 44.77 37.72
CA GLN F 126 9.90 44.62 38.34
C GLN F 126 10.95 44.49 37.24
N MET F 127 10.67 43.67 36.23
CA MET F 127 11.62 43.49 35.13
C MET F 127 11.87 44.81 34.40
N VAL F 128 10.82 45.59 34.17
CA VAL F 128 10.94 46.92 33.51
C VAL F 128 11.83 47.81 34.37
N LYS F 129 11.59 47.82 35.68
CA LYS F 129 12.38 48.66 36.62
C LYS F 129 13.87 48.27 36.54
N GLN F 130 14.15 47.00 36.47
CA GLN F 130 15.56 46.50 36.49
C GLN F 130 16.24 46.88 35.17
N GLY F 131 15.51 46.83 34.05
CA GLY F 131 16.05 47.16 32.72
C GLY F 131 16.98 46.07 32.15
N GLN F 132 16.85 44.83 32.58
CA GLN F 132 17.77 43.69 32.25
C GLN F 132 17.00 42.55 31.57
N GLY F 133 15.81 42.82 31.05
CA GLY F 133 14.99 41.78 30.41
C GLY F 133 14.42 40.80 31.42
N GLY F 134 13.82 39.74 30.92
CA GLY F 134 13.19 38.78 31.81
C GLY F 134 12.47 37.72 31.02
N ARG F 135 11.89 36.80 31.76
CA ARG F 135 11.16 35.63 31.19
CA ARG F 135 11.18 35.62 31.21
C ARG F 135 9.89 35.44 32.00
N ILE F 136 8.78 35.28 31.29
CA ILE F 136 7.50 34.86 31.91
C ILE F 136 7.06 33.59 31.17
N ILE F 137 6.89 32.50 31.94
CA ILE F 137 6.54 31.19 31.37
C ILE F 137 5.25 30.74 32.05
N ASN F 138 4.20 30.66 31.26
CA ASN F 138 2.87 30.19 31.72
C ASN F 138 2.72 28.70 31.48
N ILE F 139 2.45 27.94 32.55
CA ILE F 139 2.12 26.52 32.38
C ILE F 139 0.63 26.47 32.04
N THR F 140 0.31 26.05 30.84
CA THR F 140 -1.09 25.95 30.40
C THR F 140 -1.43 24.44 30.39
N SER F 141 -1.74 23.94 29.21
CA SER F 141 -2.27 22.59 28.99
C SER F 141 -2.45 22.40 27.50
N VAL F 142 -2.53 21.16 27.06
CA VAL F 142 -3.07 20.89 25.70
C VAL F 142 -4.46 21.54 25.58
N HIS F 143 -5.14 21.80 26.69
CA HIS F 143 -6.50 22.38 26.61
C HIS F 143 -6.51 23.91 26.46
N GLU F 144 -5.33 24.50 26.27
CA GLU F 144 -5.16 25.84 25.64
C GLU F 144 -5.58 25.75 24.16
N HIS F 145 -5.58 24.55 23.59
CA HIS F 145 -5.70 24.35 22.12
C HIS F 145 -6.87 23.47 21.72
N THR F 146 -7.24 22.51 22.55
CA THR F 146 -8.27 21.50 22.22
C THR F 146 -9.14 21.34 23.45
N PRO F 147 -10.45 21.05 23.31
CA PRO F 147 -11.33 21.07 24.47
C PRO F 147 -11.26 19.78 25.28
N LEU F 148 -11.53 19.90 26.57
CA LEU F 148 -11.75 18.74 27.45
C LEU F 148 -13.24 18.56 27.68
C LEU F 148 -13.26 18.52 27.33
N PRO F 149 -13.94 17.55 27.08
N PRO F 149 -13.72 17.27 27.52
CA PRO F 149 -15.40 17.56 26.78
CA PRO F 149 -15.12 17.01 27.81
C PRO F 149 -16.45 17.72 27.90
C PRO F 149 -15.34 17.18 29.32
N ASP F 150 -15.97 17.94 29.14
N ASP F 150 -16.50 17.74 29.68
CA ASP F 150 -16.76 18.00 30.40
CA ASP F 150 -16.93 17.99 31.08
C ASP F 150 -16.09 18.95 31.41
C ASP F 150 -16.15 19.16 31.66
N ALA F 151 -15.32 19.90 30.89
CA ALA F 151 -14.52 20.92 31.61
C ALA F 151 -14.46 22.18 30.77
N SER F 152 -15.63 22.76 30.48
CA SER F 152 -15.71 23.93 29.56
C SER F 152 -15.04 25.17 30.20
N ALA F 153 -15.20 25.39 31.49
CA ALA F 153 -14.61 26.58 32.15
C ALA F 153 -13.08 26.43 32.16
N TYR F 154 -12.60 25.23 32.44
CA TYR F 154 -11.14 24.99 32.49
C TYR F 154 -10.59 25.22 31.08
N THR F 155 -11.26 24.70 30.06
CA THR F 155 -10.84 24.86 28.65
C THR F 155 -10.80 26.35 28.30
N ALA F 156 -11.85 27.10 28.65
CA ALA F 156 -11.94 28.54 28.29
C ALA F 156 -10.83 29.30 29.00
N ALA F 157 -10.56 28.97 30.26
CA ALA F 157 -9.52 29.67 31.06
C ALA F 157 -8.12 29.36 30.53
N LYS F 158 -7.85 28.13 30.10
CA LYS F 158 -6.53 27.80 29.52
C LYS F 158 -6.36 28.54 28.20
N HIS F 159 -7.40 28.63 27.39
CA HIS F 159 -7.34 29.47 26.16
C HIS F 159 -7.06 30.91 26.56
N ALA F 160 -7.76 31.45 27.55
CA ALA F 160 -7.53 32.82 28.03
C ALA F 160 -6.04 33.01 28.35
N LEU F 161 -5.44 32.10 29.10
CA LEU F 161 -4.03 32.28 29.50
C LEU F 161 -3.15 32.17 28.24
N GLY F 162 -3.53 31.36 27.26
CA GLY F 162 -2.80 31.34 25.98
C GLY F 162 -2.83 32.70 25.32
N GLY F 163 -4.00 33.33 25.30
CA GLY F 163 -4.11 34.66 24.70
C GLY F 163 -3.34 35.70 25.47
N LEU F 164 -3.37 35.65 26.79
CA LEU F 164 -2.57 36.57 27.62
C LEU F 164 -1.08 36.36 27.33
N THR F 165 -0.65 35.12 27.13
CA THR F 165 0.78 34.81 26.82
C THR F 165 1.17 35.56 25.53
N LYS F 166 0.36 35.45 24.48
CA LYS F 166 0.67 36.13 23.20
C LYS F 166 0.66 37.64 23.41
N ALA F 167 -0.33 38.20 24.11
CA ALA F 167 -0.49 39.64 24.26
C ALA F 167 0.69 40.19 25.06
N MET F 168 1.10 39.53 26.14
CA MET F 168 2.24 39.99 26.92
C MET F 168 3.52 39.88 26.11
N ALA F 169 3.69 38.82 25.33
CA ALA F 169 4.88 38.65 24.49
C ALA F 169 5.01 39.85 23.57
N LEU F 170 3.93 40.26 22.92
CA LEU F 170 4.03 41.38 21.96
C LEU F 170 4.18 42.71 22.71
N GLU F 171 3.39 42.94 23.75
CA GLU F 171 3.34 44.24 24.44
C GLU F 171 4.62 44.48 25.25
N LEU F 172 5.29 43.45 25.74
CA LEU F 172 6.50 43.63 26.57
C LEU F 172 7.79 43.48 25.75
N VAL F 173 7.69 43.24 24.45
CA VAL F 173 8.87 42.85 23.65
C VAL F 173 9.96 43.93 23.69
N ARG F 174 9.63 45.21 23.79
CA ARG F 174 10.68 46.27 23.74
C ARG F 174 11.54 46.17 25.01
N HIS F 175 11.01 45.54 26.07
CA HIS F 175 11.71 45.36 27.36
C HIS F 175 12.55 44.09 27.35
N LYS F 176 12.49 43.32 26.26
CA LYS F 176 13.21 42.01 26.16
C LYS F 176 12.69 41.10 27.28
N ILE F 177 11.41 41.18 27.55
CA ILE F 177 10.73 40.19 28.43
C ILE F 177 10.08 39.16 27.50
N LEU F 178 10.62 37.97 27.49
CA LEU F 178 10.18 36.86 26.61
C LEU F 178 9.08 36.09 27.34
N VAL F 179 7.97 35.88 26.65
CA VAL F 179 6.75 35.31 27.26
C VAL F 179 6.30 34.12 26.40
N ASN F 180 6.25 32.97 27.03
CA ASN F 180 5.83 31.72 26.35
C ASN F 180 4.95 30.91 27.27
N ALA F 181 4.25 29.96 26.68
CA ALA F 181 3.55 28.92 27.43
C ALA F 181 4.20 27.57 27.17
N VAL F 182 4.20 26.75 28.23
CA VAL F 182 4.44 25.30 28.10
C VAL F 182 3.12 24.63 28.36
N ALA F 183 2.67 23.81 27.43
CA ALA F 183 1.33 23.22 27.42
C ALA F 183 1.45 21.73 27.65
N PRO F 184 1.38 21.24 28.90
CA PRO F 184 1.48 19.80 29.13
C PRO F 184 0.24 19.01 28.73
N GLY F 185 0.47 17.80 28.27
CA GLY F 185 -0.58 16.78 28.20
C GLY F 185 -0.83 16.18 29.58
N ALA F 186 -1.04 14.88 29.60
CA ALA F 186 -1.34 14.10 30.82
C ALA F 186 -0.03 13.80 31.52
N ILE F 187 0.16 14.37 32.69
CA ILE F 187 1.43 14.27 33.48
C ILE F 187 1.14 13.51 34.77
N ALA F 188 1.97 12.50 35.07
CA ALA F 188 1.95 11.73 36.34
C ALA F 188 2.57 12.58 37.46
N THR F 189 1.92 12.70 38.62
CA THR F 189 2.40 13.57 39.73
C THR F 189 2.23 12.87 41.08
N ALA F 203 0.79 1.01 31.24
CA ALA F 203 0.60 1.58 29.89
C ALA F 203 -0.71 2.38 29.85
N GLU F 204 -0.74 3.45 29.06
CA GLU F 204 -1.91 4.33 28.82
C GLU F 204 -2.20 4.36 27.33
N PRO F 205 -3.00 3.40 26.80
CA PRO F 205 -3.10 3.23 25.35
C PRO F 205 -3.76 4.41 24.62
N SER F 206 -4.49 5.28 25.32
CA SER F 206 -5.18 6.44 24.68
C SER F 206 -4.13 7.47 24.24
N ILE F 207 -2.92 7.43 24.81
CA ILE F 207 -1.86 8.43 24.52
C ILE F 207 -0.91 7.76 23.52
N PRO F 208 -0.57 8.39 22.38
CA PRO F 208 0.35 7.75 21.44
C PRO F 208 1.66 7.19 22.04
N LEU F 209 2.32 7.89 22.97
CA LEU F 209 3.57 7.37 23.61
C LEU F 209 3.25 6.32 24.67
N ARG F 210 1.99 6.09 24.99
CA ARG F 210 1.48 4.96 25.80
C ARG F 210 1.87 5.12 27.27
N ARG F 211 2.06 6.36 27.71
CA ARG F 211 2.37 6.69 29.11
C ARG F 211 1.99 8.13 29.38
N PHE F 212 1.84 8.42 30.66
CA PHE F 212 1.80 9.80 31.15
C PHE F 212 3.20 10.39 31.08
N GLY F 213 3.26 11.72 31.00
CA GLY F 213 4.53 12.44 31.07
C GLY F 213 5.07 12.48 32.48
N ALA F 214 6.37 12.72 32.61
CA ALA F 214 7.05 12.93 33.90
C ALA F 214 7.13 14.43 34.17
N THR F 215 7.08 14.81 35.42
CA THR F 215 7.16 16.25 35.76
C THR F 215 8.46 16.85 35.21
N HIS F 216 9.54 16.09 35.18
CA HIS F 216 10.84 16.62 34.69
C HIS F 216 10.77 16.88 33.19
N GLU F 217 9.86 16.21 32.46
CA GLU F 217 9.71 16.40 31.00
C GLU F 217 8.97 17.71 30.68
N ILE F 218 8.38 18.33 31.67
CA ILE F 218 7.87 19.73 31.55
C ILE F 218 8.95 20.66 32.07
N ALA F 219 9.46 20.41 33.27
CA ALA F 219 10.44 21.33 33.90
C ALA F 219 11.66 21.50 33.02
N SER F 220 12.09 20.43 32.36
CA SER F 220 13.31 20.45 31.51
C SER F 220 13.13 21.53 30.44
N LEU F 221 11.94 21.63 29.86
CA LEU F 221 11.70 22.64 28.80
C LEU F 221 11.64 24.03 29.43
N VAL F 222 11.05 24.17 30.61
CA VAL F 222 11.07 25.45 31.33
C VAL F 222 12.51 25.88 31.53
N VAL F 223 13.40 24.98 31.96
CA VAL F 223 14.83 25.33 32.12
C VAL F 223 15.41 25.81 30.79
N TRP F 224 15.12 25.11 29.70
CA TRP F 224 15.63 25.55 28.38
C TRP F 224 15.17 26.99 28.12
N LEU F 225 13.90 27.30 28.32
CA LEU F 225 13.34 28.63 28.04
C LEU F 225 14.03 29.69 28.91
N CYS F 226 14.68 29.32 30.02
CA CYS F 226 15.41 30.25 30.91
C CYS F 226 16.88 30.41 30.49
N SER F 227 17.31 29.69 29.48
CA SER F 227 18.72 29.71 29.00
C SER F 227 18.87 30.81 27.96
N GLU F 228 20.11 31.25 27.77
CA GLU F 228 20.45 32.26 26.75
C GLU F 228 20.13 31.70 25.35
N GLY F 229 20.18 30.40 25.15
CA GLY F 229 19.84 29.81 23.86
C GLY F 229 18.39 30.09 23.47
N ALA F 230 17.51 30.39 24.45
CA ALA F 230 16.08 30.63 24.21
C ALA F 230 15.81 32.12 23.97
N ASN F 231 16.85 32.92 23.80
CA ASN F 231 16.68 34.39 23.70
C ASN F 231 15.87 34.84 22.47
N TYR F 232 15.62 33.99 21.48
CA TYR F 232 14.85 34.39 20.28
C TYR F 232 13.45 33.79 20.31
N THR F 233 13.06 33.18 21.44
CA THR F 233 11.75 32.46 21.50
C THR F 233 10.76 33.35 22.30
N THR F 234 9.69 33.81 21.66
CA THR F 234 8.65 34.54 22.40
C THR F 234 7.33 34.39 21.68
N GLY F 235 6.26 34.36 22.47
CA GLY F 235 4.88 34.34 21.94
C GLY F 235 4.36 32.95 21.63
N GLN F 236 5.07 31.92 22.04
CA GLN F 236 4.75 30.53 21.62
C GLN F 236 4.11 29.73 22.75
N SER F 237 3.45 28.68 22.33
CA SER F 237 2.89 27.65 23.22
C SER F 237 3.50 26.31 22.80
N LEU F 238 4.41 25.84 23.64
CA LEU F 238 5.23 24.64 23.37
CA LEU F 238 5.22 24.63 23.35
C LEU F 238 4.53 23.43 24.02
N ILE F 239 4.01 22.52 23.21
CA ILE F 239 3.12 21.43 23.70
C ILE F 239 3.97 20.19 23.97
N VAL F 240 3.85 19.66 25.17
CA VAL F 240 4.64 18.49 25.63
C VAL F 240 3.61 17.47 26.08
N ASP F 241 3.27 16.54 25.19
CA ASP F 241 2.00 15.79 25.36
C ASP F 241 2.05 14.34 24.87
N GLY F 242 3.19 13.79 24.56
CA GLY F 242 3.28 12.38 24.18
C GLY F 242 2.47 12.10 22.93
N GLY F 243 2.20 13.12 22.10
CA GLY F 243 1.40 12.98 20.88
C GLY F 243 -0.09 13.09 21.07
N PHE F 244 -0.57 13.44 22.27
CA PHE F 244 -2.02 13.60 22.57
C PHE F 244 -2.73 14.36 21.43
N MET F 245 -2.15 15.50 20.99
CA MET F 245 -2.76 16.43 19.98
C MET F 245 -2.91 15.71 18.61
N LEU F 246 -2.10 14.67 18.35
CA LEU F 246 -2.11 13.96 17.04
C LEU F 246 -3.22 12.92 16.97
N ALA F 247 -3.72 12.49 18.11
CA ALA F 247 -4.66 11.35 18.20
C ALA F 247 -6.07 11.87 17.89
N ASN F 248 -6.42 11.86 16.61
CA ASN F 248 -7.75 12.22 16.04
C ASN F 248 -8.58 10.94 15.98
N PRO F 249 -9.86 11.01 15.53
CA PRO F 249 -10.68 9.79 15.35
C PRO F 249 -10.03 8.70 14.50
N GLN F 250 -8.99 9.01 13.70
CA GLN F 250 -8.26 7.99 12.90
C GLN F 250 -7.09 7.34 13.67
N PHE F 251 -6.63 7.90 14.78
CA PHE F 251 -5.66 7.21 15.67
C PHE F 251 -6.28 5.93 16.26
N ASN F 252 -5.58 4.80 16.16
CA ASN F 252 -6.03 3.49 16.70
C ASN F 252 -5.42 3.28 18.09
N ALA G 3 29.12 6.13 22.24
CA ALA G 3 28.46 7.45 22.00
C ALA G 3 27.18 7.27 21.17
N GLN G 4 26.14 8.00 21.56
CA GLN G 4 24.98 8.26 20.69
C GLN G 4 25.52 8.87 19.39
N VAL G 5 24.72 8.80 18.35
CA VAL G 5 25.07 9.38 17.02
C VAL G 5 23.99 10.36 16.56
N ALA G 6 24.41 11.54 16.13
CA ALA G 6 23.53 12.55 15.51
C ALA G 6 24.02 12.79 14.09
N ILE G 7 23.11 12.75 13.12
CA ILE G 7 23.46 13.08 11.72
C ILE G 7 22.67 14.32 11.32
N ILE G 8 23.39 15.29 10.73
CA ILE G 8 22.81 16.55 10.22
CA ILE G 8 22.79 16.54 10.23
C ILE G 8 22.87 16.47 8.70
N THR G 9 21.69 16.41 8.05
CA THR G 9 21.57 16.25 6.58
C THR G 9 21.39 17.60 5.96
N ALA G 10 21.94 17.78 4.76
CA ALA G 10 21.95 19.05 3.99
C ALA G 10 22.59 20.13 4.87
N SER G 11 23.74 19.82 5.44
CA SER G 11 24.39 20.74 6.39
C SER G 11 24.88 21.99 5.64
N ASP G 12 25.06 23.05 6.42
CA ASP G 12 25.57 24.35 5.91
C ASP G 12 26.44 24.99 7.01
N SER G 13 26.99 26.16 6.75
CA SER G 13 27.91 26.85 7.67
C SER G 13 27.13 27.65 8.71
N GLY G 14 25.81 27.48 8.74
CA GLY G 14 24.90 28.24 9.63
C GLY G 14 24.29 27.29 10.62
N ILE G 15 23.00 27.02 10.49
CA ILE G 15 22.26 26.19 11.48
C ILE G 15 22.84 24.79 11.50
N GLY G 16 23.13 24.23 10.35
CA GLY G 16 23.63 22.85 10.34
C GLY G 16 24.89 22.69 11.14
N LYS G 17 25.89 23.54 10.83
CA LYS G 17 27.18 23.54 11.52
C LYS G 17 26.95 23.74 13.01
N GLU G 18 26.12 24.70 13.41
CA GLU G 18 25.98 24.96 14.86
CA GLU G 18 25.92 24.98 14.86
C GLU G 18 25.32 23.76 15.55
N CYS G 19 24.38 23.07 14.90
CA CYS G 19 23.79 21.84 15.48
C CYS G 19 24.87 20.77 15.67
N ALA G 20 25.71 20.55 14.68
CA ALA G 20 26.82 19.58 14.77
C ALA G 20 27.72 19.92 15.96
N LEU G 21 28.10 21.19 16.08
CA LEU G 21 29.10 21.57 17.11
C LEU G 21 28.46 21.44 18.48
N LEU G 22 27.21 21.87 18.65
CA LEU G 22 26.60 21.84 20.00
C LEU G 22 26.27 20.38 20.36
N LEU G 23 25.85 19.55 19.41
CA LEU G 23 25.61 18.12 19.75
C LEU G 23 26.95 17.42 20.04
N ALA G 24 28.03 17.74 19.32
CA ALA G 24 29.37 17.20 19.64
C ALA G 24 29.73 17.47 21.11
N GLN G 25 29.37 18.67 21.60
CA GLN G 25 29.63 19.08 23.00
C GLN G 25 28.70 18.41 24.02
N GLN G 26 27.66 17.70 23.56
CA GLN G 26 26.75 16.88 24.43
C GLN G 26 27.15 15.41 24.34
N GLY G 27 28.24 15.08 23.65
CA GLY G 27 28.78 13.71 23.60
C GLY G 27 28.28 12.89 22.43
N PHE G 28 27.62 13.51 21.46
CA PHE G 28 27.23 12.75 20.25
C PHE G 28 28.40 12.66 19.26
N ASP G 29 28.62 11.45 18.75
CA ASP G 29 29.34 11.27 17.47
C ASP G 29 28.49 11.91 16.36
N ILE G 30 29.15 12.51 15.36
CA ILE G 30 28.46 13.38 14.37
C ILE G 30 28.65 12.83 12.95
N GLY G 31 27.54 12.72 12.22
CA GLY G 31 27.57 12.58 10.76
C GLY G 31 27.09 13.85 10.10
N ILE G 32 27.74 14.22 9.00
CA ILE G 32 27.32 15.39 8.18
C ILE G 32 27.07 14.95 6.74
N THR G 33 25.90 15.25 6.16
CA THR G 33 25.71 15.08 4.70
C THR G 33 25.68 16.47 4.10
N TRP G 34 26.34 16.63 2.96
CA TRP G 34 26.38 17.93 2.25
C TRP G 34 25.85 17.74 0.83
N HIS G 35 24.89 18.60 0.42
CA HIS G 35 24.42 18.81 -0.97
C HIS G 35 25.25 19.94 -1.62
N SER G 36 25.62 20.95 -0.81
CA SER G 36 26.49 22.08 -1.23
C SER G 36 27.56 22.37 -0.14
N ASP G 37 28.62 23.08 -0.51
CA ASP G 37 29.66 23.59 0.41
C ASP G 37 30.34 22.38 1.06
N GLU G 38 31.12 21.61 0.29
CA GLU G 38 31.92 20.47 0.80
C GLU G 38 33.00 20.94 1.80
N GLU G 39 33.80 21.93 1.45
CA GLU G 39 34.91 22.41 2.34
C GLU G 39 34.36 22.82 3.72
N GLY G 40 33.21 23.50 3.77
CA GLY G 40 32.53 23.84 5.03
C GLY G 40 32.21 22.60 5.87
N ALA G 41 31.83 21.51 5.22
CA ALA G 41 31.52 20.22 5.90
C ALA G 41 32.82 19.67 6.52
N LYS G 42 33.91 19.70 5.78
CA LYS G 42 35.23 19.25 6.30
CA LYS G 42 35.25 19.26 6.29
C LYS G 42 35.67 20.13 7.47
N ASP G 43 35.41 21.45 7.40
CA ASP G 43 35.75 22.41 8.49
C ASP G 43 34.94 22.07 9.75
N THR G 44 33.66 21.76 9.59
CA THR G 44 32.78 21.38 10.73
C THR G 44 33.31 20.08 11.37
N ALA G 45 33.68 19.10 10.56
CA ALA G 45 34.16 17.79 11.06
C ALA G 45 35.42 17.97 11.93
N ARG G 46 36.36 18.82 11.51
CA ARG G 46 37.62 19.08 12.27
C ARG G 46 37.27 19.70 13.63
N GLU G 47 36.30 20.61 13.67
CA GLU G 47 35.90 21.24 14.94
C GLU G 47 35.18 20.21 15.81
N VAL G 48 34.32 19.37 15.24
CA VAL G 48 33.63 18.31 16.02
C VAL G 48 34.64 17.43 16.77
N VAL G 49 35.67 16.97 16.08
CA VAL G 49 36.67 16.02 16.64
C VAL G 49 37.41 16.69 17.82
N SER G 50 37.46 18.02 17.89
CA SER G 50 38.14 18.74 19.00
CA SER G 50 38.12 18.77 19.00
C SER G 50 37.45 18.45 20.34
N HIS G 51 36.18 18.02 20.30
CA HIS G 51 35.33 17.76 21.49
C HIS G 51 35.41 16.28 21.91
N GLY G 52 36.30 15.50 21.27
CA GLY G 52 36.60 14.12 21.68
C GLY G 52 35.52 13.14 21.24
N VAL G 53 34.76 13.52 20.20
CA VAL G 53 33.83 12.61 19.50
C VAL G 53 34.26 12.39 18.05
N ARG G 54 33.61 11.43 17.38
CA ARG G 54 33.87 11.18 15.95
C ARG G 54 33.08 12.15 15.06
N ALA G 55 33.63 12.37 13.87
CA ALA G 55 32.93 13.05 12.76
C ALA G 55 33.16 12.26 11.47
N GLU G 56 32.06 11.93 10.81
CA GLU G 56 32.08 11.31 9.46
C GLU G 56 31.24 12.15 8.50
N ILE G 57 31.72 12.37 7.27
CA ILE G 57 30.96 13.15 6.26
C ILE G 57 30.74 12.32 5.01
N VAL G 58 29.63 12.56 4.34
CA VAL G 58 29.37 12.09 2.95
C VAL G 58 28.70 13.23 2.17
N GLN G 59 28.85 13.22 0.85
CA GLN G 59 27.99 13.98 -0.06
C GLN G 59 26.64 13.28 -0.13
N LEU G 60 25.55 14.03 -0.07
CA LEU G 60 24.20 13.49 -0.37
C LEU G 60 23.55 14.47 -1.36
N ASP G 61 23.57 14.07 -2.62
CA ASP G 61 23.20 14.94 -3.76
C ASP G 61 21.68 14.95 -3.98
N LEU G 62 21.04 16.06 -3.70
CA LEU G 62 19.57 16.18 -3.87
C LEU G 62 19.20 16.34 -5.35
N GLY G 63 20.20 16.48 -6.22
CA GLY G 63 20.04 16.49 -7.68
C GLY G 63 19.95 15.10 -8.26
N ASN G 64 20.14 14.06 -7.44
CA ASN G 64 20.18 12.63 -7.85
C ASN G 64 19.27 11.78 -6.96
N LEU G 65 18.06 12.26 -6.63
CA LEU G 65 17.11 11.45 -5.82
C LEU G 65 16.36 10.50 -6.75
N PRO G 66 16.02 9.29 -6.28
CA PRO G 66 16.30 8.87 -4.90
C PRO G 66 17.66 8.22 -4.59
N GLU G 67 18.37 7.76 -5.63
CA GLU G 67 19.59 6.91 -5.46
CA GLU G 67 19.58 6.91 -5.46
C GLU G 67 20.60 7.65 -4.56
N GLY G 68 20.72 8.97 -4.71
CA GLY G 68 21.71 9.78 -3.98
C GLY G 68 21.50 9.72 -2.47
N ALA G 69 20.29 9.43 -2.01
CA ALA G 69 19.98 9.36 -0.57
C ALA G 69 20.66 8.14 0.06
N LEU G 70 21.11 7.15 -0.73
CA LEU G 70 21.77 5.95 -0.18
C LEU G 70 23.09 6.34 0.52
N ALA G 71 23.67 7.50 0.20
CA ALA G 71 24.86 8.00 0.94
C ALA G 71 24.57 8.00 2.44
N LEU G 72 23.34 8.28 2.86
CA LEU G 72 23.03 8.30 4.30
C LEU G 72 23.13 6.90 4.90
N GLU G 73 22.79 5.85 4.15
CA GLU G 73 22.97 4.45 4.65
C GLU G 73 24.46 4.23 4.95
N LYS G 74 25.33 4.66 4.03
CA LYS G 74 26.80 4.46 4.18
C LYS G 74 27.26 5.25 5.41
N LEU G 75 26.74 6.46 5.62
CA LEU G 75 27.18 7.29 6.76
C LEU G 75 26.75 6.62 8.07
N ILE G 76 25.52 6.11 8.12
CA ILE G 76 25.03 5.42 9.34
C ILE G 76 25.89 4.18 9.56
N GLN G 77 26.16 3.40 8.53
CA GLN G 77 27.03 2.20 8.69
C GLN G 77 28.38 2.60 9.31
N ARG G 78 28.95 3.70 8.84
CA ARG G 78 30.30 4.13 9.32
C ARG G 78 30.25 4.59 10.78
N LEU G 79 29.14 5.13 11.23
CA LEU G 79 29.01 5.61 12.62
C LEU G 79 28.47 4.52 13.53
N GLY G 80 27.92 3.45 12.96
CA GLY G 80 27.53 2.24 13.70
C GLY G 80 26.08 2.23 14.13
N ARG G 81 25.43 3.39 14.12
CA ARG G 81 24.06 3.55 14.65
C ARG G 81 23.57 4.95 14.26
N ILE G 82 22.31 5.23 14.49
CA ILE G 82 21.79 6.62 14.50
C ILE G 82 20.79 6.80 15.63
N ASP G 83 20.96 7.86 16.42
CA ASP G 83 20.03 8.21 17.51
C ASP G 83 19.20 9.42 17.12
N VAL G 84 19.81 10.33 16.37
CA VAL G 84 19.22 11.64 16.00
C VAL G 84 19.46 11.90 14.52
N LEU G 85 18.41 12.27 13.80
CA LEU G 85 18.51 12.83 12.44
C LEU G 85 18.02 14.27 12.49
N VAL G 86 18.86 15.21 12.07
CA VAL G 86 18.45 16.62 11.93
C VAL G 86 18.41 16.90 10.43
N ASN G 87 17.23 17.13 9.89
CA ASN G 87 17.07 17.47 8.45
C ASN G 87 17.15 18.99 8.33
N ASN G 88 18.32 19.48 7.96
CA ASN G 88 18.57 20.92 7.92
C ASN G 88 17.89 21.49 6.68
N ALA G 89 17.55 22.78 6.73
CA ALA G 89 16.85 23.48 5.64
C ALA G 89 17.89 24.17 4.75
N GLY G 90 17.71 24.02 3.44
CA GLY G 90 18.50 24.76 2.46
C GLY G 90 17.97 26.16 2.27
N ALA G 91 18.59 26.87 1.35
CA ALA G 91 18.26 28.26 1.02
C ALA G 91 16.81 28.38 0.56
N MET G 92 16.21 29.51 0.89
CA MET G 92 14.86 29.87 0.37
CA MET G 92 14.87 29.92 0.38
C MET G 92 15.04 30.35 -1.08
N THR G 93 14.18 29.85 -1.95
CA THR G 93 14.08 30.19 -3.39
C THR G 93 12.75 30.93 -3.58
N LYS G 94 12.80 32.15 -4.11
CA LYS G 94 11.60 32.97 -4.46
C LYS G 94 11.32 32.83 -5.95
N ALA G 95 10.04 32.83 -6.33
CA ALA G 95 9.60 32.89 -7.73
C ALA G 95 8.14 33.30 -7.72
N PRO G 96 7.72 34.32 -8.50
CA PRO G 96 6.33 34.73 -8.55
C PRO G 96 5.40 33.58 -8.97
N PHE G 97 4.28 33.46 -8.28
CA PHE G 97 3.33 32.36 -8.53
C PHE G 97 2.85 32.31 -9.99
N LEU G 98 2.42 33.43 -10.56
CA LEU G 98 1.72 33.39 -11.88
C LEU G 98 2.65 32.85 -12.96
N ASP G 99 3.96 33.08 -12.87
CA ASP G 99 4.84 32.75 -14.01
C ASP G 99 5.79 31.60 -13.70
N MET G 100 5.73 31.04 -12.51
CA MET G 100 6.68 30.00 -12.07
C MET G 100 6.64 28.80 -13.02
N ALA G 101 7.81 28.37 -13.49
CA ALA G 101 7.92 27.18 -14.33
C ALA G 101 7.59 25.95 -13.48
N PHE G 102 7.00 24.91 -14.07
CA PHE G 102 6.65 23.69 -13.33
C PHE G 102 7.92 23.01 -12.81
N ASP G 103 9.00 23.05 -13.58
CA ASP G 103 10.29 22.42 -13.17
CA ASP G 103 10.27 22.39 -13.14
C ASP G 103 10.83 23.11 -11.90
N GLU G 104 10.60 24.42 -11.75
CA GLU G 104 11.08 25.23 -10.58
CA GLU G 104 11.13 25.16 -10.57
C GLU G 104 10.26 24.83 -9.35
N TRP G 105 8.95 24.76 -9.53
CA TRP G 105 8.04 24.22 -8.51
C TRP G 105 8.54 22.84 -8.04
N ARG G 106 8.76 21.91 -8.97
CA ARG G 106 9.15 20.53 -8.60
C ARG G 106 10.51 20.53 -7.91
N LYS G 107 11.44 21.37 -8.36
CA LYS G 107 12.80 21.40 -7.78
C LYS G 107 12.71 21.83 -6.33
N ILE G 108 11.87 22.80 -6.02
CA ILE G 108 11.71 23.26 -4.62
C ILE G 108 11.19 22.10 -3.76
N PHE G 109 10.25 21.33 -4.26
CA PHE G 109 9.76 20.17 -3.47
C PHE G 109 10.88 19.13 -3.34
N THR G 110 11.65 18.92 -4.41
CA THR G 110 12.75 17.94 -4.37
C THR G 110 13.71 18.27 -3.22
N VAL G 111 14.19 19.50 -3.20
CA VAL G 111 15.26 19.89 -2.27
C VAL G 111 14.64 20.06 -0.86
N ASP G 112 13.41 20.59 -0.75
CA ASP G 112 12.89 21.04 0.57
C ASP G 112 11.95 20.01 1.25
N VAL G 113 11.49 18.98 0.56
CA VAL G 113 10.66 17.90 1.20
C VAL G 113 11.16 16.51 0.81
N ASP G 114 11.45 16.26 -0.46
CA ASP G 114 11.74 14.87 -0.88
C ASP G 114 13.03 14.38 -0.19
N GLY G 115 14.05 15.24 -0.09
CA GLY G 115 15.29 14.86 0.59
C GLY G 115 14.99 14.46 2.01
N ALA G 116 14.25 15.30 2.72
CA ALA G 116 13.91 15.03 4.12
C ALA G 116 13.11 13.72 4.24
N PHE G 117 12.18 13.46 3.32
CA PHE G 117 11.37 12.23 3.32
C PHE G 117 12.33 11.03 3.21
N LEU G 118 13.21 11.05 2.21
CA LEU G 118 14.08 9.86 1.98
C LEU G 118 15.05 9.69 3.15
N CYS G 119 15.62 10.77 3.64
CA CYS G 119 16.58 10.68 4.79
C CYS G 119 15.83 10.15 6.03
N SER G 120 14.63 10.65 6.26
CA SER G 120 13.80 10.26 7.42
C SER G 120 13.47 8.77 7.34
N GLN G 121 13.16 8.25 6.15
CA GLN G 121 12.86 6.80 5.99
CA GLN G 121 12.86 6.82 5.97
C GLN G 121 14.09 5.98 6.36
N ILE G 122 15.24 6.35 5.82
CA ILE G 122 16.51 5.62 6.08
C ILE G 122 16.80 5.62 7.57
N ALA G 123 16.72 6.78 8.20
CA ALA G 123 17.06 6.90 9.64
C ALA G 123 16.03 6.13 10.45
N ALA G 124 14.73 6.27 10.16
CA ALA G 124 13.68 5.60 10.96
C ALA G 124 13.82 4.08 10.84
N ARG G 125 14.18 3.55 9.68
CA ARG G 125 14.38 2.09 9.52
C ARG G 125 15.48 1.61 10.47
N GLN G 126 16.57 2.34 10.55
CA GLN G 126 17.70 1.95 11.41
C GLN G 126 17.32 2.10 12.88
N MET G 127 16.60 3.16 13.22
CA MET G 127 16.14 3.32 14.60
C MET G 127 15.24 2.15 14.98
N VAL G 128 14.35 1.74 14.09
CA VAL G 128 13.43 0.60 14.38
C VAL G 128 14.26 -0.66 14.66
N LYS G 129 15.27 -0.91 13.83
CA LYS G 129 16.14 -2.11 13.93
C LYS G 129 16.92 -2.06 15.26
N GLN G 130 17.40 -0.89 15.66
CA GLN G 130 18.15 -0.75 16.94
C GLN G 130 17.22 -1.09 18.12
N GLY G 131 15.97 -0.61 18.09
CA GLY G 131 14.97 -0.90 19.14
C GLY G 131 15.22 -0.08 20.38
N GLN G 132 15.85 1.09 20.25
CA GLN G 132 16.26 1.96 21.37
C GLN G 132 15.66 3.37 21.23
N GLY G 133 14.64 3.52 20.36
CA GLY G 133 13.98 4.80 20.11
C GLY G 133 14.87 5.71 19.29
N GLY G 134 14.45 6.94 19.11
CA GLY G 134 15.25 7.88 18.32
C GLY G 134 14.58 9.22 18.22
N ARG G 135 15.19 10.11 17.46
CA ARG G 135 14.71 11.50 17.29
CA ARG G 135 14.69 11.49 17.29
C ARG G 135 14.90 11.90 15.83
N ILE G 136 13.86 12.44 15.22
CA ILE G 136 13.95 13.08 13.90
C ILE G 136 13.48 14.53 14.08
N ILE G 137 14.36 15.47 13.74
CA ILE G 137 14.10 16.91 13.95
C ILE G 137 14.20 17.54 12.56
N ASN G 138 13.10 18.11 12.09
CA ASN G 138 13.04 18.78 10.78
C ASN G 138 13.15 20.29 11.00
N ILE G 139 14.14 20.90 10.38
CA ILE G 139 14.24 22.39 10.36
C ILE G 139 13.29 22.87 9.27
N THR G 140 12.21 23.53 9.67
CA THR G 140 11.26 24.06 8.69
C THR G 140 11.46 25.57 8.60
N SER G 141 10.48 26.34 9.03
CA SER G 141 10.45 27.81 8.88
C SER G 141 9.15 28.29 9.52
N VAL G 142 9.08 29.55 9.90
CA VAL G 142 7.78 30.22 10.12
C VAL G 142 6.87 30.00 8.93
N HIS G 143 7.42 29.79 7.73
CA HIS G 143 6.61 29.64 6.51
C HIS G 143 6.05 28.21 6.38
N GLU G 144 6.25 27.36 7.39
CA GLU G 144 5.43 26.15 7.63
C GLU G 144 4.01 26.61 8.02
N HIS G 145 3.83 27.84 8.50
CA HIS G 145 2.59 28.33 9.15
C HIS G 145 2.00 29.58 8.47
N THR G 146 2.84 30.48 7.97
CA THR G 146 2.38 31.78 7.42
C THR G 146 3.07 31.98 6.09
N PRO G 147 2.41 32.56 5.10
CA PRO G 147 2.97 32.62 3.75
C PRO G 147 4.07 33.67 3.59
N LEU G 148 5.07 33.37 2.72
N LEU G 148 4.87 33.47 2.55
CA LEU G 148 6.20 34.27 2.33
CA LEU G 148 5.50 34.61 1.86
C LEU G 148 5.95 34.85 0.95
C LEU G 148 4.54 35.16 0.83
N PRO G 149 5.77 36.20 0.85
N PRO G 149 4.66 36.47 0.52
CA PRO G 149 5.53 36.84 -0.44
CA PRO G 149 3.86 37.08 -0.51
C PRO G 149 6.55 36.43 -1.50
C PRO G 149 4.41 36.74 -1.90
N ASP G 150 6.03 36.14 -2.68
N ASP G 150 5.55 36.03 -2.01
CA ASP G 150 6.82 35.77 -3.87
CA ASP G 150 6.32 35.91 -3.29
C ASP G 150 7.42 34.40 -3.62
C ASP G 150 7.25 34.67 -3.38
N ALA G 151 6.89 33.59 -2.70
CA ALA G 151 7.60 32.30 -2.52
C ALA G 151 6.57 31.21 -2.17
N SER G 152 5.67 30.98 -3.11
CA SER G 152 4.54 30.05 -2.93
C SER G 152 5.04 28.61 -2.89
N ALA G 153 6.02 28.25 -3.73
CA ALA G 153 6.58 26.87 -3.71
C ALA G 153 7.27 26.62 -2.38
N TYR G 154 8.08 27.58 -1.92
CA TYR G 154 8.80 27.45 -0.65
C TYR G 154 7.80 27.28 0.51
N THR G 155 6.77 28.10 0.52
CA THR G 155 5.69 28.05 1.53
C THR G 155 5.00 26.67 1.51
N ALA G 156 4.59 26.22 0.33
CA ALA G 156 3.89 24.95 0.19
C ALA G 156 4.81 23.81 0.64
N ALA G 157 6.09 23.88 0.30
CA ALA G 157 7.02 22.78 0.63
C ALA G 157 7.30 22.76 2.14
N LYS G 158 7.37 23.92 2.78
CA LYS G 158 7.56 23.98 4.24
C LYS G 158 6.31 23.45 4.94
N HIS G 159 5.13 23.78 4.42
CA HIS G 159 3.88 23.18 4.95
C HIS G 159 3.97 21.65 4.80
N ALA G 160 4.36 21.15 3.64
CA ALA G 160 4.45 19.70 3.39
C ALA G 160 5.37 19.05 4.42
N LEU G 161 6.51 19.66 4.69
CA LEU G 161 7.43 19.08 5.68
C LEU G 161 6.80 19.13 7.08
N GLY G 162 6.01 20.16 7.38
CA GLY G 162 5.26 20.18 8.64
C GLY G 162 4.29 19.03 8.74
N GLY G 163 3.60 18.76 7.64
CA GLY G 163 2.64 17.63 7.64
C GLY G 163 3.33 16.28 7.75
N LEU G 164 4.46 16.13 7.05
CA LEU G 164 5.27 14.89 7.16
C LEU G 164 5.77 14.71 8.61
N THR G 165 6.15 15.81 9.28
CA THR G 165 6.59 15.76 10.68
C THR G 165 5.48 15.13 11.55
N LYS G 166 4.27 15.69 11.46
CA LYS G 166 3.13 15.17 12.25
C LYS G 166 2.87 13.71 11.91
N ALA G 167 2.86 13.38 10.62
CA ALA G 167 2.53 12.00 10.17
C ALA G 167 3.61 11.03 10.68
N MET G 168 4.87 11.38 10.57
CA MET G 168 5.93 10.49 11.09
C MET G 168 5.82 10.35 12.60
N ALA G 169 5.55 11.46 13.30
CA ALA G 169 5.40 11.43 14.76
C ALA G 169 4.32 10.39 15.16
N LEU G 170 3.19 10.41 14.48
CA LEU G 170 2.09 9.51 14.86
C LEU G 170 2.44 8.09 14.44
N GLU G 171 2.98 7.91 13.23
CA GLU G 171 3.16 6.56 12.66
C GLU G 171 4.33 5.83 13.35
N LEU G 172 5.33 6.55 13.84
CA LEU G 172 6.56 5.93 14.40
C LEU G 172 6.51 5.89 15.94
N VAL G 173 5.43 6.37 16.53
CA VAL G 173 5.35 6.54 18.01
C VAL G 173 5.52 5.20 18.74
N ARG G 174 5.08 4.08 18.16
CA ARG G 174 5.17 2.75 18.84
C ARG G 174 6.65 2.34 18.96
N HIS G 175 7.53 2.94 18.14
CA HIS G 175 8.99 2.70 18.17
C HIS G 175 9.71 3.71 19.07
N LYS G 176 9.00 4.63 19.72
CA LYS G 176 9.58 5.70 20.57
C LYS G 176 10.54 6.52 19.71
N ILE G 177 10.17 6.74 18.45
CA ILE G 177 10.89 7.72 17.61
C ILE G 177 10.11 9.02 17.69
N LEU G 178 10.70 10.02 18.28
CA LEU G 178 10.05 11.33 18.52
C LEU G 178 10.37 12.22 17.33
N VAL G 179 9.37 12.85 16.76
CA VAL G 179 9.54 13.62 15.51
C VAL G 179 8.96 15.00 15.71
N ASN G 180 9.78 16.03 15.53
CA ASN G 180 9.35 17.41 15.72
C ASN G 180 9.98 18.28 14.64
N ALA G 181 9.42 19.46 14.47
CA ALA G 181 9.99 20.53 13.64
C ALA G 181 10.48 21.67 14.53
N VAL G 182 11.60 22.26 14.15
CA VAL G 182 12.00 23.58 14.67
C VAL G 182 11.81 24.52 13.49
N ALA G 183 11.03 25.57 13.72
CA ALA G 183 10.57 26.50 12.68
C ALA G 183 11.23 27.85 12.90
N PRO G 184 12.39 28.14 12.26
CA PRO G 184 13.05 29.41 12.50
C PRO G 184 12.35 30.58 11.79
N GLY G 185 12.42 31.78 12.40
CA GLY G 185 12.13 33.03 11.68
C GLY G 185 13.35 33.44 10.88
N ALA G 186 13.66 34.71 10.92
CA ALA G 186 14.75 35.29 10.14
C ALA G 186 16.05 35.11 10.94
N ILE G 187 16.96 34.26 10.44
CA ILE G 187 18.22 33.88 11.16
C ILE G 187 19.40 34.45 10.37
N ALA G 188 20.35 35.07 11.08
CA ALA G 188 21.60 35.59 10.49
C ALA G 188 22.55 34.43 10.23
N THR G 189 23.10 34.31 9.02
CA THR G 189 24.13 33.32 8.65
C THR G 189 25.38 34.03 8.12
N LYS G 200 23.62 43.93 15.76
CA LYS G 200 22.39 43.13 15.50
C LYS G 200 21.19 43.77 16.21
N PRO G 201 21.26 44.11 17.54
CA PRO G 201 20.09 44.64 18.25
C PRO G 201 19.48 45.88 17.59
N ASP G 202 18.14 45.92 17.46
CA ASP G 202 17.41 47.08 16.87
C ASP G 202 17.69 47.28 15.38
N ALA G 203 18.33 46.31 14.71
CA ALA G 203 18.67 46.36 13.27
C ALA G 203 17.44 45.99 12.42
N GLU G 204 16.45 45.23 12.93
CA GLU G 204 15.28 44.85 12.09
CA GLU G 204 15.28 44.80 12.12
C GLU G 204 13.98 45.19 12.82
N PRO G 205 13.53 46.46 12.69
CA PRO G 205 12.31 46.87 13.41
C PRO G 205 11.03 46.14 12.98
N SER G 206 11.02 45.41 11.86
CA SER G 206 9.78 44.71 11.41
C SER G 206 9.55 43.47 12.27
N ILE G 207 10.59 43.00 12.97
CA ILE G 207 10.49 41.81 13.87
CA ILE G 207 10.47 41.81 13.86
C ILE G 207 10.28 42.32 15.29
N PRO G 208 9.31 41.80 16.07
CA PRO G 208 9.10 42.34 17.42
C PRO G 208 10.36 42.43 18.30
N LEU G 209 11.24 41.42 18.28
CA LEU G 209 12.51 41.48 19.07
C LEU G 209 13.54 42.39 18.38
N ARG G 210 13.25 42.86 17.17
CA ARG G 210 13.98 43.98 16.50
C ARG G 210 15.37 43.52 16.06
N ARG G 211 15.53 42.23 15.84
CA ARG G 211 16.81 41.70 15.32
C ARG G 211 16.57 40.37 14.64
N PHE G 212 17.51 39.95 13.82
CA PHE G 212 17.59 38.56 13.35
C PHE G 212 17.95 37.65 14.51
N GLY G 213 17.63 36.38 14.36
CA GLY G 213 18.07 35.32 15.29
C GLY G 213 19.49 34.88 14.98
N ALA G 214 20.15 34.30 15.96
CA ALA G 214 21.48 33.68 15.82
C ALA G 214 21.30 32.19 15.51
N THR G 215 22.23 31.59 14.76
CA THR G 215 22.19 30.14 14.49
C THR G 215 22.16 29.36 15.82
N HIS G 216 22.86 29.84 16.85
CA HIS G 216 22.91 29.23 18.21
CA HIS G 216 22.90 29.11 18.15
C HIS G 216 21.51 29.14 18.81
N GLU G 217 20.65 30.11 18.47
CA GLU G 217 19.29 30.19 19.07
C GLU G 217 18.35 29.18 18.43
N ILE G 218 18.76 28.60 17.32
CA ILE G 218 18.06 27.44 16.72
C ILE G 218 18.73 26.16 17.22
N ALA G 219 20.04 26.09 17.13
CA ALA G 219 20.73 24.83 17.49
C ALA G 219 20.51 24.54 18.98
N SER G 220 20.41 25.56 19.84
CA SER G 220 20.17 25.36 21.29
C SER G 220 18.91 24.51 21.49
N LEU G 221 17.86 24.77 20.74
CA LEU G 221 16.59 24.03 20.89
C LEU G 221 16.74 22.62 20.35
N VAL G 222 17.43 22.49 19.23
CA VAL G 222 17.79 21.15 18.73
C VAL G 222 18.49 20.35 19.84
N VAL G 223 19.45 20.95 20.54
CA VAL G 223 20.17 20.24 21.65
C VAL G 223 19.16 19.81 22.71
N TRP G 224 18.24 20.69 23.12
CA TRP G 224 17.23 20.32 24.13
C TRP G 224 16.42 19.12 23.63
N LEU G 225 16.00 19.15 22.36
CA LEU G 225 15.16 18.08 21.79
C LEU G 225 15.92 16.74 21.82
N CYS G 226 17.25 16.77 21.93
CA CYS G 226 18.10 15.56 21.93
C CYS G 226 18.44 15.15 23.37
N SER G 227 17.95 15.88 24.36
CA SER G 227 18.12 15.54 25.80
C SER G 227 17.02 14.59 26.26
N GLU G 228 17.26 13.90 27.36
CA GLU G 228 16.25 12.98 27.96
C GLU G 228 15.05 13.79 28.47
N GLY G 229 15.24 15.07 28.76
CA GLY G 229 14.12 15.92 29.18
C GLY G 229 13.06 16.10 28.10
N ALA G 230 13.43 15.89 26.83
CA ALA G 230 12.54 16.05 25.67
C ALA G 230 11.80 14.75 25.32
N ASN G 231 11.85 13.74 26.19
CA ASN G 231 11.34 12.39 25.83
C ASN G 231 9.81 12.36 25.72
N TYR G 232 9.09 13.39 26.14
CA TYR G 232 7.61 13.41 26.00
C TYR G 232 7.13 14.34 24.89
N THR G 233 8.06 14.90 24.09
CA THR G 233 7.70 15.89 23.08
C THR G 233 7.73 15.24 21.69
N THR G 234 6.60 15.23 21.01
CA THR G 234 6.51 14.66 19.64
C THR G 234 5.33 15.30 18.90
N GLY G 235 5.51 15.46 17.59
CA GLY G 235 4.50 15.95 16.67
C GLY G 235 4.36 17.45 16.65
N GLN G 236 5.33 18.18 17.21
CA GLN G 236 5.18 19.63 17.35
C GLN G 236 6.05 20.41 16.36
N SER G 237 5.69 21.67 16.18
CA SER G 237 6.46 22.65 15.39
C SER G 237 6.80 23.79 16.33
N LEU G 238 8.04 23.83 16.79
CA LEU G 238 8.50 24.76 17.82
C LEU G 238 9.12 25.96 17.12
N ILE G 239 8.44 27.08 17.24
CA ILE G 239 8.70 28.32 16.45
C ILE G 239 9.67 29.20 17.23
N VAL G 240 10.78 29.52 16.59
CA VAL G 240 11.87 30.35 17.19
C VAL G 240 12.11 31.52 16.26
N ASP G 241 11.46 32.64 16.55
CA ASP G 241 11.23 33.65 15.50
C ASP G 241 11.18 35.10 16.00
N GLY G 242 11.57 35.39 17.24
CA GLY G 242 11.61 36.77 17.68
C GLY G 242 10.26 37.44 17.69
N GLY G 243 9.19 36.67 17.72
CA GLY G 243 7.81 37.18 17.66
C GLY G 243 7.28 37.43 16.26
N PHE G 244 7.99 37.02 15.21
CA PHE G 244 7.53 37.12 13.80
C PHE G 244 6.04 36.76 13.68
N MET G 245 5.62 35.65 14.29
CA MET G 245 4.22 35.16 14.11
C MET G 245 3.21 36.13 14.77
N LEU G 246 3.61 36.94 15.73
CA LEU G 246 2.73 37.88 16.48
C LEU G 246 2.52 39.16 15.66
N ALA G 247 3.34 39.40 14.64
CA ALA G 247 3.40 40.72 13.94
C ALA G 247 2.33 40.77 12.85
N ASN G 248 1.10 40.94 13.29
CA ASN G 248 -0.11 41.18 12.43
C ASN G 248 -0.20 42.66 12.06
N PRO G 249 -1.20 43.07 11.25
CA PRO G 249 -1.32 44.46 10.81
C PRO G 249 -1.41 45.51 11.93
N GLN G 250 -1.75 45.12 13.14
CA GLN G 250 -1.80 46.06 14.29
C GLN G 250 -0.45 46.22 15.01
N PHE G 251 0.57 45.44 14.64
CA PHE G 251 1.93 45.58 15.22
C PHE G 251 2.55 46.90 14.72
N ASN G 252 3.11 47.67 15.65
CA ASN G 252 3.75 49.00 15.42
C ASN G 252 5.24 48.87 15.70
N PRO G 253 6.11 48.85 14.66
CA PRO G 253 7.56 48.82 14.83
C PRO G 253 8.22 49.97 15.63
N ALA H 3 -22.41 35.39 -19.22
CA ALA H 3 -22.56 34.29 -18.20
C ALA H 3 -21.30 34.17 -17.34
N GLN H 4 -21.46 34.12 -16.02
CA GLN H 4 -20.34 33.80 -15.12
C GLN H 4 -20.01 32.31 -15.25
N VAL H 5 -18.77 31.93 -14.94
CA VAL H 5 -18.28 30.55 -15.23
C VAL H 5 -17.59 29.99 -13.97
N ALA H 6 -17.99 28.79 -13.58
CA ALA H 6 -17.31 28.02 -12.52
C ALA H 6 -16.78 26.72 -13.11
N ILE H 7 -15.53 26.40 -12.79
CA ILE H 7 -14.87 25.17 -13.27
C ILE H 7 -14.44 24.34 -12.07
N ILE H 8 -14.87 23.07 -12.07
CA ILE H 8 -14.49 22.08 -11.05
CA ILE H 8 -14.50 22.06 -11.05
C ILE H 8 -13.43 21.17 -11.67
N THR H 9 -12.23 21.18 -11.10
CA THR H 9 -11.14 20.31 -11.60
C THR H 9 -11.08 19.02 -10.79
N ALA H 10 -10.69 17.94 -11.46
CA ALA H 10 -10.56 16.60 -10.85
C ALA H 10 -11.91 16.24 -10.20
N SER H 11 -12.99 16.42 -10.98
CA SER H 11 -14.36 16.19 -10.48
C SER H 11 -14.58 14.70 -10.23
N ASP H 12 -15.57 14.42 -9.39
CA ASP H 12 -16.02 13.06 -9.01
C ASP H 12 -17.53 13.09 -8.89
N SER H 13 -18.12 11.96 -8.54
CA SER H 13 -19.58 11.78 -8.35
CA SER H 13 -19.60 11.82 -8.37
C SER H 13 -20.03 12.23 -6.95
N GLY H 14 -19.12 12.77 -6.16
CA GLY H 14 -19.41 13.21 -4.78
C GLY H 14 -19.40 14.72 -4.67
N ILE H 15 -18.40 15.24 -3.98
CA ILE H 15 -18.23 16.70 -3.77
C ILE H 15 -18.16 17.43 -5.11
N GLY H 16 -17.43 16.91 -6.09
CA GLY H 16 -17.26 17.64 -7.36
C GLY H 16 -18.61 17.83 -8.04
N LYS H 17 -19.34 16.74 -8.17
CA LYS H 17 -20.69 16.75 -8.79
C LYS H 17 -21.57 17.75 -8.04
N GLU H 18 -21.60 17.69 -6.71
CA GLU H 18 -22.57 18.53 -5.96
CA GLU H 18 -22.54 18.53 -5.92
C GLU H 18 -22.19 20.01 -6.09
N CYS H 19 -20.90 20.33 -6.13
CA CYS H 19 -20.47 21.73 -6.40
C CYS H 19 -20.99 22.18 -7.77
N ALA H 20 -20.82 21.35 -8.81
CA ALA H 20 -21.28 21.68 -10.16
C ALA H 20 -22.77 21.96 -10.13
N LEU H 21 -23.54 21.08 -9.51
CA LEU H 21 -25.03 21.20 -9.56
C LEU H 21 -25.48 22.46 -8.78
N LEU H 22 -24.91 22.73 -7.62
CA LEU H 22 -25.36 23.91 -6.83
C LEU H 22 -24.91 25.19 -7.54
N LEU H 23 -23.73 25.21 -8.14
CA LEU H 23 -23.30 26.43 -8.86
C LEU H 23 -24.13 26.61 -10.14
N ALA H 24 -24.54 25.52 -10.81
CA ALA H 24 -25.43 25.59 -11.99
C ALA H 24 -26.73 26.29 -11.57
N GLN H 25 -27.22 25.97 -10.38
CA GLN H 25 -28.48 26.55 -9.85
C GLN H 25 -28.29 28.02 -9.44
N GLN H 26 -27.07 28.50 -9.28
CA GLN H 26 -26.78 29.94 -9.05
C GLN H 26 -26.63 30.68 -10.38
N GLY H 27 -26.70 29.95 -11.50
CA GLY H 27 -26.65 30.58 -12.82
C GLY H 27 -25.26 30.55 -13.45
N PHE H 28 -24.29 29.84 -12.87
CA PHE H 28 -22.97 29.70 -13.49
C PHE H 28 -23.02 28.69 -14.64
N ASP H 29 -22.44 29.06 -15.78
CA ASP H 29 -22.02 28.03 -16.76
C ASP H 29 -20.90 27.23 -16.09
N ILE H 30 -20.86 25.93 -16.35
CA ILE H 30 -20.01 24.96 -15.62
C ILE H 30 -18.99 24.31 -16.56
N GLY H 31 -17.73 24.34 -16.13
CA GLY H 31 -16.69 23.47 -16.70
C GLY H 31 -16.34 22.38 -15.73
N ILE H 32 -16.05 21.20 -16.27
CA ILE H 32 -15.60 20.06 -15.45
C ILE H 32 -14.34 19.48 -16.07
N THR H 33 -13.28 19.28 -15.29
CA THR H 33 -12.16 18.41 -15.71
C THR H 33 -12.25 17.13 -14.91
N TRP H 34 -11.85 16.05 -15.55
CA TRP H 34 -11.76 14.74 -14.90
C TRP H 34 -10.38 14.13 -15.13
N HIS H 35 -9.89 13.52 -14.07
CA HIS H 35 -8.71 12.62 -14.14
C HIS H 35 -9.18 11.17 -14.06
N SER H 36 -10.29 10.94 -13.36
CA SER H 36 -10.94 9.59 -13.40
C SER H 36 -12.44 9.77 -13.54
N ASP H 37 -13.13 8.67 -13.83
CA ASP H 37 -14.62 8.61 -13.90
C ASP H 37 -15.11 9.61 -14.96
N GLU H 38 -14.70 9.41 -16.20
CA GLU H 38 -15.24 10.20 -17.33
C GLU H 38 -16.77 10.09 -17.39
N GLU H 39 -17.30 8.90 -17.19
CA GLU H 39 -18.75 8.66 -17.34
C GLU H 39 -19.51 9.50 -16.29
N GLY H 40 -18.96 9.60 -15.09
CA GLY H 40 -19.53 10.43 -14.01
C GLY H 40 -19.52 11.91 -14.38
N ALA H 41 -18.44 12.38 -15.02
CA ALA H 41 -18.33 13.77 -15.50
C ALA H 41 -19.42 14.03 -16.55
N LYS H 42 -19.62 13.10 -17.48
CA LYS H 42 -20.68 13.23 -18.52
C LYS H 42 -22.07 13.25 -17.87
N ASP H 43 -22.30 12.41 -16.87
CA ASP H 43 -23.59 12.31 -16.14
CA ASP H 43 -23.62 12.34 -16.20
C ASP H 43 -23.87 13.66 -15.45
N THR H 44 -22.84 14.23 -14.82
CA THR H 44 -22.93 15.54 -14.11
C THR H 44 -23.30 16.63 -15.13
N ALA H 45 -22.58 16.69 -16.24
CA ALA H 45 -22.83 17.68 -17.32
C ALA H 45 -24.29 17.57 -17.77
N ARG H 46 -24.82 16.37 -17.97
CA ARG H 46 -26.22 16.20 -18.45
C ARG H 46 -27.16 16.84 -17.40
N GLU H 47 -26.88 16.63 -16.12
CA GLU H 47 -27.75 17.16 -15.06
C GLU H 47 -27.59 18.69 -14.97
N VAL H 48 -26.38 19.19 -15.13
CA VAL H 48 -26.14 20.66 -15.16
C VAL H 48 -27.02 21.29 -16.24
N VAL H 49 -26.98 20.74 -17.46
CA VAL H 49 -27.71 21.28 -18.64
C VAL H 49 -29.19 21.40 -18.30
N SER H 50 -29.72 20.52 -17.45
CA SER H 50 -31.15 20.53 -17.07
C SER H 50 -31.51 21.79 -16.27
N HIS H 51 -30.53 22.54 -15.76
CA HIS H 51 -30.71 23.81 -15.02
C HIS H 51 -30.62 25.02 -15.95
N GLY H 52 -30.42 24.81 -17.24
CA GLY H 52 -30.49 25.88 -18.25
C GLY H 52 -29.19 26.62 -18.48
N VAL H 53 -28.09 26.09 -17.94
CA VAL H 53 -26.75 26.68 -18.13
C VAL H 53 -25.94 25.72 -19.02
N ARG H 54 -24.76 26.17 -19.44
CA ARG H 54 -23.83 25.33 -20.22
C ARG H 54 -23.04 24.42 -19.29
N ALA H 55 -22.70 23.27 -19.83
CA ALA H 55 -21.76 22.31 -19.23
C ALA H 55 -20.76 21.92 -20.29
N GLU H 56 -19.47 22.16 -20.01
CA GLU H 56 -18.35 21.73 -20.87
C GLU H 56 -17.40 20.86 -20.05
N ILE H 57 -16.96 19.73 -20.60
CA ILE H 57 -16.01 18.86 -19.88
C ILE H 57 -14.76 18.66 -20.74
N VAL H 58 -13.65 18.42 -20.06
CA VAL H 58 -12.40 17.95 -20.70
C VAL H 58 -11.78 16.94 -19.73
N GLN H 59 -11.03 16.01 -20.28
CA GLN H 59 -10.01 15.27 -19.51
C GLN H 59 -8.86 16.21 -19.15
N LEU H 60 -8.41 16.18 -17.90
CA LEU H 60 -7.14 16.82 -17.48
C LEU H 60 -6.37 15.74 -16.75
N ASP H 61 -5.44 15.17 -17.50
CA ASP H 61 -4.72 13.94 -17.13
C ASP H 61 -3.58 14.29 -16.17
N LEU H 62 -3.73 13.92 -14.91
CA LEU H 62 -2.69 14.19 -13.88
C LEU H 62 -1.53 13.20 -14.02
N GLY H 63 -1.62 12.26 -14.95
CA GLY H 63 -0.53 11.36 -15.34
C GLY H 63 0.35 11.98 -16.41
N ASN H 64 0.00 13.17 -16.91
CA ASN H 64 0.71 13.82 -18.05
C ASN H 64 1.05 15.28 -17.71
N LEU H 65 1.46 15.57 -16.50
CA LEU H 65 1.83 16.95 -16.13
C LEU H 65 3.24 17.25 -16.61
N PRO H 66 3.55 18.51 -16.97
CA PRO H 66 2.58 19.62 -16.92
C PRO H 66 1.67 19.84 -18.14
N GLU H 67 2.03 19.26 -19.27
CA GLU H 67 1.32 19.50 -20.56
C GLU H 67 -0.18 19.16 -20.45
N GLY H 68 -0.53 18.12 -19.69
CA GLY H 68 -1.94 17.72 -19.51
C GLY H 68 -2.80 18.85 -18.98
N ALA H 69 -2.22 19.79 -18.24
CA ALA H 69 -3.01 20.88 -17.62
C ALA H 69 -3.48 21.89 -18.68
N LEU H 70 -2.92 21.87 -19.88
CA LEU H 70 -3.38 22.78 -20.95
C LEU H 70 -4.83 22.50 -21.33
N ALA H 71 -5.38 21.33 -20.98
CA ALA H 71 -6.83 21.05 -21.16
C ALA H 71 -7.66 22.15 -20.50
N LEU H 72 -7.19 22.70 -19.38
CA LEU H 72 -7.96 23.76 -18.69
C LEU H 72 -7.99 25.04 -19.54
N GLU H 73 -6.90 25.38 -20.23
CA GLU H 73 -6.91 26.54 -21.13
C GLU H 73 -7.97 26.30 -22.23
N LYS H 74 -8.07 25.08 -22.77
CA LYS H 74 -9.08 24.76 -23.81
C LYS H 74 -10.49 24.93 -23.23
N LEU H 75 -10.68 24.50 -21.98
CA LEU H 75 -12.03 24.56 -21.38
C LEU H 75 -12.42 26.02 -21.12
N ILE H 76 -11.47 26.84 -20.68
CA ILE H 76 -11.70 28.29 -20.47
C ILE H 76 -12.01 28.95 -21.82
N GLN H 77 -11.29 28.59 -22.89
CA GLN H 77 -11.55 29.13 -24.26
C GLN H 77 -13.01 28.87 -24.64
N ARG H 78 -13.49 27.65 -24.38
CA ARG H 78 -14.84 27.19 -24.77
C ARG H 78 -15.91 27.93 -23.96
N LEU H 79 -15.69 28.15 -22.66
CA LEU H 79 -16.70 28.79 -21.80
C LEU H 79 -16.60 30.31 -21.86
N GLY H 80 -15.47 30.85 -22.33
CA GLY H 80 -15.24 32.28 -22.57
C GLY H 80 -14.56 33.02 -21.46
N ARG H 81 -14.57 32.47 -20.26
CA ARG H 81 -14.02 33.14 -19.06
C ARG H 81 -13.97 32.15 -17.91
N ILE H 82 -13.37 32.57 -16.80
CA ILE H 82 -13.51 31.83 -15.53
C ILE H 82 -13.67 32.83 -14.40
N ASP H 83 -14.69 32.59 -13.56
CA ASP H 83 -14.95 33.41 -12.35
C ASP H 83 -14.60 32.64 -11.08
N VAL H 84 -14.75 31.32 -11.12
CA VAL H 84 -14.61 30.44 -9.95
C VAL H 84 -13.84 29.19 -10.40
N LEU H 85 -12.79 28.84 -9.67
CA LEU H 85 -12.10 27.54 -9.82
C LEU H 85 -12.28 26.77 -8.52
N VAL H 86 -12.84 25.57 -8.61
CA VAL H 86 -12.88 24.64 -7.46
C VAL H 86 -11.94 23.48 -7.77
N ASN H 87 -10.84 23.36 -7.03
CA ASN H 87 -9.91 22.22 -7.19
C ASN H 87 -10.36 21.10 -6.27
N ASN H 88 -11.10 20.16 -6.83
CA ASN H 88 -11.64 19.04 -6.04
C ASN H 88 -10.49 18.09 -5.67
N ALA H 89 -10.68 17.35 -4.60
CA ALA H 89 -9.72 16.33 -4.12
C ALA H 89 -10.06 14.94 -4.66
N GLY H 90 -9.04 14.24 -5.12
CA GLY H 90 -9.14 12.83 -5.50
C GLY H 90 -9.17 11.95 -4.26
N ALA H 91 -9.25 10.66 -4.51
CA ALA H 91 -9.30 9.64 -3.45
C ALA H 91 -8.03 9.70 -2.60
N MET H 92 -8.17 9.41 -1.33
CA MET H 92 -7.04 9.22 -0.38
CA MET H 92 -7.02 9.23 -0.40
C MET H 92 -6.32 7.93 -0.76
N THR H 93 -4.99 7.99 -0.82
CA THR H 93 -4.13 6.79 -0.99
C THR H 93 -3.33 6.63 0.31
N LYS H 94 -3.43 5.45 0.92
CA LYS H 94 -2.61 5.06 2.10
C LYS H 94 -1.44 4.17 1.69
N ALA H 95 -0.34 4.34 2.41
CA ALA H 95 0.88 3.52 2.31
C ALA H 95 1.70 3.74 3.55
N PRO H 96 2.13 2.64 4.21
CA PRO H 96 2.99 2.73 5.37
C PRO H 96 4.27 3.51 5.03
N PHE H 97 4.67 4.33 5.99
CA PHE H 97 5.81 5.25 5.85
C PHE H 97 7.12 4.50 5.60
N LEU H 98 7.44 3.51 6.43
CA LEU H 98 8.79 2.92 6.42
C LEU H 98 9.08 2.28 5.06
N ASP H 99 8.08 1.72 4.39
CA ASP H 99 8.27 0.89 3.18
C ASP H 99 7.90 1.65 1.90
N MET H 100 7.37 2.86 2.00
CA MET H 100 6.79 3.54 0.83
CA MET H 100 6.79 3.56 0.83
C MET H 100 7.85 3.78 -0.25
N ALA H 101 7.55 3.39 -1.47
CA ALA H 101 8.43 3.61 -2.63
C ALA H 101 8.45 5.10 -2.98
N PHE H 102 9.58 5.58 -3.47
CA PHE H 102 9.73 7.02 -3.72
C PHE H 102 8.78 7.45 -4.85
N ASP H 103 8.59 6.59 -5.85
CA ASP H 103 7.70 6.94 -6.97
CA ASP H 103 7.69 6.88 -6.98
C ASP H 103 6.26 7.10 -6.46
N GLU H 104 5.87 6.33 -5.43
CA GLU H 104 4.50 6.41 -4.85
CA GLU H 104 4.51 6.36 -4.79
C GLU H 104 4.36 7.72 -4.08
N TRP H 105 5.38 8.08 -3.32
CA TRP H 105 5.40 9.38 -2.63
C TRP H 105 5.23 10.50 -3.65
N ARG H 106 6.04 10.48 -4.72
CA ARG H 106 5.95 11.53 -5.76
C ARG H 106 4.59 11.50 -6.44
N LYS H 107 4.00 10.34 -6.69
CA LYS H 107 2.70 10.26 -7.40
C LYS H 107 1.61 10.94 -6.56
N ILE H 108 1.64 10.77 -5.25
CA ILE H 108 0.65 11.44 -4.34
CA ILE H 108 0.61 11.42 -4.40
C ILE H 108 0.78 12.95 -4.49
N PHE H 109 1.99 13.47 -4.52
CA PHE H 109 2.19 14.92 -4.68
C PHE H 109 1.71 15.36 -6.07
N THR H 110 1.99 14.56 -7.09
CA THR H 110 1.57 14.87 -8.47
C THR H 110 0.05 15.07 -8.51
N VAL H 111 -0.66 14.07 -8.01
CA VAL H 111 -2.14 14.07 -8.12
C VAL H 111 -2.75 15.05 -7.13
N ASP H 112 -2.22 15.17 -5.91
CA ASP H 112 -2.92 15.88 -4.82
C ASP H 112 -2.42 17.32 -4.68
N VAL H 113 -1.31 17.73 -5.27
CA VAL H 113 -0.96 19.18 -5.20
CA VAL H 113 -0.82 19.14 -5.17
C VAL H 113 -0.48 19.70 -6.55
N ASP H 114 0.25 18.93 -7.37
CA ASP H 114 0.81 19.53 -8.60
C ASP H 114 -0.35 19.92 -9.53
N GLY H 115 -1.37 19.08 -9.61
CA GLY H 115 -2.53 19.39 -10.47
C GLY H 115 -3.17 20.69 -10.03
N ALA H 116 -3.44 20.84 -8.74
CA ALA H 116 -4.07 22.07 -8.20
C ALA H 116 -3.18 23.29 -8.46
N PHE H 117 -1.88 23.13 -8.30
CA PHE H 117 -0.95 24.23 -8.64
C PHE H 117 -1.12 24.67 -10.09
N LEU H 118 -1.03 23.73 -11.02
CA LEU H 118 -1.05 24.13 -12.46
C LEU H 118 -2.43 24.69 -12.83
N CYS H 119 -3.50 24.12 -12.30
CA CYS H 119 -4.87 24.58 -12.60
C CYS H 119 -5.05 25.99 -12.01
N SER H 120 -4.57 26.19 -10.79
CA SER H 120 -4.67 27.50 -10.14
C SER H 120 -3.90 28.57 -10.95
N GLN H 121 -2.69 28.28 -11.44
CA GLN H 121 -1.91 29.26 -12.24
C GLN H 121 -2.71 29.65 -13.47
N ILE H 122 -3.25 28.68 -14.20
CA ILE H 122 -3.99 28.94 -15.47
C ILE H 122 -5.20 29.81 -15.11
N ALA H 123 -5.96 29.40 -14.10
CA ALA H 123 -7.19 30.14 -13.75
C ALA H 123 -6.81 31.56 -13.32
N ALA H 124 -5.80 31.72 -12.48
CA ALA H 124 -5.46 33.05 -11.95
C ALA H 124 -5.00 33.98 -13.10
N ARG H 125 -4.21 33.46 -14.03
CA ARG H 125 -3.78 34.27 -15.19
C ARG H 125 -5.02 34.79 -15.91
N GLN H 126 -6.02 33.93 -16.12
CA GLN H 126 -7.24 34.32 -16.86
C GLN H 126 -8.00 35.34 -16.02
N MET H 127 -8.09 35.14 -14.71
CA MET H 127 -8.81 36.11 -13.84
C MET H 127 -8.10 37.47 -13.86
N VAL H 128 -6.78 37.49 -13.88
CA VAL H 128 -6.01 38.78 -13.97
C VAL H 128 -6.33 39.46 -15.32
N LYS H 129 -6.39 38.70 -16.40
CA LYS H 129 -6.67 39.21 -17.76
C LYS H 129 -8.06 39.83 -17.79
N GLN H 130 -9.04 39.17 -17.18
CA GLN H 130 -10.44 39.66 -17.16
C GLN H 130 -10.54 40.95 -16.34
N GLY H 131 -9.86 41.02 -15.20
CA GLY H 131 -9.79 42.27 -14.43
C GLY H 131 -10.96 42.42 -13.49
N GLN H 132 -11.73 41.36 -13.24
CA GLN H 132 -13.00 41.38 -12.44
C GLN H 132 -12.86 40.49 -11.21
N GLY H 133 -11.63 40.22 -10.77
CA GLY H 133 -11.37 39.33 -9.64
C GLY H 133 -11.80 37.90 -9.91
N GLY H 134 -11.87 37.13 -8.85
CA GLY H 134 -12.13 35.71 -9.00
C GLY H 134 -12.08 35.00 -7.66
N ARG H 135 -12.37 33.72 -7.71
CA ARG H 135 -12.36 32.85 -6.52
CA ARG H 135 -12.37 32.84 -6.53
C ARG H 135 -11.66 31.54 -6.88
N ILE H 136 -10.74 31.13 -6.04
CA ILE H 136 -10.11 29.78 -6.10
C ILE H 136 -10.38 29.10 -4.77
N ILE H 137 -11.03 27.95 -4.87
CA ILE H 137 -11.41 27.17 -3.66
C ILE H 137 -10.74 25.81 -3.77
N ASN H 138 -9.84 25.51 -2.86
CA ASN H 138 -9.15 24.20 -2.87
C ASN H 138 -9.85 23.26 -1.89
N ILE H 139 -10.28 22.09 -2.35
CA ILE H 139 -10.82 21.06 -1.44
C ILE H 139 -9.63 20.33 -0.83
N THR H 140 -9.43 20.47 0.46
CA THR H 140 -8.30 19.79 1.13
C THR H 140 -8.91 18.65 1.95
N SER H 141 -8.78 18.71 3.26
CA SER H 141 -9.08 17.62 4.21
C SER H 141 -8.79 18.15 5.60
N VAL H 142 -9.39 17.54 6.60
CA VAL H 142 -8.89 17.73 7.99
C VAL H 142 -7.39 17.42 8.02
N HIS H 143 -6.88 16.58 7.11
CA HIS H 143 -5.47 16.15 7.13
C HIS H 143 -4.56 17.21 6.49
N GLU H 144 -5.11 18.38 6.15
CA GLU H 144 -4.32 19.61 5.96
C GLU H 144 -3.76 20.05 7.32
N HIS H 145 -4.36 19.59 8.43
CA HIS H 145 -4.15 20.13 9.80
C HIS H 145 -3.66 19.07 10.79
N THR H 146 -4.04 17.83 10.61
CA THR H 146 -3.79 16.76 11.62
C THR H 146 -3.49 15.49 10.84
N PRO H 147 -2.60 14.62 11.34
CA PRO H 147 -2.18 13.50 10.53
C PRO H 147 -3.13 12.32 10.52
N LEU H 148 -2.98 11.53 9.45
CA LEU H 148 -3.36 10.11 9.46
C LEU H 148 -2.19 9.30 10.01
N PRO H 149 -2.47 8.17 10.68
CA PRO H 149 -1.37 7.32 11.17
C PRO H 149 -0.70 6.36 10.15
N ASP H 150 -1.21 6.31 8.89
CA ASP H 150 -0.83 5.33 7.84
C ASP H 150 -0.90 5.99 6.45
N ALA H 151 -0.83 7.31 6.38
CA ALA H 151 -0.97 8.02 5.08
C ALA H 151 -0.14 9.31 5.13
N SER H 152 1.16 9.14 5.28
CA SER H 152 2.11 10.26 5.46
C SER H 152 2.20 11.09 4.18
N ALA H 153 2.24 10.50 3.01
CA ALA H 153 2.30 11.25 1.74
C ALA H 153 1.02 12.08 1.57
N TYR H 154 -0.14 11.46 1.82
CA TYR H 154 -1.45 12.15 1.67
C TYR H 154 -1.45 13.35 2.60
N THR H 155 -1.04 13.12 3.84
CA THR H 155 -1.04 14.15 4.89
C THR H 155 -0.13 15.31 4.46
N ALA H 156 1.08 14.96 4.04
CA ALA H 156 2.07 15.99 3.64
C ALA H 156 1.53 16.78 2.44
N ALA H 157 0.89 16.11 1.49
CA ALA H 157 0.37 16.76 0.27
C ALA H 157 -0.80 17.69 0.62
N LYS H 158 -1.66 17.28 1.54
CA LYS H 158 -2.78 18.15 1.96
C LYS H 158 -2.22 19.38 2.68
N HIS H 159 -1.20 19.20 3.51
CA HIS H 159 -0.51 20.35 4.14
C HIS H 159 0.04 21.27 3.05
N ALA H 160 0.70 20.69 2.06
CA ALA H 160 1.26 21.47 0.93
C ALA H 160 0.17 22.32 0.30
N LEU H 161 -0.98 21.70 -0.02
CA LEU H 161 -2.07 22.46 -0.67
C LEU H 161 -2.60 23.55 0.27
N GLY H 162 -2.65 23.26 1.57
CA GLY H 162 -2.97 24.33 2.53
C GLY H 162 -2.00 25.51 2.44
N GLY H 163 -0.70 25.21 2.39
CA GLY H 163 0.29 26.30 2.30
C GLY H 163 0.19 27.04 0.97
N LEU H 164 -0.08 26.34 -0.11
CA LEU H 164 -0.24 26.99 -1.43
C LEU H 164 -1.47 27.91 -1.35
N THR H 165 -2.55 27.44 -0.70
CA THR H 165 -3.75 28.28 -0.51
C THR H 165 -3.39 29.63 0.11
N LYS H 166 -2.65 29.60 1.21
CA LYS H 166 -2.29 30.86 1.92
C LYS H 166 -1.42 31.72 1.00
N ALA H 167 -0.45 31.10 0.34
CA ALA H 167 0.51 31.84 -0.52
C ALA H 167 -0.23 32.48 -1.69
N MET H 168 -1.11 31.74 -2.34
CA MET H 168 -1.88 32.30 -3.47
CA MET H 168 -1.90 32.29 -3.46
C MET H 168 -2.79 33.42 -2.94
N ALA H 169 -3.40 33.23 -1.77
CA ALA H 169 -4.30 34.26 -1.24
C ALA H 169 -3.51 35.56 -1.09
N LEU H 170 -2.33 35.48 -0.53
CA LEU H 170 -1.58 36.72 -0.27
C LEU H 170 -1.04 37.31 -1.58
N GLU H 171 -0.57 36.48 -2.50
CA GLU H 171 0.11 36.95 -3.72
C GLU H 171 -0.89 37.49 -4.75
N LEU H 172 -2.12 37.00 -4.76
CA LEU H 172 -3.13 37.37 -5.77
C LEU H 172 -4.10 38.42 -5.21
N VAL H 173 -3.92 38.84 -3.97
CA VAL H 173 -4.93 39.68 -3.27
C VAL H 173 -5.17 41.01 -3.99
N ARG H 174 -4.17 41.64 -4.61
CA ARG H 174 -4.41 42.95 -5.27
C ARG H 174 -5.02 42.79 -6.67
N HIS H 175 -5.25 41.55 -7.13
CA HIS H 175 -6.08 41.24 -8.32
C HIS H 175 -7.49 40.88 -7.86
N LYS H 176 -7.80 41.01 -6.55
CA LYS H 176 -9.11 40.67 -5.93
C LYS H 176 -9.48 39.23 -6.29
N ILE H 177 -8.48 38.35 -6.29
CA ILE H 177 -8.72 36.89 -6.41
C ILE H 177 -8.68 36.33 -4.99
N LEU H 178 -9.80 35.84 -4.49
CA LEU H 178 -9.95 35.31 -3.12
C LEU H 178 -9.65 33.82 -3.14
N VAL H 179 -8.83 33.35 -2.22
CA VAL H 179 -8.33 31.97 -2.27
C VAL H 179 -8.51 31.37 -0.89
N ASN H 180 -9.25 30.28 -0.83
CA ASN H 180 -9.51 29.59 0.45
C ASN H 180 -9.50 28.08 0.22
N ALA H 181 -9.40 27.34 1.31
CA ALA H 181 -9.61 25.88 1.30
C ALA H 181 -10.88 25.57 2.07
N VAL H 182 -11.59 24.55 1.60
CA VAL H 182 -12.63 23.86 2.38
C VAL H 182 -12.04 22.50 2.72
N ALA H 183 -12.01 22.18 4.01
CA ALA H 183 -11.29 21.02 4.56
C ALA H 183 -12.31 20.04 5.10
N PRO H 184 -12.72 19.03 4.30
CA PRO H 184 -13.71 18.08 4.77
C PRO H 184 -13.12 17.08 5.77
N GLY H 185 -13.97 16.66 6.69
CA GLY H 185 -13.70 15.44 7.46
C GLY H 185 -14.10 14.23 6.62
N ALA H 186 -14.68 13.24 7.27
CA ALA H 186 -15.09 12.00 6.62
C ALA H 186 -16.44 12.23 5.94
N ILE H 187 -16.49 12.10 4.63
CA ILE H 187 -17.69 12.41 3.81
C ILE H 187 -18.14 11.12 3.15
N ALA H 188 -19.44 10.86 3.19
CA ALA H 188 -20.06 9.72 2.51
C ALA H 188 -20.18 10.04 1.03
N THR H 189 -19.69 9.16 0.16
CA THR H 189 -19.74 9.41 -1.30
C THR H 189 -20.29 8.17 -2.02
N PRO H 190 -20.75 8.33 -3.27
CA PRO H 190 -21.04 7.17 -4.11
C PRO H 190 -19.79 6.31 -4.33
N MET H 191 -18.59 6.92 -4.29
CA MET H 191 -17.29 6.21 -4.39
C MET H 191 -17.00 5.53 -3.05
N GLU H 204 -20.95 5.93 13.41
CA GLU H 204 -19.52 6.34 13.44
C GLU H 204 -19.24 7.09 14.73
N PRO H 205 -19.27 6.41 15.90
CA PRO H 205 -19.13 7.09 17.20
C PRO H 205 -17.77 7.81 17.33
N SER H 206 -16.80 7.45 16.49
CA SER H 206 -15.43 8.02 16.51
C SER H 206 -15.52 9.52 16.18
N ILE H 207 -16.58 9.97 15.49
CA ILE H 207 -16.77 11.40 15.06
C ILE H 207 -17.81 12.01 16.00
N PRO H 208 -17.58 13.21 16.57
CA PRO H 208 -18.55 13.76 17.52
C PRO H 208 -20.01 13.81 17.04
N LEU H 209 -20.29 14.18 15.81
CA LEU H 209 -21.69 14.22 15.28
CA LEU H 209 -21.68 14.21 15.28
C LEU H 209 -22.15 12.80 14.92
N ARG H 210 -21.28 11.78 15.01
CA ARG H 210 -21.67 10.33 14.96
C ARG H 210 -22.21 9.93 13.57
N ARG H 211 -21.74 10.60 12.54
CA ARG H 211 -22.08 10.26 11.14
C ARG H 211 -21.00 10.86 10.24
N PHE H 212 -20.94 10.33 9.04
CA PHE H 212 -20.18 10.94 7.93
C PHE H 212 -20.96 12.18 7.43
N GLY H 213 -20.20 13.11 6.87
CA GLY H 213 -20.76 14.32 6.23
C GLY H 213 -21.40 13.95 4.91
N ALA H 214 -22.34 14.77 4.46
CA ALA H 214 -22.95 14.68 3.12
C ALA H 214 -22.16 15.55 2.14
N THR H 215 -22.08 15.13 0.89
CA THR H 215 -21.42 15.93 -0.16
C THR H 215 -22.03 17.33 -0.19
N HIS H 216 -23.34 17.46 0.01
CA HIS H 216 -24.00 18.79 -0.06
C HIS H 216 -23.51 19.70 1.07
N GLU H 217 -23.06 19.13 2.18
CA GLU H 217 -22.59 19.94 3.33
C GLU H 217 -21.18 20.49 3.10
N ILE H 218 -20.47 19.97 2.11
CA ILE H 218 -19.23 20.60 1.61
C ILE H 218 -19.58 21.57 0.49
N ALA H 219 -20.37 21.14 -0.48
CA ALA H 219 -20.72 21.99 -1.63
C ALA H 219 -21.42 23.27 -1.14
N SER H 220 -22.26 23.18 -0.11
CA SER H 220 -22.95 24.38 0.41
C SER H 220 -21.96 25.50 0.74
N LEU H 221 -20.89 25.13 1.41
CA LEU H 221 -19.90 26.13 1.85
C LEU H 221 -19.12 26.65 0.63
N VAL H 222 -18.83 25.78 -0.34
CA VAL H 222 -18.21 26.25 -1.59
C VAL H 222 -19.13 27.33 -2.21
N VAL H 223 -20.42 27.07 -2.30
CA VAL H 223 -21.38 28.05 -2.85
C VAL H 223 -21.27 29.35 -2.06
N TRP H 224 -21.26 29.29 -0.73
CA TRP H 224 -21.17 30.53 0.07
C TRP H 224 -19.89 31.29 -0.30
N LEU H 225 -18.79 30.59 -0.46
CA LEU H 225 -17.50 31.25 -0.79
C LEU H 225 -17.59 31.92 -2.16
N CYS H 226 -18.53 31.52 -3.01
CA CYS H 226 -18.70 32.11 -4.36
C CYS H 226 -19.61 33.34 -4.31
N SER H 227 -20.22 33.60 -3.15
CA SER H 227 -21.23 34.67 -2.98
C SER H 227 -20.54 36.00 -2.67
N GLU H 228 -21.23 37.10 -2.92
CA GLU H 228 -20.74 38.44 -2.60
C GLU H 228 -20.55 38.57 -1.09
N GLY H 229 -21.33 37.83 -0.30
CA GLY H 229 -21.18 37.88 1.16
C GLY H 229 -19.79 37.43 1.59
N ALA H 230 -19.14 36.62 0.78
CA ALA H 230 -17.82 36.05 1.12
C ALA H 230 -16.69 36.99 0.62
N ASN H 231 -16.97 38.20 0.19
CA ASN H 231 -15.92 39.03 -0.45
C ASN H 231 -14.79 39.44 0.51
N TYR H 232 -14.91 39.26 1.82
CA TYR H 232 -13.84 39.62 2.77
C TYR H 232 -13.10 38.39 3.27
N THR H 233 -13.39 37.22 2.69
CA THR H 233 -12.81 35.96 3.20
C THR H 233 -11.71 35.51 2.25
N THR H 234 -10.49 35.46 2.76
CA THR H 234 -9.37 34.95 1.93
C THR H 234 -8.27 34.44 2.86
N GLY H 235 -7.56 33.42 2.38
CA GLY H 235 -6.40 32.86 3.08
C GLY H 235 -6.77 31.83 4.13
N GLN H 236 -8.01 31.35 4.17
CA GLN H 236 -8.49 30.50 5.27
C GLN H 236 -8.73 29.07 4.83
N SER H 237 -8.71 28.18 5.81
CA SER H 237 -9.07 26.76 5.63
C SER H 237 -10.29 26.50 6.52
N LEU H 238 -11.44 26.37 5.90
CA LEU H 238 -12.75 26.24 6.59
CA LEU H 238 -12.74 26.25 6.60
C LEU H 238 -13.06 24.76 6.74
N ILE H 239 -13.08 24.30 7.98
CA ILE H 239 -13.14 22.85 8.31
C ILE H 239 -14.58 22.42 8.56
N VAL H 240 -15.00 21.46 7.77
CA VAL H 240 -16.39 20.90 7.78
C VAL H 240 -16.26 19.41 8.11
N ASP H 241 -16.39 19.06 9.39
CA ASP H 241 -15.85 17.77 9.85
C ASP H 241 -16.68 17.11 10.95
N GLY H 242 -17.83 17.64 11.31
CA GLY H 242 -18.67 16.98 12.34
C GLY H 242 -17.97 16.94 13.69
N GLY H 243 -17.00 17.82 13.92
CA GLY H 243 -16.24 17.92 15.16
C GLY H 243 -15.00 17.04 15.23
N PHE H 244 -14.61 16.41 14.14
CA PHE H 244 -13.40 15.55 14.08
C PHE H 244 -12.22 16.23 14.79
N MET H 245 -11.95 17.49 14.47
CA MET H 245 -10.76 18.20 14.96
C MET H 245 -10.85 18.41 16.49
N LEU H 246 -12.04 18.31 17.10
CA LEU H 246 -12.23 18.54 18.56
C LEU H 246 -11.84 17.28 19.35
N ALA H 247 -11.78 16.12 18.69
CA ALA H 247 -11.67 14.82 19.37
C ALA H 247 -10.21 14.60 19.75
N ASN H 248 -9.98 14.07 20.93
CA ASN H 248 -8.63 13.77 21.47
C ASN H 248 -8.82 12.53 22.35
N PRO H 249 -7.72 11.97 22.88
CA PRO H 249 -7.79 10.83 23.79
C PRO H 249 -8.72 11.05 25.00
N GLN H 250 -9.03 12.30 25.35
CA GLN H 250 -10.04 12.59 26.44
C GLN H 250 -11.51 12.46 25.98
N PHE H 251 -11.73 12.43 24.66
CA PHE H 251 -12.99 12.02 24.00
C PHE H 251 -12.76 10.60 23.44
#